data_8P4T
#
_entry.id   8P4T
#
_cell.length_a   1.00
_cell.length_b   1.00
_cell.length_c   1.00
_cell.angle_alpha   90.00
_cell.angle_beta   90.00
_cell.angle_gamma   90.00
#
_symmetry.space_group_name_H-M   'P 1'
#
loop_
_entity.id
_entity.type
_entity.pdbx_description
1 polymer Glycoprotein
2 polymer Glycoprotein
3 polymer Glycoprotein
4 branched alpha-D-mannopyranose-(1-3)-beta-D-mannopyranose-(1-4)-2-acetamido-2-deoxy-beta-D-glucopyranose-(1-4)-[alpha-L-fucopyranose-(1-6)]2-acetamido-2-deoxy-beta-D-glucopyranose
5 branched alpha-D-mannopyranose-(1-2)-alpha-D-mannopyranose-(1-3)-[alpha-D-mannopyranose-(1-6)-alpha-D-mannopyranose-(1-6)]beta-D-mannopyranose-(1-4)-2-acetamido-2-deoxy-beta-D-glucopyranose-(1-4)-2-acetamido-2-deoxy-beta-D-glucopyranose
6 branched 2-acetamido-2-deoxy-beta-D-glucopyranose-(1-4)-2-acetamido-2-deoxy-beta-D-glucopyranose
7 non-polymer 2-acetamido-2-deoxy-beta-D-glucopyranose
8 non-polymer 'SODIUM ION'
#
loop_
_entity_poly.entity_id
_entity_poly.type
_entity_poly.pdbx_seq_one_letter_code
_entity_poly.pdbx_strand_id
1 'polypeptide(L)'
;SSLLSGFNLETVHFNMSLLSSIPMVSEQQHCIQHNHSSITFSLLTNKSDLEKCNFTRLQAVDRVIFDLFREFHHRVGDFP
VTSDLKCSHNTSYRVIEYEVTKESLPRLQEAVSTLFPDLHLSEDRFLQIQAHDDKNCTGLHPLNYLRLLKENSETHYKVR
KLM
;
A,B,C
2 'polypeptide(L)'
;KLFQWSLSDETGSPLPGGHCLERWLIFASDIKCFDNAAIAKCNKEHDEEFCDMLRLFDYNKASIAKLRGEASSSINLLSG
RINAIISDTLLMRSSLKRLMGIPYCNYTKFWYLNHTKLGIHSLPRCWLVSNGSYLNETKFTHDMEDEADKLLTEMLKKEY
VRRQEKTPITLMDILMFSVSFYMFSVTLCICNIPTHRHITGLPCPKPHRLRKNGTCACGFFKSINRSTGWAKHGGDYKDD
DDKGSGT
;
a,b,c
3 'polypeptide(L)' MGQIVAVFQAIPEILNEAINIVIIVIIMFTLIKGVFNLYKSGLFQLVIFLLLCGKRCD SA,SB,SC
#
loop_
_chem_comp.id
_chem_comp.type
_chem_comp.name
_chem_comp.formula
BMA D-saccharide, beta linking beta-D-mannopyranose 'C6 H12 O6'
FUC L-saccharide, alpha linking alpha-L-fucopyranose 'C6 H12 O5'
MAN D-saccharide, alpha linking alpha-D-mannopyranose 'C6 H12 O6'
NA non-polymer 'SODIUM ION' 'Na 1'
NAG D-saccharide, beta linking 2-acetamido-2-deoxy-beta-D-glucopyranose 'C8 H15 N O6'
#
# COMPACT_ATOMS: atom_id res chain seq x y z
N SER A 2 2.57 37.39 -4.30
CA SER A 2 1.79 36.18 -4.44
C SER A 2 1.37 35.61 -3.08
N LEU A 3 0.82 34.40 -3.10
CA LEU A 3 0.46 33.74 -1.85
C LEU A 3 1.69 33.45 -1.00
N LEU A 4 2.79 33.06 -1.63
CA LEU A 4 4.00 32.66 -0.92
C LEU A 4 4.72 33.84 -0.26
N SER A 5 4.33 35.08 -0.57
CA SER A 5 4.97 36.23 0.03
C SER A 5 4.74 36.27 1.54
N GLY A 6 3.50 36.05 1.98
CA GLY A 6 3.22 36.01 3.40
C GLY A 6 3.86 34.83 4.12
N PHE A 7 3.87 33.66 3.48
CA PHE A 7 4.44 32.47 4.10
C PHE A 7 5.97 32.52 4.11
N ASN A 8 6.54 31.85 5.10
CA ASN A 8 7.99 31.76 5.27
C ASN A 8 8.43 30.31 5.11
N LEU A 9 9.61 30.12 4.50
CA LEU A 9 10.18 28.79 4.31
C LEU A 9 11.06 28.43 5.51
N GLU A 10 10.72 27.33 6.19
CA GLU A 10 11.49 26.84 7.31
C GLU A 10 11.96 25.42 7.04
N THR A 11 13.18 25.12 7.50
CA THR A 11 13.83 23.83 7.27
C THR A 11 13.77 22.94 8.52
N VAL A 12 13.34 21.70 8.34
CA VAL A 12 13.29 20.70 9.41
C VAL A 12 14.31 19.61 9.11
N HIS A 13 15.18 19.34 10.08
CA HIS A 13 16.20 18.29 9.99
C HIS A 13 16.00 17.32 11.14
N PHE A 14 16.02 16.02 10.82
CA PHE A 14 15.87 14.99 11.84
C PHE A 14 17.18 14.76 12.59
N ASN A 15 17.06 14.28 13.83
CA ASN A 15 18.19 14.07 14.73
C ASN A 15 18.64 12.62 14.60
N MET A 16 19.51 12.35 13.62
CA MET A 16 19.94 10.99 13.32
C MET A 16 20.87 10.42 14.39
N SER A 17 21.41 11.25 15.29
CA SER A 17 22.34 10.75 16.29
C SER A 17 21.70 9.72 17.22
N LEU A 18 20.39 9.80 17.44
CA LEU A 18 19.70 8.90 18.35
C LEU A 18 19.13 7.66 17.67
N LEU A 19 19.37 7.48 16.37
CA LEU A 19 18.91 6.29 15.65
C LEU A 19 19.88 5.13 15.85
N SER A 20 19.98 4.69 17.11
CA SER A 20 20.97 3.68 17.46
C SER A 20 20.60 2.31 16.91
N SER A 21 19.31 1.93 16.99
CA SER A 21 18.89 0.61 16.52
C SER A 21 19.08 0.45 15.02
N ILE A 22 18.57 1.39 14.24
CA ILE A 22 18.62 1.25 12.77
C ILE A 22 20.04 1.51 12.29
N PRO A 23 20.64 0.60 11.51
CA PRO A 23 21.95 0.89 10.92
C PRO A 23 21.85 2.07 9.96
N MET A 24 22.88 2.91 10.00
CA MET A 24 22.93 4.10 9.15
C MET A 24 24.19 4.06 8.29
N VAL A 25 24.10 4.68 7.11
CA VAL A 25 25.15 4.62 6.11
C VAL A 25 25.70 6.03 5.89
N SER A 26 26.94 6.25 6.33
CA SER A 26 27.66 7.49 6.03
C SER A 26 28.45 7.28 4.75
N GLU A 27 27.98 7.91 3.67
CA GLU A 27 28.68 7.87 2.39
C GLU A 27 29.95 8.72 2.39
N GLN A 28 30.07 9.68 3.30
CA GLN A 28 31.27 10.51 3.34
C GLN A 28 32.48 9.75 3.86
N GLN A 29 32.26 8.76 4.72
CA GLN A 29 33.33 7.95 5.27
C GLN A 29 33.26 6.50 4.83
N HIS A 30 32.38 6.18 3.87
CA HIS A 30 32.14 4.81 3.41
C HIS A 30 32.00 3.86 4.60
N CYS A 31 30.95 4.10 5.40
CA CYS A 31 30.81 3.45 6.69
C CYS A 31 29.37 3.05 6.94
N ILE A 32 29.16 1.82 7.40
CA ILE A 32 27.86 1.36 7.87
C ILE A 32 27.97 1.19 9.38
N GLN A 33 27.21 2.00 10.14
CA GLN A 33 27.29 2.00 11.59
C GLN A 33 25.96 1.60 12.20
N HIS A 34 25.98 0.56 13.04
CA HIS A 34 24.87 0.18 13.89
C HIS A 34 25.32 0.34 15.34
N ASN A 35 24.62 1.19 16.09
CA ASN A 35 24.99 1.54 17.46
C ASN A 35 26.42 2.05 17.40
N HIS A 36 27.34 1.57 18.23
CA HIS A 36 28.72 2.03 18.21
C HIS A 36 29.58 1.23 17.25
N SER A 37 29.06 0.14 16.68
CA SER A 37 29.82 -0.71 15.77
C SER A 37 29.75 -0.17 14.36
N SER A 38 30.87 -0.23 13.64
CA SER A 38 30.95 0.32 12.30
C SER A 38 31.75 -0.62 11.40
N ILE A 39 31.44 -0.59 10.11
CA ILE A 39 32.22 -1.29 9.09
C ILE A 39 32.60 -0.30 8.01
N THR A 40 33.91 -0.21 7.73
CA THR A 40 34.48 0.72 6.77
C THR A 40 34.90 -0.02 5.50
N PHE A 41 34.42 0.47 4.35
CA PHE A 41 34.70 -0.11 3.04
C PHE A 41 35.87 0.63 2.38
N SER A 42 37.03 -0.02 2.32
CA SER A 42 38.24 0.58 1.77
C SER A 42 38.68 -0.19 0.53
N LEU A 43 39.02 0.55 -0.53
CA LEU A 43 39.54 -0.04 -1.77
C LEU A 43 41.05 -0.20 -1.66
N LEU A 44 41.46 -1.27 -0.98
CA LEU A 44 42.88 -1.57 -0.82
C LEU A 44 43.49 -2.04 -2.14
N THR A 45 44.76 -1.67 -2.35
CA THR A 45 45.49 -2.05 -3.55
C THR A 45 46.42 -3.24 -3.31
N ASN A 46 46.51 -3.76 -2.09
CA ASN A 46 47.43 -4.82 -1.74
C ASN A 46 46.68 -6.03 -1.21
N LYS A 47 47.24 -7.22 -1.45
CA LYS A 47 46.60 -8.47 -1.09
C LYS A 47 46.95 -8.85 0.34
N SER A 48 45.92 -9.06 1.17
CA SER A 48 46.11 -9.51 2.53
C SER A 48 46.36 -11.02 2.58
N ASP A 49 46.92 -11.47 3.70
CA ASP A 49 47.26 -12.87 3.91
C ASP A 49 46.16 -13.64 4.64
N LEU A 50 44.93 -13.13 4.63
CA LEU A 50 43.84 -13.76 5.36
C LEU A 50 43.37 -15.04 4.67
N GLU A 51 42.86 -15.97 5.48
CA GLU A 51 42.39 -17.25 4.98
C GLU A 51 40.98 -17.11 4.40
N LYS A 52 40.49 -18.20 3.81
CA LYS A 52 39.18 -18.22 3.21
C LYS A 52 38.09 -17.99 4.26
N CYS A 53 36.94 -17.49 3.81
CA CYS A 53 35.86 -17.12 4.72
C CYS A 53 35.09 -18.36 5.18
N ASN A 54 35.16 -18.63 6.47
CA ASN A 54 34.37 -19.66 7.13
C ASN A 54 33.30 -18.92 7.93
N PHE A 55 32.08 -18.88 7.38
CA PHE A 55 31.07 -18.00 7.92
C PHE A 55 30.43 -18.53 9.20
N THR A 56 30.41 -19.86 9.39
CA THR A 56 30.02 -20.39 10.69
C THR A 56 31.00 -19.97 11.77
N ARG A 57 32.30 -19.99 11.47
CA ARG A 57 33.30 -19.57 12.44
C ARG A 57 33.23 -18.07 12.70
N LEU A 58 33.02 -17.28 11.64
CA LEU A 58 32.86 -15.84 11.82
C LEU A 58 31.63 -15.51 12.65
N GLN A 59 30.55 -16.26 12.45
CA GLN A 59 29.34 -16.04 13.25
C GLN A 59 29.57 -16.42 14.71
N ALA A 60 30.25 -17.54 14.94
CA ALA A 60 30.56 -17.96 16.31
C ALA A 60 31.45 -16.94 17.00
N VAL A 61 32.37 -16.32 16.25
CA VAL A 61 33.43 -15.51 16.85
C VAL A 61 32.99 -14.05 16.94
N ASP A 62 32.69 -13.43 15.80
CA ASP A 62 32.28 -12.02 15.77
C ASP A 62 30.91 -11.90 15.11
N ARG A 63 29.86 -11.90 15.94
CA ARG A 63 28.50 -11.73 15.44
C ARG A 63 28.26 -10.34 14.88
N VAL A 64 28.90 -9.32 15.47
CA VAL A 64 28.65 -7.93 15.09
C VAL A 64 29.01 -7.70 13.63
N ILE A 65 30.18 -8.18 13.22
CA ILE A 65 30.62 -7.94 11.85
C ILE A 65 29.78 -8.75 10.87
N PHE A 66 29.38 -9.96 11.26
CA PHE A 66 28.56 -10.79 10.39
C PHE A 66 27.22 -10.13 10.13
N ASP A 67 26.61 -9.59 11.19
CA ASP A 67 25.32 -8.95 11.04
C ASP A 67 25.47 -7.69 10.21
N LEU A 68 26.58 -6.96 10.40
CA LEU A 68 26.78 -5.74 9.65
C LEU A 68 26.96 -5.99 8.15
N PHE A 69 27.73 -7.01 7.76
CA PHE A 69 27.96 -7.13 6.31
C PHE A 69 26.98 -8.08 5.63
N ARG A 70 26.09 -8.75 6.37
CA ARG A 70 25.27 -9.80 5.75
C ARG A 70 24.39 -9.24 4.63
N GLU A 71 23.73 -8.10 4.85
CA GLU A 71 22.89 -7.54 3.80
C GLU A 71 23.71 -7.14 2.58
N PHE A 72 24.89 -6.56 2.79
CA PHE A 72 25.75 -6.20 1.66
C PHE A 72 26.18 -7.46 0.90
N HIS A 73 26.49 -8.54 1.63
CA HIS A 73 26.95 -9.77 0.99
C HIS A 73 25.83 -10.39 0.17
N HIS A 74 24.60 -10.35 0.68
CA HIS A 74 23.46 -10.86 -0.08
C HIS A 74 23.16 -9.96 -1.27
N ARG A 75 23.48 -8.67 -1.17
CA ARG A 75 23.35 -7.78 -2.32
C ARG A 75 24.42 -8.06 -3.37
N VAL A 76 25.58 -8.56 -2.95
CA VAL A 76 26.58 -8.99 -3.93
C VAL A 76 26.12 -10.23 -4.68
N GLY A 77 25.32 -11.08 -4.03
CA GLY A 77 24.77 -12.25 -4.69
C GLY A 77 25.75 -13.40 -4.81
N ASP A 78 25.74 -14.09 -5.94
CA ASP A 78 26.60 -15.24 -6.16
C ASP A 78 28.01 -14.75 -6.49
N PHE A 79 28.85 -14.68 -5.47
CA PHE A 79 30.25 -14.32 -5.67
C PHE A 79 30.96 -15.40 -6.48
N PRO A 80 31.78 -15.02 -7.47
CA PRO A 80 32.48 -16.02 -8.27
C PRO A 80 33.39 -16.89 -7.42
N VAL A 81 33.45 -18.19 -7.76
CA VAL A 81 34.33 -19.11 -7.05
C VAL A 81 35.79 -18.74 -7.28
N THR A 82 36.13 -18.32 -8.50
CA THR A 82 37.52 -17.93 -8.79
C THR A 82 37.96 -16.74 -7.93
N SER A 83 37.07 -15.77 -7.74
CA SER A 83 37.38 -14.66 -6.85
C SER A 83 37.52 -15.14 -5.41
N ASP A 84 38.37 -14.45 -4.65
CA ASP A 84 38.74 -14.86 -3.30
C ASP A 84 38.06 -13.95 -2.29
N LEU A 85 37.26 -14.55 -1.42
CA LEU A 85 36.65 -13.86 -0.27
C LEU A 85 37.39 -14.32 0.98
N LYS A 86 38.12 -13.41 1.62
CA LYS A 86 39.02 -13.75 2.72
C LYS A 86 38.57 -13.09 4.00
N CYS A 87 38.36 -13.88 5.04
CA CYS A 87 37.89 -13.39 6.33
C CYS A 87 38.98 -13.52 7.37
N SER A 88 39.10 -12.50 8.23
CA SER A 88 40.16 -12.51 9.24
C SER A 88 39.87 -13.51 10.36
N HIS A 89 38.60 -13.67 10.73
CA HIS A 89 38.21 -14.55 11.84
C HIS A 89 38.93 -14.17 13.13
N ASN A 90 39.09 -12.86 13.35
CA ASN A 90 39.94 -12.34 14.40
C ASN A 90 39.13 -11.32 15.21
N THR A 91 39.21 -11.44 16.54
CA THR A 91 38.42 -10.56 17.40
C THR A 91 38.89 -9.10 17.30
N SER A 92 40.19 -8.88 17.21
CA SER A 92 40.73 -7.51 17.20
C SER A 92 40.82 -6.93 15.79
N TYR A 93 41.58 -7.59 14.92
CA TYR A 93 41.77 -7.11 13.54
C TYR A 93 40.71 -7.77 12.67
N ARG A 94 39.58 -7.08 12.49
CA ARG A 94 38.41 -7.64 11.85
C ARG A 94 38.31 -7.07 10.43
N VAL A 95 38.55 -7.93 9.44
CA VAL A 95 38.69 -7.50 8.05
C VAL A 95 38.13 -8.61 7.16
N ILE A 96 37.25 -8.23 6.24
CA ILE A 96 36.77 -9.12 5.18
C ILE A 96 37.10 -8.52 3.83
N GLU A 97 37.92 -9.22 3.05
CA GLU A 97 38.48 -8.69 1.82
C GLU A 97 37.92 -9.45 0.63
N TYR A 98 37.31 -8.70 -0.29
CA TYR A 98 36.75 -9.23 -1.53
C TYR A 98 37.72 -8.92 -2.66
N GLU A 99 38.05 -9.93 -3.47
CA GLU A 99 38.93 -9.72 -4.61
C GLU A 99 38.11 -9.16 -5.77
N VAL A 100 38.46 -7.97 -6.25
CA VAL A 100 37.73 -7.34 -7.35
C VAL A 100 38.35 -7.87 -8.64
N THR A 101 37.97 -9.08 -9.00
CA THR A 101 38.33 -9.65 -10.28
C THR A 101 37.42 -9.11 -11.38
N LYS A 102 37.81 -9.36 -12.62
CA LYS A 102 37.00 -8.93 -13.76
C LYS A 102 35.60 -9.52 -13.70
N GLU A 103 35.50 -10.80 -13.33
CA GLU A 103 34.21 -11.45 -13.22
C GLU A 103 33.41 -10.92 -12.03
N SER A 104 34.09 -10.61 -10.93
CA SER A 104 33.41 -10.17 -9.71
C SER A 104 33.11 -8.69 -9.68
N LEU A 105 33.77 -7.89 -10.51
CA LEU A 105 33.60 -6.44 -10.46
C LEU A 105 32.16 -5.98 -10.70
N PRO A 106 31.38 -6.53 -11.65
CA PRO A 106 30.00 -6.06 -11.79
C PRO A 106 29.15 -6.18 -10.53
N ARG A 107 29.19 -7.33 -9.85
CA ARG A 107 28.36 -7.50 -8.65
C ARG A 107 28.81 -6.57 -7.53
N LEU A 108 30.12 -6.49 -7.30
CA LEU A 108 30.62 -5.65 -6.21
C LEU A 108 30.32 -4.19 -6.49
N GLN A 109 30.43 -3.76 -7.74
CA GLN A 109 30.09 -2.39 -8.09
C GLN A 109 28.60 -2.13 -7.94
N GLU A 110 27.76 -3.06 -8.38
CA GLU A 110 26.32 -2.91 -8.23
C GLU A 110 25.87 -2.97 -6.77
N ALA A 111 26.75 -3.43 -5.87
CA ALA A 111 26.41 -3.36 -4.45
C ALA A 111 26.92 -2.08 -3.80
N VAL A 112 28.18 -1.73 -4.05
CA VAL A 112 28.72 -0.50 -3.47
C VAL A 112 27.98 0.72 -4.01
N SER A 113 27.54 0.68 -5.27
CA SER A 113 26.76 1.81 -5.80
C SER A 113 25.37 1.84 -5.20
N THR A 114 24.92 0.75 -4.60
CA THR A 114 23.67 0.79 -3.83
C THR A 114 23.94 1.41 -2.47
N LEU A 115 25.09 1.11 -1.88
CA LEU A 115 25.40 1.67 -0.56
C LEU A 115 26.12 3.01 -0.67
N PHE A 116 27.21 3.06 -1.45
CA PHE A 116 28.06 4.25 -1.55
C PHE A 116 28.21 4.60 -3.02
N PRO A 117 27.33 5.45 -3.55
CA PRO A 117 27.33 5.70 -5.01
C PRO A 117 28.64 6.26 -5.54
N ASP A 118 29.44 6.94 -4.72
CA ASP A 118 30.67 7.56 -5.19
C ASP A 118 31.90 6.67 -5.03
N LEU A 119 31.73 5.44 -4.55
CA LEU A 119 32.83 4.48 -4.46
C LEU A 119 32.90 3.71 -5.77
N HIS A 120 33.92 3.99 -6.58
CA HIS A 120 34.10 3.36 -7.88
C HIS A 120 35.15 2.27 -7.77
N LEU A 121 34.69 1.02 -7.68
CA LEU A 121 35.60 -0.11 -7.57
C LEU A 121 36.34 -0.32 -8.89
N SER A 122 37.61 -0.73 -8.79
CA SER A 122 38.45 -0.93 -9.95
C SER A 122 39.06 -2.33 -9.90
N GLU A 123 39.35 -2.87 -11.08
CA GLU A 123 39.91 -4.21 -11.18
C GLU A 123 41.30 -4.27 -10.59
N ASP A 124 41.68 -5.47 -10.14
CA ASP A 124 43.01 -5.75 -9.59
C ASP A 124 43.20 -5.10 -8.22
N ARG A 125 42.12 -5.08 -7.43
CA ARG A 125 42.13 -4.46 -6.10
C ARG A 125 41.30 -5.33 -5.16
N PHE A 126 41.15 -4.85 -3.93
CA PHE A 126 40.39 -5.57 -2.92
C PHE A 126 39.49 -4.60 -2.18
N LEU A 127 38.30 -5.09 -1.82
CA LEU A 127 37.34 -4.33 -1.02
C LEU A 127 37.42 -4.88 0.39
N GLN A 128 38.06 -4.13 1.28
CA GLN A 128 38.22 -4.51 2.68
C GLN A 128 37.12 -3.86 3.50
N ILE A 129 36.30 -4.69 4.14
CA ILE A 129 35.32 -4.25 5.13
C ILE A 129 35.95 -4.47 6.51
N GLN A 130 36.32 -3.39 7.17
CA GLN A 130 37.02 -3.44 8.45
C GLN A 130 36.06 -3.00 9.56
N ALA A 131 35.88 -3.88 10.55
CA ALA A 131 35.01 -3.57 11.69
C ALA A 131 35.75 -2.78 12.76
N HIS A 132 35.07 -1.75 13.28
CA HIS A 132 35.58 -0.90 14.34
C HIS A 132 34.51 -0.73 15.41
N ASP A 133 34.86 -1.04 16.65
CA ASP A 133 33.93 -0.93 17.76
C ASP A 133 33.92 0.46 18.40
N ASP A 134 34.71 1.40 17.88
CA ASP A 134 34.77 2.74 18.48
C ASP A 134 34.72 3.88 17.47
N LYS A 135 34.74 3.62 16.16
CA LYS A 135 34.78 4.67 15.17
C LYS A 135 33.41 5.30 15.01
N ASN A 136 33.30 6.61 15.24
CA ASN A 136 32.05 7.33 15.05
C ASN A 136 32.06 7.94 13.66
N CYS A 137 31.37 7.29 12.73
CA CYS A 137 31.32 7.76 11.36
C CYS A 137 30.39 8.96 11.23
N THR A 138 30.70 9.84 10.29
CA THR A 138 30.04 11.12 10.14
C THR A 138 29.20 11.12 8.86
N GLY A 139 27.93 11.51 8.99
CA GLY A 139 27.00 11.50 7.88
C GLY A 139 26.02 10.36 7.88
N LEU A 140 25.72 9.79 9.04
CA LEU A 140 24.96 8.55 9.12
C LEU A 140 23.49 8.80 8.82
N HIS A 141 22.98 8.18 7.76
CA HIS A 141 21.56 8.20 7.45
C HIS A 141 21.05 6.79 7.17
N PRO A 142 19.87 6.44 7.67
CA PRO A 142 19.32 5.10 7.40
C PRO A 142 18.96 4.85 5.95
N LEU A 143 18.82 5.89 5.12
CA LEU A 143 18.23 5.74 3.79
C LEU A 143 18.89 4.65 2.97
N ASN A 144 20.23 4.68 2.88
CA ASN A 144 20.92 3.73 2.01
C ASN A 144 20.77 2.29 2.50
N TYR A 145 20.71 2.07 3.81
CA TYR A 145 20.55 0.71 4.31
C TYR A 145 19.14 0.20 4.03
N LEU A 146 18.14 1.08 4.12
CA LEU A 146 16.78 0.66 3.77
C LEU A 146 16.66 0.37 2.29
N ARG A 147 17.36 1.15 1.45
CA ARG A 147 17.43 0.84 0.03
C ARG A 147 18.08 -0.51 -0.21
N LEU A 148 19.14 -0.82 0.55
CA LEU A 148 19.79 -2.12 0.44
C LEU A 148 18.83 -3.23 0.80
N LEU A 149 18.07 -3.06 1.89
CA LEU A 149 17.13 -4.10 2.31
C LEU A 149 16.04 -4.30 1.28
N LYS A 150 15.52 -3.21 0.71
CA LYS A 150 14.45 -3.34 -0.28
C LYS A 150 14.96 -3.96 -1.56
N GLU A 151 16.16 -3.60 -2.00
CA GLU A 151 16.75 -4.24 -3.19
C GLU A 151 17.00 -5.72 -2.94
N ASN A 152 17.41 -6.08 -1.73
CA ASN A 152 17.63 -7.49 -1.42
C ASN A 152 16.33 -8.27 -1.41
N SER A 153 15.26 -7.66 -0.90
CA SER A 153 13.99 -8.37 -0.80
C SER A 153 13.32 -8.50 -2.17
N GLU A 154 13.40 -7.47 -3.01
CA GLU A 154 12.68 -7.49 -4.28
C GLU A 154 13.51 -8.07 -5.43
N THR A 155 14.79 -7.73 -5.54
CA THR A 155 15.58 -8.06 -6.72
C THR A 155 16.70 -9.05 -6.36
N HIS A 156 16.41 -9.99 -5.47
CA HIS A 156 17.39 -11.03 -5.17
C HIS A 156 17.63 -11.96 -6.35
N TYR A 157 16.59 -12.20 -7.16
CA TYR A 157 16.73 -13.12 -8.29
C TYR A 157 17.76 -12.61 -9.30
N LYS A 158 17.67 -11.34 -9.67
CA LYS A 158 18.50 -10.79 -10.74
C LYS A 158 20.00 -10.82 -10.41
N VAL A 159 20.36 -11.00 -9.14
CA VAL A 159 21.76 -10.95 -8.74
C VAL A 159 22.32 -12.36 -8.54
N ARG A 160 21.57 -13.38 -8.92
CA ARG A 160 21.99 -14.77 -8.84
C ARG A 160 22.46 -15.24 -10.22
N LYS A 161 23.33 -16.25 -10.21
CA LYS A 161 23.92 -16.73 -11.45
C LYS A 161 22.85 -17.31 -12.37
N LEU A 162 23.06 -17.13 -13.67
CA LEU A 162 22.07 -17.52 -14.67
C LEU A 162 22.26 -18.95 -15.17
N MET A 163 23.30 -19.65 -14.71
CA MET A 163 23.49 -21.05 -15.07
C MET A 163 24.36 -21.76 -14.03
N LYS B 1 1.25 14.42 -5.89
CA LYS B 1 0.73 14.71 -7.22
C LYS B 1 0.62 13.43 -8.05
N LEU B 2 -0.27 13.47 -9.05
CA LEU B 2 -0.50 12.30 -9.89
C LEU B 2 0.72 12.01 -10.77
N PHE B 3 1.34 13.05 -11.31
CA PHE B 3 2.40 12.88 -12.31
C PHE B 3 3.76 13.15 -11.66
N GLN B 4 4.19 12.16 -10.88
CA GLN B 4 5.45 12.27 -10.16
C GLN B 4 6.64 12.24 -11.11
N TRP B 5 6.60 11.34 -12.11
CA TRP B 5 7.79 11.09 -12.93
C TRP B 5 8.08 12.24 -13.88
N SER B 6 7.06 12.73 -14.58
CA SER B 6 7.26 13.75 -15.59
C SER B 6 7.22 15.13 -14.95
N LEU B 7 8.34 15.84 -15.00
CA LEU B 7 8.50 17.13 -14.34
C LEU B 7 9.25 18.07 -15.26
N SER B 8 9.11 19.37 -14.99
CA SER B 8 9.79 20.39 -15.76
C SER B 8 11.12 20.78 -15.12
N HIS B 19 -0.70 14.34 -21.67
CA HIS B 19 -1.76 13.38 -21.96
C HIS B 19 -2.58 13.81 -23.19
N CYS B 20 -3.16 15.01 -23.14
CA CYS B 20 -3.93 15.51 -24.27
C CYS B 20 -3.03 15.81 -25.46
N LEU B 21 -1.90 16.47 -25.22
CA LEU B 21 -1.00 16.82 -26.31
C LEU B 21 -0.42 15.57 -26.96
N GLU B 22 -0.09 14.56 -26.16
CA GLU B 22 0.52 13.33 -26.65
C GLU B 22 -0.49 12.27 -27.03
N ARG B 23 -1.79 12.54 -26.86
CA ARG B 23 -2.86 11.63 -27.28
C ARG B 23 -2.73 10.26 -26.62
N TRP B 24 -2.57 10.27 -25.29
CA TRP B 24 -2.44 9.02 -24.56
C TRP B 24 -3.69 8.16 -24.68
N LEU B 25 -4.86 8.78 -24.72
CA LEU B 25 -6.13 8.08 -24.70
C LEU B 25 -6.78 8.09 -26.08
N ILE B 26 -7.30 6.93 -26.50
CA ILE B 26 -7.99 6.77 -27.76
C ILE B 26 -9.47 6.58 -27.49
N PHE B 27 -10.32 7.39 -28.11
CA PHE B 27 -11.76 7.32 -27.93
C PHE B 27 -12.44 7.02 -29.25
N ALA B 28 -13.44 6.13 -29.20
CA ALA B 28 -14.26 5.83 -30.36
C ALA B 28 -15.43 6.79 -30.51
N SER B 29 -15.64 7.68 -29.54
CA SER B 29 -16.78 8.57 -29.49
C SER B 29 -16.54 9.92 -30.13
N ASP B 30 -15.35 10.16 -30.69
CA ASP B 30 -14.84 11.38 -31.33
C ASP B 30 -14.30 12.40 -30.34
N ILE B 31 -14.40 12.16 -29.03
CA ILE B 31 -13.74 13.03 -28.06
C ILE B 31 -12.24 12.77 -28.12
N LYS B 32 -11.45 13.84 -28.12
CA LYS B 32 -10.01 13.70 -28.27
C LYS B 32 -9.22 13.83 -26.97
N CYS B 33 -9.80 14.40 -25.92
CA CYS B 33 -9.06 14.61 -24.68
C CYS B 33 -10.02 14.71 -23.51
N PHE B 34 -9.46 14.58 -22.31
CA PHE B 34 -10.15 14.82 -21.06
C PHE B 34 -9.67 16.12 -20.43
N ASP B 35 -10.58 16.81 -19.75
CA ASP B 35 -10.21 18.06 -19.09
C ASP B 35 -9.28 17.75 -17.93
N ASN B 36 -8.47 18.74 -17.55
CA ASN B 36 -7.47 18.54 -16.51
C ASN B 36 -8.08 18.00 -15.21
N ALA B 37 -9.32 18.39 -14.88
CA ALA B 37 -9.97 17.87 -13.69
C ALA B 37 -10.20 16.36 -13.77
N ALA B 38 -10.52 15.85 -14.97
CA ALA B 38 -10.71 14.41 -15.13
C ALA B 38 -9.43 13.65 -14.80
N ILE B 39 -8.28 14.19 -15.17
CA ILE B 39 -7.03 13.51 -14.86
C ILE B 39 -6.67 13.72 -13.39
N ALA B 40 -6.98 14.90 -12.86
CA ALA B 40 -6.80 15.19 -11.44
C ALA B 40 -7.55 14.22 -10.55
N LYS B 41 -8.71 13.73 -11.02
CA LYS B 41 -9.52 12.77 -10.25
C LYS B 41 -8.77 11.49 -9.87
N CYS B 42 -7.52 11.34 -10.32
CA CYS B 42 -6.68 10.19 -9.99
C CYS B 42 -5.55 10.53 -9.03
N ASN B 43 -5.43 11.79 -8.59
CA ASN B 43 -4.30 12.19 -7.77
C ASN B 43 -4.15 11.30 -6.54
N LYS B 44 -5.26 10.99 -5.87
CA LYS B 44 -5.25 10.15 -4.68
C LYS B 44 -5.96 8.82 -4.91
N GLU B 45 -6.14 8.42 -6.16
CA GLU B 45 -6.84 7.19 -6.51
C GLU B 45 -5.81 6.14 -6.92
N HIS B 46 -5.41 5.30 -5.96
CA HIS B 46 -4.53 4.18 -6.24
C HIS B 46 -5.25 2.84 -6.40
N ASP B 47 -6.58 2.83 -6.31
CA ASP B 47 -7.36 1.61 -6.42
C ASP B 47 -8.10 1.47 -7.75
N GLU B 48 -7.77 2.28 -8.75
CA GLU B 48 -8.36 2.19 -10.08
C GLU B 48 -7.25 2.05 -11.12
N GLU B 49 -7.43 1.09 -12.04
CA GLU B 49 -6.39 0.75 -13.00
C GLU B 49 -6.22 1.78 -14.11
N PHE B 50 -7.24 2.60 -14.39
CA PHE B 50 -7.06 3.70 -15.35
C PHE B 50 -6.02 4.69 -14.86
N CYS B 51 -6.06 5.04 -13.57
CA CYS B 51 -5.04 5.91 -13.01
C CYS B 51 -3.69 5.23 -12.98
N ASP B 52 -3.65 3.91 -12.75
CA ASP B 52 -2.39 3.19 -12.79
C ASP B 52 -1.77 3.26 -14.18
N MET B 53 -2.59 3.14 -15.22
CA MET B 53 -2.08 3.26 -16.58
C MET B 53 -1.62 4.69 -16.84
N LEU B 54 -2.28 5.69 -16.25
CA LEU B 54 -1.79 7.05 -16.35
C LEU B 54 -0.41 7.21 -15.70
N ARG B 55 -0.19 6.58 -14.55
CA ARG B 55 1.14 6.60 -13.93
C ARG B 55 2.17 5.91 -14.82
N LEU B 56 1.76 4.82 -15.48
CA LEU B 56 2.67 4.12 -16.39
C LEU B 56 3.05 5.00 -17.58
N PHE B 57 2.08 5.72 -18.14
CA PHE B 57 2.39 6.61 -19.26
C PHE B 57 3.26 7.79 -18.82
N ASP B 58 3.02 8.30 -17.60
CA ASP B 58 3.88 9.36 -17.08
C ASP B 58 5.31 8.87 -16.91
N TYR B 59 5.48 7.67 -16.35
CA TYR B 59 6.82 7.10 -16.22
C TYR B 59 7.45 6.84 -17.58
N ASN B 60 6.63 6.46 -18.58
CA ASN B 60 7.16 6.27 -19.93
C ASN B 60 7.68 7.58 -20.50
N LYS B 61 6.94 8.67 -20.32
CA LYS B 61 7.42 9.97 -20.77
C LYS B 61 8.72 10.35 -20.06
N ALA B 62 8.77 10.12 -18.75
CA ALA B 62 9.98 10.48 -17.99
C ALA B 62 11.19 9.65 -18.43
N SER B 63 10.98 8.37 -18.72
CA SER B 63 12.09 7.51 -19.14
C SER B 63 12.48 7.76 -20.59
N ILE B 64 11.55 8.20 -21.42
CA ILE B 64 11.90 8.63 -22.77
C ILE B 64 12.76 9.89 -22.71
N ALA B 65 12.44 10.80 -21.78
CA ALA B 65 13.19 12.05 -21.69
C ALA B 65 14.56 11.84 -21.06
N LYS B 66 14.61 11.27 -19.85
CA LYS B 66 15.83 11.20 -19.06
C LYS B 66 16.69 9.98 -19.34
N LEU B 67 16.17 8.95 -19.99
CA LEU B 67 16.93 7.74 -20.25
C LEU B 67 17.01 7.41 -21.74
N ARG B 68 17.05 8.44 -22.59
CA ARG B 68 17.15 8.22 -24.03
C ARG B 68 18.51 7.64 -24.43
N GLY B 69 19.54 7.83 -23.60
CA GLY B 69 20.87 7.38 -23.94
C GLY B 69 21.04 5.88 -24.03
N GLU B 70 20.78 5.17 -22.94
CA GLU B 70 20.97 3.73 -22.87
C GLU B 70 19.60 3.04 -22.78
N ALA B 71 19.33 2.14 -23.73
CA ALA B 71 18.11 1.35 -23.69
C ALA B 71 18.19 0.20 -22.69
N SER B 72 19.39 -0.24 -22.33
CA SER B 72 19.53 -1.33 -21.36
C SER B 72 19.01 -0.90 -19.99
N SER B 73 19.39 0.30 -19.55
CA SER B 73 18.95 0.78 -18.25
C SER B 73 17.44 0.98 -18.20
N SER B 74 16.83 1.37 -19.31
CA SER B 74 15.40 1.66 -19.33
C SER B 74 14.56 0.44 -18.95
N ILE B 75 15.09 -0.77 -19.10
CA ILE B 75 14.40 -1.97 -18.67
C ILE B 75 15.13 -2.71 -17.56
N ASN B 76 16.37 -2.33 -17.24
CA ASN B 76 17.05 -2.89 -16.08
C ASN B 76 16.65 -2.21 -14.78
N LEU B 77 15.83 -1.17 -14.85
CA LEU B 77 15.37 -0.42 -13.69
C LEU B 77 13.97 -0.81 -13.26
N LEU B 78 13.22 -1.51 -14.11
CA LEU B 78 11.85 -1.91 -13.82
C LEU B 78 11.78 -3.21 -13.01
N SER B 79 12.90 -3.73 -12.55
CA SER B 79 12.94 -4.99 -11.82
C SER B 79 12.92 -4.66 -10.33
N GLY B 80 11.85 -5.06 -9.66
CA GLY B 80 11.71 -4.75 -8.25
C GLY B 80 11.34 -3.32 -7.95
N ARG B 81 10.94 -2.53 -8.96
CA ARG B 81 10.59 -1.13 -8.77
C ARG B 81 9.22 -0.79 -9.38
N ILE B 82 8.39 -1.78 -9.68
CA ILE B 82 7.09 -1.47 -10.27
C ILE B 82 6.12 -0.93 -9.23
N ASN B 83 6.25 -1.33 -7.96
CA ASN B 83 5.37 -0.83 -6.92
C ASN B 83 5.51 0.68 -6.73
N ALA B 84 6.63 1.26 -7.21
CA ALA B 84 6.77 2.71 -7.19
C ALA B 84 5.89 3.37 -8.24
N ILE B 85 5.75 2.75 -9.41
CA ILE B 85 4.98 3.34 -10.51
C ILE B 85 3.51 2.98 -10.42
N ILE B 86 3.20 1.71 -10.17
CA ILE B 86 1.82 1.23 -10.16
C ILE B 86 1.56 0.46 -8.88
N SER B 87 0.29 0.26 -8.58
CA SER B 87 -0.10 -0.49 -7.38
C SER B 87 0.15 -1.98 -7.60
N ASP B 88 0.93 -2.57 -6.71
CA ASP B 88 1.15 -4.02 -6.75
C ASP B 88 -0.14 -4.78 -6.45
N THR B 89 -0.95 -4.25 -5.52
CA THR B 89 -2.17 -4.94 -5.13
C THR B 89 -3.11 -5.15 -6.32
N LEU B 90 -3.25 -4.14 -7.18
CA LEU B 90 -4.18 -4.25 -8.29
C LEU B 90 -3.69 -5.26 -9.32
N LEU B 91 -2.39 -5.24 -9.62
CA LEU B 91 -1.83 -6.18 -10.56
C LEU B 91 -1.94 -7.61 -10.06
N MET B 92 -1.65 -7.83 -8.77
CA MET B 92 -1.74 -9.17 -8.22
C MET B 92 -3.18 -9.64 -8.09
N ARG B 93 -4.12 -8.72 -7.81
CA ARG B 93 -5.53 -9.09 -7.82
C ARG B 93 -5.97 -9.50 -9.21
N SER B 94 -5.52 -8.76 -10.24
CA SER B 94 -5.85 -9.14 -11.61
C SER B 94 -5.30 -10.52 -11.95
N SER B 95 -4.03 -10.77 -11.58
CA SER B 95 -3.42 -12.07 -11.88
C SER B 95 -4.15 -13.20 -11.16
N LEU B 96 -4.50 -12.99 -9.88
CA LEU B 96 -5.17 -14.04 -9.11
C LEU B 96 -6.57 -14.30 -9.67
N LYS B 97 -7.34 -13.24 -9.95
CA LYS B 97 -8.66 -13.43 -10.53
C LYS B 97 -8.58 -14.12 -11.89
N ARG B 98 -7.56 -13.80 -12.68
CA ARG B 98 -7.39 -14.46 -13.97
C ARG B 98 -7.10 -15.95 -13.78
N LEU B 99 -6.25 -16.29 -12.81
CA LEU B 99 -5.92 -17.69 -12.57
C LEU B 99 -7.07 -18.47 -11.94
N MET B 100 -7.99 -17.78 -11.26
CA MET B 100 -9.13 -18.44 -10.63
C MET B 100 -10.35 -18.52 -11.54
N GLY B 101 -10.33 -17.86 -12.69
CA GLY B 101 -11.47 -17.82 -13.58
C GLY B 101 -12.45 -16.69 -13.30
N ILE B 102 -12.25 -15.95 -12.22
CA ILE B 102 -13.10 -14.78 -11.92
C ILE B 102 -12.86 -13.71 -12.98
N PRO B 103 -13.90 -13.03 -13.46
CA PRO B 103 -13.68 -11.86 -14.32
C PRO B 103 -12.68 -10.90 -13.72
N TYR B 104 -11.65 -10.57 -14.49
CA TYR B 104 -10.54 -9.75 -14.03
C TYR B 104 -10.32 -8.59 -14.99
N CYS B 105 -9.57 -7.59 -14.51
CA CYS B 105 -9.22 -6.43 -15.31
C CYS B 105 -7.88 -6.69 -15.99
N ASN B 106 -7.88 -6.71 -17.33
CA ASN B 106 -6.67 -6.92 -18.09
C ASN B 106 -6.03 -5.61 -18.55
N TYR B 107 -6.56 -4.46 -18.09
CA TYR B 107 -6.01 -3.13 -18.29
C TYR B 107 -6.18 -2.58 -19.70
N THR B 108 -7.09 -3.13 -20.51
CA THR B 108 -7.20 -2.70 -21.90
C THR B 108 -8.37 -1.77 -22.15
N LYS B 109 -9.58 -2.15 -21.75
CA LYS B 109 -10.80 -1.41 -22.04
C LYS B 109 -11.31 -0.74 -20.77
N PHE B 110 -11.65 0.55 -20.87
CA PHE B 110 -12.11 1.33 -19.72
C PHE B 110 -13.41 2.03 -20.06
N TRP B 111 -14.47 1.73 -19.31
CA TRP B 111 -15.79 2.31 -19.49
C TRP B 111 -16.03 3.45 -18.51
N TYR B 112 -16.57 4.56 -19.01
CA TYR B 112 -16.90 5.70 -18.17
C TYR B 112 -18.26 6.26 -18.58
N LEU B 113 -19.09 6.59 -17.59
CA LEU B 113 -20.43 7.10 -17.83
C LEU B 113 -20.38 8.60 -18.11
N ASN B 114 -20.69 8.99 -19.34
CA ASN B 114 -20.78 10.39 -19.74
C ASN B 114 -22.23 10.85 -19.70
N HIS B 115 -22.55 11.73 -18.75
CA HIS B 115 -23.88 12.32 -18.70
C HIS B 115 -24.05 13.35 -19.80
N THR B 116 -24.97 13.08 -20.74
CA THR B 116 -25.13 13.95 -21.90
C THR B 116 -25.58 15.35 -21.51
N LYS B 117 -26.60 15.45 -20.67
CA LYS B 117 -27.18 16.76 -20.35
C LYS B 117 -26.31 17.54 -19.36
N LEU B 118 -26.06 16.96 -18.18
CA LEU B 118 -25.31 17.69 -17.16
C LEU B 118 -23.86 17.89 -17.56
N GLY B 119 -23.31 16.98 -18.37
CA GLY B 119 -21.98 17.12 -18.90
C GLY B 119 -20.89 16.47 -18.07
N ILE B 120 -21.18 16.13 -16.82
CA ILE B 120 -20.20 15.46 -15.98
C ILE B 120 -20.00 14.02 -16.48
N HIS B 121 -18.80 13.50 -16.26
CA HIS B 121 -18.47 12.11 -16.57
C HIS B 121 -17.82 11.48 -15.35
N SER B 122 -17.76 10.15 -15.35
CA SER B 122 -17.14 9.41 -14.27
C SER B 122 -15.73 8.95 -14.65
N LEU B 123 -14.92 8.74 -13.62
CA LEU B 123 -13.58 8.22 -13.83
C LEU B 123 -13.65 6.84 -14.49
N PRO B 124 -12.97 6.63 -15.62
CA PRO B 124 -13.10 5.36 -16.33
C PRO B 124 -12.71 4.16 -15.47
N ARG B 125 -13.59 3.17 -15.43
CA ARG B 125 -13.35 1.92 -14.72
C ARG B 125 -13.02 0.83 -15.71
N CYS B 126 -12.42 -0.25 -15.21
CA CYS B 126 -11.94 -1.31 -16.08
C CYS B 126 -13.08 -2.19 -16.57
N TRP B 127 -13.08 -2.48 -17.87
CA TRP B 127 -14.03 -3.40 -18.49
C TRP B 127 -13.56 -4.82 -18.21
N LEU B 128 -14.13 -5.46 -17.20
CA LEU B 128 -13.68 -6.79 -16.79
C LEU B 128 -13.81 -7.80 -17.93
N VAL B 129 -12.80 -8.65 -18.07
CA VAL B 129 -12.74 -9.67 -19.11
C VAL B 129 -12.78 -11.05 -18.46
N SER B 130 -13.64 -11.92 -18.98
CA SER B 130 -13.71 -13.30 -18.50
C SER B 130 -13.76 -14.26 -19.68
N ASN B 131 -13.02 -15.37 -19.55
CA ASN B 131 -13.00 -16.45 -20.55
C ASN B 131 -12.52 -15.97 -21.91
N GLY B 132 -11.61 -14.99 -21.93
CA GLY B 132 -11.08 -14.50 -23.18
C GLY B 132 -11.98 -13.55 -23.95
N SER B 133 -13.13 -13.17 -23.38
CA SER B 133 -14.05 -12.24 -24.02
C SER B 133 -14.43 -11.17 -23.01
N TYR B 134 -14.59 -9.94 -23.49
CA TYR B 134 -15.05 -8.86 -22.64
C TYR B 134 -16.44 -9.17 -22.09
N LEU B 135 -16.65 -8.87 -20.81
CA LEU B 135 -17.94 -9.07 -20.19
C LEU B 135 -19.01 -8.25 -20.89
N ASN B 136 -20.21 -8.82 -21.00
CA ASN B 136 -21.33 -8.07 -21.55
C ASN B 136 -21.79 -7.00 -20.57
N GLU B 137 -22.30 -5.90 -21.12
CA GLU B 137 -22.85 -4.82 -20.31
C GLU B 137 -23.85 -5.31 -19.26
N THR B 138 -24.61 -6.36 -19.58
CA THR B 138 -25.62 -6.89 -18.68
C THR B 138 -25.03 -7.56 -17.45
N LYS B 139 -23.72 -7.82 -17.41
CA LYS B 139 -23.11 -8.52 -16.30
C LYS B 139 -22.38 -7.61 -15.32
N PHE B 140 -22.28 -6.31 -15.62
CA PHE B 140 -21.79 -5.33 -14.66
C PHE B 140 -22.70 -4.10 -14.58
N THR B 141 -23.95 -4.21 -15.07
CA THR B 141 -24.86 -3.08 -15.03
C THR B 141 -25.18 -2.62 -13.61
N HIS B 142 -25.01 -3.51 -12.63
CA HIS B 142 -25.09 -3.08 -11.24
C HIS B 142 -23.98 -2.09 -10.91
N ASP B 143 -22.78 -2.34 -11.43
CA ASP B 143 -21.68 -1.38 -11.26
C ASP B 143 -21.99 -0.07 -11.97
N MET B 144 -22.64 -0.13 -13.13
CA MET B 144 -23.01 1.09 -13.84
C MET B 144 -24.02 1.91 -13.05
N GLU B 145 -25.02 1.25 -12.46
CA GLU B 145 -25.99 1.96 -11.64
C GLU B 145 -25.33 2.55 -10.39
N ASP B 146 -24.43 1.78 -9.76
CA ASP B 146 -23.69 2.29 -8.62
C ASP B 146 -22.85 3.50 -9.01
N GLU B 147 -22.26 3.48 -10.20
CA GLU B 147 -21.44 4.60 -10.63
C GLU B 147 -22.27 5.82 -10.98
N ALA B 148 -23.50 5.62 -11.45
CA ALA B 148 -24.38 6.76 -11.69
C ALA B 148 -24.81 7.42 -10.38
N ASP B 149 -25.23 6.60 -9.41
CA ASP B 149 -25.55 7.14 -8.09
C ASP B 149 -24.34 7.80 -7.46
N LYS B 150 -23.16 7.19 -7.62
CA LYS B 150 -21.92 7.79 -7.14
C LYS B 150 -21.65 9.11 -7.84
N LEU B 151 -21.95 9.22 -9.13
CA LEU B 151 -21.73 10.46 -9.84
C LEU B 151 -22.59 11.59 -9.27
N LEU B 152 -23.86 11.31 -9.03
CA LEU B 152 -24.73 12.34 -8.44
C LEU B 152 -24.27 12.73 -7.04
N THR B 153 -24.06 11.73 -6.18
CA THR B 153 -23.68 11.99 -4.80
C THR B 153 -22.33 12.71 -4.72
N GLU B 154 -21.35 12.27 -5.52
CA GLU B 154 -20.03 12.88 -5.48
C GLU B 154 -20.03 14.25 -6.15
N MET B 155 -20.91 14.49 -7.12
CA MET B 155 -21.07 15.84 -7.64
C MET B 155 -21.48 16.79 -6.52
N LEU B 156 -22.51 16.41 -5.76
CA LEU B 156 -22.98 17.30 -4.70
C LEU B 156 -21.95 17.40 -3.58
N LYS B 157 -21.28 16.29 -3.25
CA LYS B 157 -20.24 16.29 -2.24
C LYS B 157 -19.06 17.18 -2.65
N LYS B 158 -18.63 17.10 -3.90
CA LYS B 158 -17.53 17.93 -4.38
C LYS B 158 -17.92 19.40 -4.38
N GLU B 159 -19.16 19.71 -4.75
CA GLU B 159 -19.61 21.10 -4.67
C GLU B 159 -19.56 21.60 -3.23
N TYR B 160 -19.98 20.77 -2.28
CA TYR B 160 -19.91 21.17 -0.87
C TYR B 160 -18.46 21.32 -0.42
N VAL B 161 -17.58 20.41 -0.87
CA VAL B 161 -16.17 20.48 -0.49
C VAL B 161 -15.55 21.76 -0.99
N ARG B 162 -15.85 22.15 -2.23
CA ARG B 162 -15.26 23.37 -2.78
C ARG B 162 -15.82 24.61 -2.09
N ARG B 163 -17.12 24.62 -1.78
CA ARG B 163 -17.67 25.74 -1.05
C ARG B 163 -17.03 25.87 0.32
N GLN B 164 -16.85 24.75 1.02
CA GLN B 164 -16.18 24.80 2.32
C GLN B 164 -14.74 25.28 2.18
N GLU B 165 -14.07 24.84 1.10
CA GLU B 165 -12.68 25.22 0.87
C GLU B 165 -12.55 26.73 0.68
N LYS B 166 -13.52 27.36 0.01
CA LYS B 166 -13.37 28.77 -0.36
C LYS B 166 -14.45 29.67 0.22
N THR B 167 -15.14 29.25 1.28
CA THR B 167 -16.07 30.13 1.99
C THR B 167 -15.67 30.19 3.46
N PRO B 168 -15.42 31.38 4.02
CA PRO B 168 -15.11 31.48 5.46
C PRO B 168 -16.21 30.92 6.35
N ILE B 169 -15.94 29.83 7.06
CA ILE B 169 -16.90 29.30 8.01
C ILE B 169 -17.28 30.36 9.04
N THR B 170 -16.34 31.23 9.41
CA THR B 170 -16.65 32.33 10.31
C THR B 170 -17.69 33.25 9.69
N LEU B 171 -17.62 33.45 8.38
CA LEU B 171 -18.64 34.22 7.68
C LEU B 171 -20.01 33.56 7.81
N MET B 172 -20.07 32.23 7.71
CA MET B 172 -21.33 31.52 7.88
C MET B 172 -21.87 31.68 9.30
N ASP B 173 -20.99 31.61 10.30
CA ASP B 173 -21.43 31.82 11.67
C ASP B 173 -21.91 33.26 11.87
N ILE B 174 -21.26 34.21 11.21
CA ILE B 174 -21.72 35.59 11.24
C ILE B 174 -23.08 35.73 10.58
N LEU B 175 -23.33 34.96 9.52
CA LEU B 175 -24.67 34.90 8.92
C LEU B 175 -25.69 34.38 9.91
N MET B 176 -25.34 33.33 10.65
CA MET B 176 -26.25 32.78 11.65
C MET B 176 -26.57 33.80 12.73
N PHE B 177 -25.54 34.46 13.26
CA PHE B 177 -25.74 35.51 14.25
C PHE B 177 -26.50 36.70 13.67
N SER B 178 -26.33 36.96 12.37
CA SER B 178 -27.06 38.05 11.72
C SER B 178 -28.55 37.74 11.64
N VAL B 179 -28.89 36.52 11.24
CA VAL B 179 -30.29 36.09 11.28
C VAL B 179 -30.81 36.16 12.71
N SER B 180 -29.98 35.78 13.69
CA SER B 180 -30.39 35.81 15.09
C SER B 180 -30.76 37.23 15.53
N PHE B 181 -29.86 38.19 15.32
CA PHE B 181 -30.16 39.54 15.81
C PHE B 181 -31.13 40.27 14.88
N TYR B 182 -31.34 39.80 13.65
CA TYR B 182 -32.43 40.33 12.84
C TYR B 182 -33.78 39.87 13.40
N MET B 183 -33.86 38.62 13.84
CA MET B 183 -35.03 38.15 14.58
C MET B 183 -35.23 38.96 15.85
N PHE B 184 -34.13 39.23 16.57
CA PHE B 184 -34.22 40.07 17.76
C PHE B 184 -34.75 41.46 17.42
N SER B 185 -34.32 42.02 16.29
CA SER B 185 -34.74 43.36 15.89
C SER B 185 -36.24 43.38 15.56
N VAL B 186 -36.68 42.46 14.71
CA VAL B 186 -38.09 42.43 14.32
C VAL B 186 -38.97 41.96 15.48
N THR B 187 -38.38 41.35 16.52
CA THR B 187 -39.14 41.03 17.73
C THR B 187 -39.75 42.27 18.35
N LEU B 188 -39.06 43.41 18.26
CA LEU B 188 -39.58 44.67 18.79
C LEU B 188 -40.69 45.22 17.90
N VAL C 5 -28.27 26.74 -15.79
CA VAL C 5 -29.38 25.80 -15.83
C VAL C 5 -29.09 24.58 -14.96
N ALA C 6 -27.92 24.61 -14.30
CA ALA C 6 -27.52 23.49 -13.45
C ALA C 6 -28.48 23.32 -12.29
N VAL C 7 -29.00 24.42 -11.74
CA VAL C 7 -29.90 24.35 -10.60
C VAL C 7 -31.16 23.57 -10.97
N PHE C 8 -31.78 23.92 -12.10
CA PHE C 8 -33.00 23.25 -12.53
C PHE C 8 -32.74 21.79 -12.88
N GLN C 9 -31.60 21.49 -13.51
CA GLN C 9 -31.35 20.14 -13.99
C GLN C 9 -31.21 19.14 -12.85
N ALA C 10 -30.54 19.52 -11.76
CA ALA C 10 -30.34 18.60 -10.64
C ALA C 10 -31.64 18.29 -9.90
N ILE C 11 -32.62 19.20 -9.94
CA ILE C 11 -33.81 19.06 -9.09
C ILE C 11 -34.58 17.77 -9.35
N PRO C 12 -34.88 17.37 -10.60
CA PRO C 12 -35.70 16.17 -10.80
C PRO C 12 -35.11 14.88 -10.24
N GLU C 13 -33.78 14.74 -10.25
CA GLU C 13 -33.16 13.47 -9.89
C GLU C 13 -33.48 13.06 -8.45
N ILE C 14 -33.46 14.01 -7.51
CA ILE C 14 -33.51 13.65 -6.10
C ILE C 14 -34.62 14.39 -5.37
N LEU C 15 -35.74 14.63 -6.04
CA LEU C 15 -36.89 15.24 -5.36
C LEU C 15 -37.57 14.29 -4.40
N ASN C 16 -37.26 12.99 -4.46
CA ASN C 16 -37.94 12.01 -3.62
C ASN C 16 -37.68 12.27 -2.13
N GLU C 17 -36.45 12.63 -1.78
CA GLU C 17 -36.08 12.78 -0.38
C GLU C 17 -36.93 13.84 0.32
N ALA C 18 -37.40 13.51 1.52
CA ALA C 18 -38.33 14.38 2.24
C ALA C 18 -37.71 15.73 2.53
N ILE C 19 -36.47 15.73 3.05
CA ILE C 19 -35.77 16.97 3.39
C ILE C 19 -35.84 17.96 2.23
N ASN C 20 -35.61 17.49 1.01
CA ASN C 20 -35.62 18.38 -0.15
C ASN C 20 -37.02 18.97 -0.39
N ILE C 21 -38.06 18.15 -0.23
CA ILE C 21 -39.42 18.64 -0.38
C ILE C 21 -39.74 19.68 0.70
N VAL C 22 -39.33 19.41 1.93
CA VAL C 22 -39.60 20.34 3.03
C VAL C 22 -38.92 21.67 2.77
N ILE C 23 -37.67 21.65 2.30
CA ILE C 23 -36.94 22.88 2.02
C ILE C 23 -37.64 23.70 0.93
N ILE C 24 -38.06 23.02 -0.15
CA ILE C 24 -38.67 23.72 -1.27
C ILE C 24 -39.99 24.35 -0.86
N VAL C 25 -40.77 23.67 -0.03
CA VAL C 25 -42.05 24.21 0.42
C VAL C 25 -41.83 25.48 1.25
N ILE C 26 -40.76 25.50 2.04
CA ILE C 26 -40.46 26.70 2.83
C ILE C 26 -40.08 27.87 1.93
N ILE C 27 -39.30 27.59 0.89
CA ILE C 27 -38.90 28.65 -0.04
C ILE C 27 -40.11 29.25 -0.74
N MET C 28 -41.06 28.39 -1.16
CA MET C 28 -42.24 28.86 -1.86
C MET C 28 -43.08 29.77 -0.98
N PHE C 29 -43.26 29.40 0.30
CA PHE C 29 -44.03 30.23 1.21
C PHE C 29 -43.38 31.59 1.45
N THR C 30 -42.04 31.65 1.42
CA THR C 30 -41.35 32.93 1.55
C THR C 30 -41.69 33.86 0.40
N LEU C 31 -41.70 33.34 -0.82
CA LEU C 31 -42.11 34.14 -1.98
C LEU C 31 -43.55 34.61 -1.85
N ILE C 32 -44.41 33.79 -1.24
CA ILE C 32 -45.82 34.17 -1.09
C ILE C 32 -45.95 35.37 -0.16
N LYS C 33 -45.17 35.39 0.92
CA LYS C 33 -45.18 36.55 1.81
C LYS C 33 -44.67 37.79 1.11
N GLY C 34 -43.67 37.63 0.25
CA GLY C 34 -43.21 38.75 -0.57
C GLY C 34 -44.31 39.31 -1.46
N VAL C 35 -45.08 38.43 -2.08
CA VAL C 35 -46.22 38.88 -2.90
C VAL C 35 -47.24 39.61 -2.03
N PHE C 36 -47.43 39.15 -0.79
CA PHE C 36 -48.42 39.78 0.08
C PHE C 36 -48.05 41.23 0.38
N ASN C 37 -46.76 41.50 0.60
CA ASN C 37 -46.31 42.88 0.81
C ASN C 37 -46.64 43.75 -0.39
N LEU C 38 -46.33 43.27 -1.60
CA LEU C 38 -46.58 44.01 -2.83
C LEU C 38 -48.05 44.37 -2.98
N SER D 2 -34.22 3.73 -15.44
CA SER D 2 -33.38 3.78 -14.24
C SER D 2 -32.41 4.95 -14.31
N LEU D 3 -31.47 4.98 -13.37
CA LEU D 3 -30.44 6.02 -13.38
C LEU D 3 -29.57 5.92 -14.63
N LEU D 4 -29.24 4.69 -15.04
CA LEU D 4 -28.34 4.47 -16.17
C LEU D 4 -28.94 4.86 -17.51
N SER D 5 -30.25 5.12 -17.57
CA SER D 5 -30.87 5.50 -18.84
C SER D 5 -30.34 6.83 -19.35
N GLY D 6 -30.22 7.82 -18.46
CA GLY D 6 -29.65 9.10 -18.87
C GLY D 6 -28.18 9.02 -19.23
N PHE D 7 -27.41 8.24 -18.47
CA PHE D 7 -25.97 8.14 -18.72
C PHE D 7 -25.68 7.28 -19.95
N ASN D 8 -24.55 7.58 -20.58
CA ASN D 8 -24.09 6.86 -21.77
C ASN D 8 -22.78 6.13 -21.44
N LEU D 9 -22.61 4.95 -22.03
CA LEU D 9 -21.40 4.16 -21.85
C LEU D 9 -20.39 4.52 -22.93
N GLU D 10 -19.22 4.99 -22.53
CA GLU D 10 -18.13 5.33 -23.45
C GLU D 10 -16.90 4.51 -23.12
N THR D 11 -16.17 4.10 -24.16
CA THR D 11 -14.99 3.26 -24.05
C THR D 11 -13.71 4.07 -24.20
N VAL D 12 -12.77 3.88 -23.28
CA VAL D 12 -11.46 4.53 -23.32
C VAL D 12 -10.39 3.46 -23.54
N HIS D 13 -9.57 3.66 -24.56
CA HIS D 13 -8.46 2.77 -24.89
C HIS D 13 -7.15 3.55 -24.86
N PHE D 14 -6.14 2.99 -24.21
CA PHE D 14 -4.85 3.64 -24.14
C PHE D 14 -4.05 3.43 -25.42
N ASN D 15 -3.13 4.37 -25.69
CA ASN D 15 -2.32 4.38 -26.90
C ASN D 15 -0.99 3.69 -26.61
N MET D 16 -0.98 2.36 -26.74
CA MET D 16 0.18 1.56 -26.39
C MET D 16 1.34 1.73 -27.38
N SER D 17 1.10 2.33 -28.54
CA SER D 17 2.16 2.47 -29.54
C SER D 17 3.32 3.33 -29.03
N LEU D 18 3.06 4.27 -28.12
CA LEU D 18 4.08 5.17 -27.63
C LEU D 18 4.76 4.67 -26.36
N LEU D 19 4.43 3.48 -25.88
CA LEU D 19 5.08 2.90 -24.70
C LEU D 19 6.40 2.23 -25.08
N SER D 20 7.34 3.06 -25.56
CA SER D 20 8.59 2.54 -26.09
C SER D 20 9.50 1.99 -24.98
N SER D 21 9.57 2.71 -23.85
CA SER D 21 10.46 2.28 -22.76
C SER D 21 10.02 0.95 -22.16
N ILE D 22 8.75 0.84 -21.79
CA ILE D 22 8.28 -0.37 -21.10
C ILE D 22 8.15 -1.51 -22.11
N PRO D 23 8.76 -2.66 -21.87
CA PRO D 23 8.54 -3.81 -22.75
C PRO D 23 7.08 -4.24 -22.73
N MET D 24 6.56 -4.61 -23.89
CA MET D 24 5.19 -5.03 -24.04
C MET D 24 5.13 -6.43 -24.63
N VAL D 25 4.08 -7.17 -24.28
CA VAL D 25 3.93 -8.58 -24.62
C VAL D 25 2.73 -8.74 -25.53
N SER D 26 2.97 -9.04 -26.81
CA SER D 26 1.92 -9.40 -27.75
C SER D 26 1.73 -10.91 -27.72
N GLU D 27 0.62 -11.34 -27.10
CA GLU D 27 0.28 -12.76 -27.07
C GLU D 27 -0.19 -13.30 -28.41
N GLN D 28 -0.64 -12.42 -29.31
CA GLN D 28 -1.10 -12.88 -30.62
C GLN D 28 0.06 -13.34 -31.50
N GLN D 29 1.24 -12.78 -31.32
CA GLN D 29 2.42 -13.14 -32.08
C GLN D 29 3.51 -13.78 -31.22
N HIS D 30 3.20 -14.10 -29.97
CA HIS D 30 4.16 -14.64 -29.02
C HIS D 30 5.47 -13.85 -29.04
N CYS D 31 5.36 -12.57 -28.68
CA CYS D 31 6.44 -11.62 -28.89
C CYS D 31 6.58 -10.69 -27.69
N ILE D 32 7.82 -10.50 -27.23
CA ILE D 32 8.14 -9.48 -26.24
C ILE D 32 8.94 -8.39 -26.93
N GLN D 33 8.38 -7.19 -27.01
CA GLN D 33 9.00 -6.08 -27.73
C GLN D 33 9.32 -4.94 -26.80
N HIS D 34 10.59 -4.53 -26.77
CA HIS D 34 11.04 -3.31 -26.12
C HIS D 34 11.59 -2.39 -27.19
N ASN D 35 11.00 -1.21 -27.34
CA ASN D 35 11.36 -0.25 -28.39
C ASN D 35 11.18 -1.00 -29.72
N HIS D 36 12.16 -0.98 -30.62
CA HIS D 36 12.04 -1.68 -31.89
C HIS D 36 12.54 -3.12 -31.81
N SER D 37 13.15 -3.52 -30.69
CA SER D 37 13.68 -4.87 -30.53
C SER D 37 12.60 -5.81 -30.05
N SER D 38 12.60 -7.04 -30.59
CA SER D 38 11.57 -8.01 -30.27
C SER D 38 12.20 -9.39 -30.11
N ILE D 39 11.57 -10.22 -29.29
CA ILE D 39 11.93 -11.62 -29.16
C ILE D 39 10.70 -12.48 -29.38
N THR D 40 10.78 -13.42 -30.31
CA THR D 40 9.68 -14.29 -30.71
C THR D 40 9.89 -15.69 -30.16
N PHE D 41 8.88 -16.21 -29.46
CA PHE D 41 8.90 -17.54 -28.85
C PHE D 41 8.24 -18.55 -29.78
N SER D 42 9.03 -19.42 -30.41
CA SER D 42 8.54 -20.41 -31.36
C SER D 42 8.79 -21.81 -30.83
N LEU D 43 7.77 -22.67 -30.91
CA LEU D 43 7.89 -24.08 -30.53
C LEU D 43 8.41 -24.89 -31.71
N LEU D 44 9.72 -24.83 -31.91
CA LEU D 44 10.37 -25.59 -32.97
C LEU D 44 10.36 -27.09 -32.67
N THR D 45 10.22 -27.89 -33.72
CA THR D 45 10.22 -29.35 -33.61
C THR D 45 11.56 -29.97 -33.96
N ASN D 46 12.54 -29.17 -34.37
CA ASN D 46 13.83 -29.66 -34.83
C ASN D 46 14.96 -29.10 -33.97
N LYS D 47 16.02 -29.88 -33.83
CA LYS D 47 17.15 -29.52 -32.97
C LYS D 47 18.15 -28.69 -33.75
N SER D 48 18.46 -27.50 -33.22
CA SER D 48 19.47 -26.64 -33.81
C SER D 48 20.87 -27.08 -33.41
N ASP D 49 21.86 -26.63 -34.18
CA ASP D 49 23.25 -26.99 -33.97
C ASP D 49 23.99 -25.96 -33.11
N LEU D 50 23.28 -25.14 -32.34
CA LEU D 50 23.91 -24.09 -31.56
C LEU D 50 24.65 -24.66 -30.35
N GLU D 51 25.69 -23.95 -29.93
CA GLU D 51 26.51 -24.37 -28.80
C GLU D 51 25.85 -23.99 -27.48
N LYS D 52 26.46 -24.42 -26.39
CA LYS D 52 25.92 -24.15 -25.07
C LYS D 52 25.93 -22.65 -24.78
N CYS D 53 25.05 -22.23 -23.87
CA CYS D 53 24.87 -20.81 -23.57
C CYS D 53 25.99 -20.31 -22.67
N ASN D 54 26.77 -19.39 -23.20
CA ASN D 54 27.80 -18.65 -22.46
C ASN D 54 27.24 -17.24 -22.27
N PHE D 55 26.72 -16.97 -21.08
CA PHE D 55 25.94 -15.75 -20.88
C PHE D 55 26.81 -14.51 -20.74
N THR D 56 28.05 -14.65 -20.27
CA THR D 56 28.98 -13.53 -20.33
C THR D 56 29.27 -13.14 -21.77
N ARG D 57 29.44 -14.13 -22.65
CA ARG D 57 29.69 -13.84 -24.06
C ARG D 57 28.47 -13.25 -24.73
N LEU D 58 27.28 -13.77 -24.40
CA LEU D 58 26.05 -13.21 -24.96
C LEU D 58 25.84 -11.78 -24.49
N GLN D 59 26.19 -11.49 -23.23
CA GLN D 59 26.06 -10.13 -22.73
C GLN D 59 27.06 -9.20 -23.42
N ALA D 60 28.29 -9.66 -23.61
CA ALA D 60 29.29 -8.85 -24.30
C ALA D 60 28.87 -8.58 -25.74
N VAL D 61 28.21 -9.55 -26.38
CA VAL D 61 27.98 -9.50 -27.82
C VAL D 61 26.63 -8.85 -28.12
N ASP D 62 25.55 -9.42 -27.62
CA ASP D 62 24.20 -8.89 -27.86
C ASP D 62 23.53 -8.59 -26.52
N ARG D 63 23.64 -7.33 -26.06
CA ARG D 63 22.99 -6.92 -24.83
C ARG D 63 21.48 -6.90 -24.96
N VAL D 64 20.96 -6.57 -26.15
CA VAL D 64 19.52 -6.40 -26.34
C VAL D 64 18.79 -7.70 -26.05
N ILE D 65 19.29 -8.81 -26.60
CA ILE D 65 18.59 -10.09 -26.42
C ILE D 65 18.72 -10.56 -24.99
N PHE D 66 19.87 -10.30 -24.35
CA PHE D 66 20.06 -10.72 -22.96
C PHE D 66 19.08 -10.00 -22.06
N ASP D 67 18.92 -8.69 -22.27
CA ASP D 67 18.00 -7.92 -21.45
C ASP D 67 16.58 -8.38 -21.70
N LEU D 68 16.25 -8.69 -22.96
CA LEU D 68 14.91 -9.11 -23.29
C LEU D 68 14.55 -10.45 -22.66
N PHE D 69 15.45 -11.45 -22.66
CA PHE D 69 15.01 -12.73 -22.13
C PHE D 69 15.35 -12.93 -20.67
N ARG D 70 16.05 -11.99 -20.01
CA ARG D 70 16.54 -12.26 -18.66
C ARG D 70 15.40 -12.51 -17.67
N GLU D 71 14.35 -11.69 -17.73
CA GLU D 71 13.22 -11.91 -16.82
C GLU D 71 12.53 -13.25 -17.08
N PHE D 72 12.36 -13.61 -18.34
CA PHE D 72 11.77 -14.92 -18.65
C PHE D 72 12.65 -16.05 -18.13
N HIS D 73 13.97 -15.90 -18.26
CA HIS D 73 14.89 -16.95 -17.83
C HIS D 73 14.86 -17.11 -16.33
N HIS D 74 14.77 -15.99 -15.60
CA HIS D 74 14.66 -16.06 -14.15
C HIS D 74 13.29 -16.61 -13.73
N ARG D 75 12.27 -16.42 -14.56
CA ARG D 75 10.98 -17.05 -14.29
C ARG D 75 11.02 -18.54 -14.55
N VAL D 76 11.89 -19.00 -15.45
CA VAL D 76 12.08 -20.44 -15.63
C VAL D 76 12.76 -21.05 -14.41
N GLY D 77 13.61 -20.28 -13.73
CA GLY D 77 14.25 -20.76 -12.52
C GLY D 77 15.43 -21.68 -12.78
N ASP D 78 15.56 -22.72 -11.96
CA ASP D 78 16.67 -23.66 -12.07
C ASP D 78 16.40 -24.60 -13.24
N PHE D 79 16.95 -24.27 -14.40
CA PHE D 79 16.85 -25.14 -15.56
C PHE D 79 17.62 -26.43 -15.32
N PRO D 80 17.05 -27.59 -15.66
CA PRO D 80 17.76 -28.86 -15.44
C PRO D 80 19.08 -28.90 -16.19
N VAL D 81 20.08 -29.51 -15.56
CA VAL D 81 21.38 -29.66 -16.20
C VAL D 81 21.28 -30.59 -17.41
N THR D 82 20.49 -31.65 -17.30
CA THR D 82 20.31 -32.58 -18.41
C THR D 82 19.73 -31.89 -19.63
N SER D 83 18.76 -31.00 -19.43
CA SER D 83 18.21 -30.22 -20.53
C SER D 83 19.26 -29.27 -21.10
N ASP D 84 19.15 -29.01 -22.39
CA ASP D 84 20.16 -28.25 -23.13
C ASP D 84 19.63 -26.85 -23.42
N LEU D 85 20.35 -25.84 -22.95
CA LEU D 85 20.08 -24.44 -23.27
C LEU D 85 21.17 -23.99 -24.23
N LYS D 86 20.79 -23.69 -25.47
CA LYS D 86 21.75 -23.42 -26.54
C LYS D 86 21.59 -22.00 -27.04
N CYS D 87 22.68 -21.23 -27.02
CA CYS D 87 22.68 -19.84 -27.43
C CYS D 87 23.48 -19.68 -28.72
N SER D 88 22.97 -18.84 -29.63
CA SER D 88 23.62 -18.65 -30.92
C SER D 88 24.90 -17.84 -30.79
N HIS D 89 24.93 -16.85 -29.88
CA HIS D 89 26.09 -15.96 -29.72
C HIS D 89 26.44 -15.27 -31.03
N ASN D 90 25.42 -14.88 -31.79
CA ASN D 90 25.57 -14.41 -33.16
C ASN D 90 24.83 -13.08 -33.31
N THR D 91 25.50 -12.11 -33.92
CA THR D 91 24.92 -10.77 -34.05
C THR D 91 23.69 -10.78 -34.96
N SER D 92 23.74 -11.56 -36.05
CA SER D 92 22.65 -11.55 -37.03
C SER D 92 21.58 -12.58 -36.69
N TYR D 93 21.95 -13.85 -36.63
CA TYR D 93 21.00 -14.93 -36.35
C TYR D 93 20.98 -15.16 -34.84
N ARG D 94 20.05 -14.49 -34.17
CA ARG D 94 20.03 -14.47 -32.71
C ARG D 94 18.92 -15.39 -32.22
N VAL D 95 19.31 -16.51 -31.61
CA VAL D 95 18.39 -17.58 -31.26
C VAL D 95 18.86 -18.22 -29.96
N ILE D 96 17.97 -18.35 -29.00
CA ILE D 96 18.21 -19.12 -27.78
C ILE D 96 17.18 -20.23 -27.66
N GLU D 97 17.65 -21.47 -27.68
CA GLU D 97 16.79 -22.65 -27.79
C GLU D 97 16.84 -23.43 -26.48
N TYR D 98 15.67 -23.64 -25.89
CA TYR D 98 15.50 -24.42 -24.66
C TYR D 98 14.97 -25.79 -25.04
N GLU D 99 15.58 -26.85 -24.53
CA GLU D 99 15.11 -28.19 -24.80
C GLU D 99 13.96 -28.52 -23.84
N VAL D 100 12.79 -28.82 -24.39
CA VAL D 100 11.61 -29.12 -23.57
C VAL D 100 11.67 -30.61 -23.27
N THR D 101 12.52 -30.96 -22.29
CA THR D 101 12.56 -32.31 -21.78
C THR D 101 11.43 -32.52 -20.77
N LYS D 102 11.21 -33.79 -20.41
CA LYS D 102 10.18 -34.12 -19.44
C LYS D 102 10.44 -33.42 -18.11
N GLU D 103 11.69 -33.36 -17.67
CA GLU D 103 12.04 -32.68 -16.43
C GLU D 103 11.89 -31.16 -16.56
N SER D 104 12.22 -30.61 -17.73
CA SER D 104 12.20 -29.17 -17.92
C SER D 104 10.83 -28.62 -18.30
N LEU D 105 9.93 -29.47 -18.78
CA LEU D 105 8.63 -29.01 -19.26
C LEU D 105 7.81 -28.25 -18.20
N PRO D 106 7.73 -28.69 -16.93
CA PRO D 106 6.95 -27.90 -15.96
C PRO D 106 7.41 -26.45 -15.82
N ARG D 107 8.71 -26.20 -15.68
CA ARG D 107 9.19 -24.83 -15.50
C ARG D 107 8.94 -23.99 -16.74
N LEU D 108 9.23 -24.54 -17.92
CA LEU D 108 9.06 -23.78 -19.15
C LEU D 108 7.58 -23.48 -19.40
N GLN D 109 6.71 -24.43 -19.08
CA GLN D 109 5.28 -24.19 -19.22
C GLN D 109 4.78 -23.16 -18.21
N GLU D 110 5.25 -23.25 -16.96
CA GLU D 110 4.86 -22.26 -15.95
C GLU D 110 5.43 -20.88 -16.23
N ALA D 111 6.39 -20.77 -17.15
CA ALA D 111 6.87 -19.45 -17.56
C ALA D 111 6.11 -18.93 -18.78
N VAL D 112 5.96 -19.77 -19.82
CA VAL D 112 5.23 -19.33 -21.00
C VAL D 112 3.78 -19.06 -20.67
N SER D 113 3.18 -19.80 -19.74
CA SER D 113 1.81 -19.51 -19.34
C SER D 113 1.72 -18.25 -18.52
N THR D 114 2.84 -17.76 -17.99
CA THR D 114 2.86 -16.44 -17.37
C THR D 114 2.92 -15.37 -18.45
N LEU D 115 3.69 -15.63 -19.51
CA LEU D 115 3.81 -14.64 -20.58
C LEU D 115 2.74 -14.84 -21.65
N PHE D 116 2.61 -16.06 -22.19
CA PHE D 116 1.71 -16.35 -23.30
C PHE D 116 0.81 -17.51 -22.89
N PRO D 117 -0.35 -17.23 -22.30
CA PRO D 117 -1.17 -18.33 -21.74
C PRO D 117 -1.61 -19.36 -22.76
N ASP D 118 -1.69 -19.01 -24.05
CA ASP D 118 -2.17 -19.94 -25.06
C ASP D 118 -1.04 -20.72 -25.74
N LEU D 119 0.20 -20.53 -25.32
CA LEU D 119 1.32 -21.31 -25.84
C LEU D 119 1.48 -22.57 -24.98
N HIS D 120 1.11 -23.71 -25.54
CA HIS D 120 1.15 -24.99 -24.83
C HIS D 120 2.40 -25.76 -25.27
N LEU D 121 3.43 -25.71 -24.44
CA LEU D 121 4.67 -26.41 -24.74
C LEU D 121 4.48 -27.91 -24.63
N SER D 122 5.15 -28.65 -25.52
CA SER D 122 5.03 -30.10 -25.59
C SER D 122 6.41 -30.73 -25.52
N GLU D 123 6.46 -31.95 -24.99
CA GLU D 123 7.73 -32.65 -24.83
C GLU D 123 8.34 -33.00 -26.19
N ASP D 124 9.66 -33.15 -26.20
CA ASP D 124 10.42 -33.53 -27.38
C ASP D 124 10.45 -32.41 -28.42
N ARG D 125 10.54 -31.16 -27.93
CA ARG D 125 10.55 -30.00 -28.79
C ARG D 125 11.52 -28.98 -28.21
N PHE D 126 11.58 -27.81 -28.85
CA PHE D 126 12.48 -26.75 -28.41
C PHE D 126 11.74 -25.42 -28.43
N LEU D 127 12.06 -24.58 -27.46
CA LEU D 127 11.51 -23.22 -27.37
C LEU D 127 12.60 -22.28 -27.85
N GLN D 128 12.45 -21.77 -29.07
CA GLN D 128 13.40 -20.85 -29.67
C GLN D 128 12.94 -19.42 -29.45
N ILE D 129 13.76 -18.64 -28.75
CA ILE D 129 13.56 -17.21 -28.60
C ILE D 129 14.47 -16.53 -29.63
N GLN D 130 13.86 -15.98 -30.67
CA GLN D 130 14.60 -15.37 -31.78
C GLN D 130 14.47 -13.86 -31.71
N ALA D 131 15.61 -13.17 -31.65
CA ALA D 131 15.63 -11.71 -31.61
C ALA D 131 15.53 -11.11 -33.01
N HIS D 132 14.70 -10.07 -33.13
CA HIS D 132 14.50 -9.33 -34.37
C HIS D 132 14.57 -7.84 -34.07
N ASP D 133 15.44 -7.12 -34.78
CA ASP D 133 15.59 -5.69 -34.60
C ASP D 133 14.63 -4.86 -35.45
N ASP D 134 13.75 -5.51 -36.22
CA ASP D 134 12.84 -4.77 -37.09
C ASP D 134 11.40 -5.27 -37.06
N LYS D 135 11.10 -6.36 -36.37
CA LYS D 135 9.76 -6.93 -36.39
C LYS D 135 8.84 -6.12 -35.47
N ASN D 136 7.76 -5.59 -36.04
CA ASN D 136 6.77 -4.84 -35.26
C ASN D 136 5.65 -5.81 -34.89
N CYS D 137 5.69 -6.30 -33.64
CA CYS D 137 4.69 -7.24 -33.17
C CYS D 137 3.38 -6.53 -32.87
N THR D 138 2.27 -7.25 -33.05
CA THR D 138 0.94 -6.69 -32.98
C THR D 138 0.22 -7.20 -31.74
N GLY D 139 -0.33 -6.30 -30.95
CA GLY D 139 -1.00 -6.64 -29.72
C GLY D 139 -0.20 -6.35 -28.47
N LEU D 140 0.72 -5.39 -28.52
CA LEU D 140 1.68 -5.18 -27.45
C LEU D 140 1.01 -4.51 -26.25
N HIS D 141 1.02 -5.20 -25.11
CA HIS D 141 0.55 -4.64 -23.85
C HIS D 141 1.56 -4.90 -22.75
N PRO D 142 1.84 -3.90 -21.90
CA PRO D 142 2.79 -4.10 -20.79
C PRO D 142 2.33 -5.10 -19.74
N LEU D 143 1.04 -5.44 -19.69
CA LEU D 143 0.48 -6.18 -18.55
C LEU D 143 1.25 -7.47 -18.26
N ASN D 144 1.47 -8.28 -19.29
CA ASN D 144 2.10 -9.58 -19.05
C ASN D 144 3.53 -9.45 -18.57
N TYR D 145 4.27 -8.43 -19.03
CA TYR D 145 5.63 -8.25 -18.57
C TYR D 145 5.67 -7.79 -17.11
N LEU D 146 4.72 -6.94 -16.72
CA LEU D 146 4.64 -6.54 -15.32
C LEU D 146 4.25 -7.71 -14.43
N ARG D 147 3.36 -8.58 -14.93
CA ARG D 147 3.06 -9.81 -14.21
C ARG D 147 4.31 -10.68 -14.06
N LEU D 148 5.12 -10.77 -15.12
CA LEU D 148 6.36 -11.53 -15.05
C LEU D 148 7.29 -10.95 -14.00
N LEU D 149 7.43 -9.62 -13.96
CA LEU D 149 8.31 -8.99 -12.99
C LEU D 149 7.82 -9.23 -11.57
N LYS D 150 6.51 -9.13 -11.36
CA LYS D 150 5.97 -9.32 -10.01
C LYS D 150 6.11 -10.77 -9.56
N GLU D 151 5.87 -11.72 -10.46
CA GLU D 151 6.05 -13.13 -10.13
C GLU D 151 7.52 -13.43 -9.83
N ASN D 152 8.44 -12.79 -10.56
CA ASN D 152 9.85 -13.00 -10.30
C ASN D 152 10.26 -12.43 -8.95
N SER D 153 9.71 -11.27 -8.59
CA SER D 153 10.10 -10.63 -7.34
C SER D 153 9.50 -11.36 -6.13
N GLU D 154 8.26 -11.82 -6.24
CA GLU D 154 7.59 -12.43 -5.09
C GLU D 154 7.79 -13.94 -4.98
N THR D 155 7.74 -14.67 -6.08
CA THR D 155 7.71 -16.13 -6.04
C THR D 155 8.97 -16.72 -6.69
N HIS D 156 10.12 -16.07 -6.48
CA HIS D 156 11.37 -16.63 -6.96
C HIS D 156 11.75 -17.91 -6.23
N TYR D 157 11.40 -18.01 -4.94
CA TYR D 157 11.76 -19.19 -4.16
C TYR D 157 11.12 -20.46 -4.73
N LYS D 158 9.82 -20.40 -5.01
CA LYS D 158 9.08 -21.60 -5.40
C LYS D 158 9.56 -22.20 -6.71
N VAL D 159 10.33 -21.45 -7.52
CA VAL D 159 10.75 -21.92 -8.82
C VAL D 159 12.21 -22.41 -8.79
N ARG D 160 12.79 -22.51 -7.60
CA ARG D 160 14.14 -23.02 -7.40
C ARG D 160 14.08 -24.47 -6.96
N LYS D 161 15.16 -25.21 -7.24
CA LYS D 161 15.20 -26.63 -6.94
C LYS D 161 15.10 -26.88 -5.45
N LEU D 162 14.44 -27.98 -5.08
CA LEU D 162 14.15 -28.29 -3.69
C LEU D 162 15.25 -29.12 -3.03
N MET D 163 16.28 -29.51 -3.77
CA MET D 163 17.42 -30.23 -3.19
C MET D 163 18.65 -30.07 -4.06
N SER E 2 -17.36 8.25 32.47
CA SER E 2 -16.73 8.72 31.24
C SER E 2 -17.58 8.40 30.01
N LEU E 3 -17.00 8.60 28.83
CA LEU E 3 -17.70 8.25 27.60
C LEU E 3 -17.94 6.75 27.50
N LEU E 4 -16.97 5.94 27.94
CA LEU E 4 -17.03 4.49 27.82
C LEU E 4 -18.07 3.87 28.75
N SER E 5 -18.61 4.62 29.71
CA SER E 5 -19.61 4.07 30.62
C SER E 5 -20.87 3.67 29.88
N GLY E 6 -21.36 4.53 28.98
CA GLY E 6 -22.53 4.18 28.19
C GLY E 6 -22.29 3.04 27.22
N PHE E 7 -21.12 3.02 26.59
CA PHE E 7 -20.81 1.98 25.61
C PHE E 7 -20.51 0.66 26.28
N ASN E 8 -20.78 -0.43 25.55
CA ASN E 8 -20.55 -1.79 26.01
C ASN E 8 -19.48 -2.44 25.13
N LEU E 9 -18.65 -3.28 25.75
CA LEU E 9 -17.61 -4.01 25.03
C LEU E 9 -18.16 -5.36 24.58
N GLU E 10 -18.15 -5.60 23.27
CA GLU E 10 -18.59 -6.87 22.69
C GLU E 10 -17.46 -7.51 21.89
N THR E 11 -17.37 -8.83 21.96
CA THR E 11 -16.32 -9.61 21.32
C THR E 11 -16.83 -10.28 20.04
N VAL E 12 -16.07 -10.12 18.96
CA VAL E 12 -16.37 -10.75 17.67
C VAL E 12 -15.28 -11.78 17.37
N HIS E 13 -15.70 -13.01 17.10
CA HIS E 13 -14.81 -14.11 16.73
C HIS E 13 -15.21 -14.65 15.37
N PHE E 14 -14.22 -14.84 14.50
CA PHE E 14 -14.47 -15.37 13.16
C PHE E 14 -14.65 -16.89 13.21
N ASN E 15 -15.38 -17.40 12.21
CA ASN E 15 -15.72 -18.82 12.12
C ASN E 15 -14.70 -19.51 11.22
N MET E 16 -13.58 -19.92 11.82
CA MET E 16 -12.48 -20.50 11.06
C MET E 16 -12.78 -21.89 10.52
N SER E 17 -13.85 -22.54 10.99
CA SER E 17 -14.15 -23.90 10.54
C SER E 17 -14.45 -23.96 9.04
N LEU E 18 -14.96 -22.88 8.47
CA LEU E 18 -15.32 -22.87 7.05
C LEU E 18 -14.21 -22.36 6.14
N LEU E 19 -13.01 -22.08 6.68
CA LEU E 19 -11.88 -21.65 5.87
C LEU E 19 -11.16 -22.86 5.27
N SER E 20 -11.88 -23.57 4.40
CA SER E 20 -11.36 -24.83 3.87
C SER E 20 -10.23 -24.59 2.87
N SER E 21 -10.37 -23.59 2.00
CA SER E 21 -9.35 -23.33 0.99
C SER E 21 -8.02 -22.90 1.61
N ILE E 22 -8.05 -21.92 2.49
CA ILE E 22 -6.80 -21.39 3.06
C ILE E 22 -6.24 -22.37 4.07
N PRO E 23 -4.98 -22.79 3.96
CA PRO E 23 -4.38 -23.62 5.01
C PRO E 23 -4.32 -22.87 6.32
N MET E 24 -4.59 -23.59 7.41
CA MET E 24 -4.58 -23.02 8.74
C MET E 24 -3.60 -23.77 9.63
N VAL E 25 -3.04 -23.06 10.60
CA VAL E 25 -1.97 -23.58 11.45
C VAL E 25 -2.47 -23.65 12.89
N SER E 26 -2.69 -24.86 13.39
CA SER E 26 -2.99 -25.09 14.79
C SER E 26 -1.68 -25.30 15.56
N GLU E 27 -1.28 -24.29 16.34
CA GLU E 27 -0.10 -24.38 17.17
C GLU E 27 -0.28 -25.31 18.37
N GLN E 28 -1.53 -25.56 18.77
CA GLN E 28 -1.77 -26.43 19.91
C GLN E 28 -1.48 -27.89 19.59
N GLN E 29 -1.64 -28.29 18.33
CA GLN E 29 -1.37 -29.65 17.89
C GLN E 29 -0.22 -29.74 16.91
N HIS E 30 0.52 -28.65 16.72
CA HIS E 30 1.60 -28.57 15.75
C HIS E 30 1.17 -29.15 14.40
N CYS E 31 0.18 -28.51 13.80
CA CYS E 31 -0.51 -29.07 12.64
C CYS E 31 -0.81 -27.99 11.61
N ILE E 32 -0.52 -28.29 10.35
CA ILE E 32 -0.93 -27.45 9.22
C ILE E 32 -2.00 -28.22 8.46
N GLN E 33 -3.22 -27.67 8.44
CA GLN E 33 -4.35 -28.35 7.83
C GLN E 33 -4.91 -27.52 6.68
N HIS E 34 -4.98 -28.14 5.50
CA HIS E 34 -5.68 -27.59 4.34
C HIS E 34 -6.82 -28.55 4.01
N ASN E 35 -8.05 -28.05 4.06
CA ASN E 35 -9.26 -28.86 3.87
C ASN E 35 -9.19 -29.98 4.91
N HIS E 36 -9.36 -31.24 4.54
CA HIS E 36 -9.30 -32.34 5.50
C HIS E 36 -7.89 -32.89 5.65
N SER E 37 -6.94 -32.45 4.82
CA SER E 37 -5.57 -32.94 4.88
C SER E 37 -4.77 -32.16 5.92
N SER E 38 -3.92 -32.87 6.66
CA SER E 38 -3.14 -32.25 7.73
C SER E 38 -1.73 -32.80 7.71
N ILE E 39 -0.78 -31.99 8.19
CA ILE E 39 0.59 -32.42 8.42
C ILE E 39 0.97 -32.08 9.85
N THR E 40 1.43 -33.09 10.59
CA THR E 40 1.79 -32.97 12.00
C THR E 40 3.31 -32.98 12.16
N PHE E 41 3.83 -31.98 12.87
CA PHE E 41 5.27 -31.81 13.11
C PHE E 41 5.62 -32.39 14.48
N SER E 42 6.30 -33.55 14.48
CA SER E 42 6.67 -34.25 15.70
C SER E 42 8.19 -34.29 15.84
N LEU E 43 8.68 -33.97 17.05
CA LEU E 43 10.12 -34.06 17.35
C LEU E 43 10.46 -35.47 17.81
N LEU E 44 10.60 -36.37 16.84
CA LEU E 44 10.97 -37.75 17.12
C LEU E 44 12.42 -37.85 17.60
N THR E 45 12.65 -38.79 18.51
CA THR E 45 14.00 -39.03 19.06
C THR E 45 14.69 -40.23 18.42
N ASN E 46 14.02 -40.92 17.50
CA ASN E 46 14.56 -42.13 16.88
C ASN E 46 14.66 -41.96 15.37
N LYS E 47 15.64 -42.63 14.79
CA LYS E 47 15.94 -42.52 13.36
C LYS E 47 15.09 -43.51 12.57
N SER E 48 14.33 -43.01 11.61
CA SER E 48 13.54 -43.84 10.72
C SER E 48 14.42 -44.43 9.62
N ASP E 49 13.91 -45.49 8.99
CA ASP E 49 14.62 -46.20 7.93
C ASP E 49 14.23 -45.71 6.54
N LEU E 50 13.67 -44.52 6.42
CA LEU E 50 13.21 -44.01 5.14
C LEU E 50 14.37 -43.61 4.25
N GLU E 51 14.16 -43.72 2.94
CA GLU E 51 15.17 -43.39 1.95
C GLU E 51 15.24 -41.88 1.72
N LYS E 52 16.21 -41.47 0.92
CA LYS E 52 16.41 -40.05 0.63
C LYS E 52 15.20 -39.49 -0.13
N CYS E 53 15.03 -38.17 0.00
CA CYS E 53 13.85 -37.51 -0.58
C CYS E 53 14.03 -37.32 -2.08
N ASN E 54 13.17 -37.97 -2.85
CA ASN E 54 13.06 -37.80 -4.29
C ASN E 54 11.77 -37.01 -4.51
N PHE E 55 11.91 -35.70 -4.75
CA PHE E 55 10.74 -34.83 -4.72
C PHE E 55 9.90 -34.92 -5.98
N THR E 56 10.49 -35.29 -7.12
CA THR E 56 9.67 -35.61 -8.28
C THR E 56 8.79 -36.82 -8.02
N ARG E 57 9.35 -37.85 -7.36
CA ARG E 57 8.56 -39.04 -7.04
C ARG E 57 7.49 -38.73 -6.01
N LEU E 58 7.82 -37.92 -5.00
CA LEU E 58 6.84 -37.52 -4.01
C LEU E 58 5.72 -36.70 -4.64
N GLN E 59 6.05 -35.84 -5.60
CA GLN E 59 5.04 -35.06 -6.29
C GLN E 59 4.15 -35.95 -7.14
N ALA E 60 4.74 -36.91 -7.85
CA ALA E 60 3.97 -37.84 -8.65
C ALA E 60 3.04 -38.69 -7.78
N VAL E 61 3.48 -39.03 -6.57
CA VAL E 61 2.78 -40.02 -5.75
C VAL E 61 1.79 -39.34 -4.83
N ASP E 62 2.27 -38.45 -3.96
CA ASP E 62 1.41 -37.75 -3.01
C ASP E 62 1.55 -36.25 -3.20
N ARG E 63 0.66 -35.66 -4.00
CA ARG E 63 0.66 -34.22 -4.22
C ARG E 63 0.26 -33.45 -2.98
N VAL E 64 -0.64 -34.02 -2.16
CA VAL E 64 -1.18 -33.32 -1.01
C VAL E 64 -0.08 -32.97 -0.02
N ILE E 65 0.78 -33.94 0.29
CA ILE E 65 1.82 -33.71 1.27
C ILE E 65 2.87 -32.76 0.72
N PHE E 66 3.16 -32.85 -0.59
CA PHE E 66 4.14 -31.96 -1.19
C PHE E 66 3.68 -30.52 -1.12
N ASP E 67 2.39 -30.29 -1.43
CA ASP E 67 1.86 -28.94 -1.40
C ASP E 67 1.84 -28.44 0.04
N LEU E 68 1.52 -29.32 0.98
CA LEU E 68 1.46 -28.91 2.38
C LEU E 68 2.83 -28.51 2.92
N PHE E 69 3.90 -29.26 2.62
CA PHE E 69 5.16 -28.89 3.26
C PHE E 69 6.02 -27.97 2.41
N ARG E 70 5.62 -27.65 1.18
CA ARG E 70 6.52 -26.91 0.29
C ARG E 70 6.90 -25.54 0.84
N GLU E 71 5.94 -24.79 1.37
CA GLU E 71 6.26 -23.48 1.93
C GLU E 71 7.18 -23.61 3.14
N PHE E 72 6.94 -24.59 4.01
CA PHE E 72 7.83 -24.81 5.14
C PHE E 72 9.23 -25.16 4.68
N HIS E 73 9.35 -25.98 3.64
CA HIS E 73 10.65 -26.41 3.14
C HIS E 73 11.41 -25.23 2.55
N HIS E 74 10.71 -24.36 1.83
CA HIS E 74 11.34 -23.16 1.29
C HIS E 74 11.71 -22.18 2.40
N ARG E 75 10.97 -22.20 3.51
CA ARG E 75 11.34 -21.40 4.67
C ARG E 75 12.57 -21.97 5.38
N VAL E 76 12.78 -23.29 5.28
CA VAL E 76 14.02 -23.87 5.80
C VAL E 76 15.22 -23.43 4.95
N GLY E 77 15.01 -23.20 3.67
CA GLY E 77 16.08 -22.72 2.80
C GLY E 77 17.04 -23.80 2.36
N ASP E 78 18.33 -23.48 2.31
CA ASP E 78 19.35 -24.42 1.87
C ASP E 78 19.64 -25.41 3.00
N PHE E 79 18.99 -26.56 2.95
CA PHE E 79 19.25 -27.61 3.92
C PHE E 79 20.67 -28.16 3.73
N PRO E 80 21.42 -28.37 4.81
CA PRO E 80 22.78 -28.89 4.67
C PRO E 80 22.79 -30.26 3.98
N VAL E 81 23.81 -30.47 3.15
CA VAL E 81 23.97 -31.75 2.47
C VAL E 81 24.27 -32.86 3.48
N THR E 82 25.07 -32.55 4.50
CA THR E 82 25.39 -33.55 5.52
C THR E 82 24.13 -34.02 6.26
N SER E 83 23.22 -33.10 6.56
CA SER E 83 21.96 -33.48 7.18
C SER E 83 21.12 -34.31 6.22
N ASP E 84 20.32 -35.20 6.78
CA ASP E 84 19.57 -36.18 6.01
C ASP E 84 18.10 -35.80 5.98
N LEU E 85 17.56 -35.59 4.78
CA LEU E 85 16.13 -35.38 4.57
C LEU E 85 15.56 -36.65 3.95
N LYS E 86 14.70 -37.35 4.69
CA LYS E 86 14.24 -38.67 4.31
C LYS E 86 12.74 -38.65 4.07
N CYS E 87 12.32 -39.08 2.89
CA CYS E 87 10.91 -39.08 2.50
C CYS E 87 10.40 -40.51 2.39
N SER E 88 9.17 -40.74 2.85
CA SER E 88 8.60 -42.08 2.84
C SER E 88 8.23 -42.53 1.44
N HIS E 89 7.74 -41.61 0.60
CA HIS E 89 7.28 -41.92 -0.75
C HIS E 89 6.20 -43.01 -0.72
N ASN E 90 5.32 -42.93 0.27
CA ASN E 90 4.36 -43.99 0.57
C ASN E 90 2.97 -43.39 0.68
N THR E 91 2.00 -44.02 0.03
CA THR E 91 0.65 -43.48 0.01
C THR E 91 0.01 -43.51 1.38
N SER E 92 0.24 -44.57 2.17
CA SER E 92 -0.41 -44.72 3.46
C SER E 92 0.40 -44.07 4.59
N TYR E 93 1.63 -44.54 4.79
CA TYR E 93 2.49 -44.02 5.85
C TYR E 93 3.32 -42.87 5.29
N ARG E 94 2.81 -41.66 5.44
CA ARG E 94 3.39 -40.49 4.79
C ARG E 94 4.16 -39.69 5.82
N VAL E 95 5.49 -39.68 5.69
CA VAL E 95 6.38 -39.12 6.71
C VAL E 95 7.58 -38.53 6.00
N ILE E 96 7.91 -37.28 6.34
CA ILE E 96 9.14 -36.63 5.90
C ILE E 96 9.95 -36.21 7.12
N GLU E 97 11.15 -36.78 7.27
CA GLU E 97 11.95 -36.65 8.48
C GLU E 97 13.19 -35.82 8.17
N TYR E 98 13.36 -34.73 8.92
CA TYR E 98 14.52 -33.86 8.81
C TYR E 98 15.46 -34.17 9.97
N GLU E 99 16.75 -34.35 9.68
CA GLU E 99 17.72 -34.61 10.73
C GLU E 99 18.15 -33.28 11.35
N VAL E 100 17.92 -33.11 12.64
CA VAL E 100 18.28 -31.86 13.33
C VAL E 100 19.73 -32.00 13.75
N THR E 101 20.62 -31.79 12.78
CA THR E 101 22.05 -31.73 13.07
C THR E 101 22.41 -30.33 13.59
N LYS E 102 23.63 -30.22 14.12
CA LYS E 102 24.09 -28.94 14.64
C LYS E 102 24.08 -27.87 13.55
N GLU E 103 24.49 -28.24 12.33
CA GLU E 103 24.48 -27.29 11.22
C GLU E 103 23.07 -26.96 10.77
N SER E 104 22.16 -27.94 10.81
CA SER E 104 20.80 -27.75 10.32
C SER E 104 19.86 -27.14 11.35
N LEU E 105 20.22 -27.20 12.64
CA LEU E 105 19.32 -26.73 13.69
C LEU E 105 18.92 -25.26 13.55
N PRO E 106 19.81 -24.32 13.21
CA PRO E 106 19.35 -22.92 13.07
C PRO E 106 18.23 -22.73 12.06
N ARG E 107 18.35 -23.32 10.85
CA ARG E 107 17.32 -23.12 9.84
C ARG E 107 16.01 -23.77 10.25
N LEU E 108 16.06 -24.99 10.77
CA LEU E 108 14.84 -25.68 11.15
C LEU E 108 14.15 -24.97 12.31
N GLN E 109 14.93 -24.44 13.25
CA GLN E 109 14.35 -23.68 14.35
C GLN E 109 13.75 -22.36 13.86
N GLU E 110 14.46 -21.66 12.96
CA GLU E 110 13.92 -20.42 12.40
C GLU E 110 12.71 -20.65 11.52
N ALA E 111 12.43 -21.90 11.13
CA ALA E 111 11.21 -22.18 10.40
C ALA E 111 10.08 -22.60 11.34
N VAL E 112 10.36 -23.52 12.26
CA VAL E 112 9.31 -23.95 13.19
C VAL E 112 8.89 -22.79 14.08
N SER E 113 9.81 -21.88 14.44
CA SER E 113 9.42 -20.72 15.23
C SER E 113 8.62 -19.72 14.41
N THR E 114 8.65 -19.85 13.08
CA THR E 114 7.75 -19.06 12.25
C THR E 114 6.37 -19.70 12.24
N LEU E 115 6.33 -21.03 12.22
CA LEU E 115 5.04 -21.72 12.21
C LEU E 115 4.53 -22.00 13.62
N PHE E 116 5.36 -22.63 14.46
CA PHE E 116 4.95 -23.06 15.80
C PHE E 116 5.95 -22.49 16.81
N PRO E 117 5.70 -21.30 17.34
CA PRO E 117 6.71 -20.65 18.19
C PRO E 117 7.10 -21.44 19.43
N ASP E 118 6.24 -22.32 19.93
CA ASP E 118 6.54 -23.07 21.14
C ASP E 118 7.19 -24.41 20.88
N LEU E 119 7.47 -24.76 19.63
CA LEU E 119 8.18 -25.98 19.30
C LEU E 119 9.68 -25.69 19.30
N HIS E 120 10.38 -26.18 20.32
CA HIS E 120 11.82 -25.94 20.48
C HIS E 120 12.58 -27.17 20.00
N LEU E 121 13.11 -27.09 18.79
CA LEU E 121 13.88 -28.20 18.24
C LEU E 121 15.21 -28.36 18.97
N SER E 122 15.63 -29.61 19.13
CA SER E 122 16.86 -29.92 19.85
C SER E 122 17.75 -30.81 18.98
N GLU E 123 19.06 -30.70 19.20
CA GLU E 123 20.02 -31.45 18.42
C GLU E 123 19.90 -32.94 18.70
N ASP E 124 20.31 -33.75 17.70
CA ASP E 124 20.33 -35.21 17.81
C ASP E 124 18.91 -35.79 17.78
N ARG E 125 18.03 -35.16 16.99
CA ARG E 125 16.64 -35.57 16.90
C ARG E 125 16.20 -35.44 15.44
N PHE E 126 14.91 -35.70 15.20
CA PHE E 126 14.36 -35.61 13.86
C PHE E 126 13.02 -34.91 13.91
N LEU E 127 12.74 -34.13 12.87
CA LEU E 127 11.48 -33.44 12.70
C LEU E 127 10.67 -34.22 11.67
N GLN E 128 9.69 -34.98 12.14
CA GLN E 128 8.83 -35.79 11.28
C GLN E 128 7.56 -35.01 10.96
N ILE E 129 7.34 -34.76 9.67
CA ILE E 129 6.10 -34.20 9.17
C ILE E 129 5.28 -35.37 8.64
N GLN E 130 4.21 -35.71 9.36
CA GLN E 130 3.38 -36.87 9.03
C GLN E 130 2.04 -36.39 8.49
N ALA E 131 1.72 -36.84 7.27
CA ALA E 131 0.45 -36.49 6.64
C ALA E 131 -0.69 -37.38 7.10
N HIS E 132 -1.83 -36.77 7.39
CA HIS E 132 -3.04 -37.46 7.80
C HIS E 132 -4.23 -36.92 7.01
N ASP E 133 -4.96 -37.81 6.34
CA ASP E 133 -6.11 -37.43 5.55
C ASP E 133 -7.41 -37.37 6.35
N ASP E 134 -7.36 -37.61 7.66
CA ASP E 134 -8.57 -37.61 8.48
C ASP E 134 -8.43 -36.88 9.81
N LYS E 135 -7.24 -36.42 10.18
CA LYS E 135 -7.04 -35.80 11.49
C LYS E 135 -7.58 -34.36 11.47
N ASN E 136 -8.53 -34.07 12.36
CA ASN E 136 -9.08 -32.72 12.50
C ASN E 136 -8.31 -32.01 13.61
N CYS E 137 -7.35 -31.17 13.21
CA CYS E 137 -6.54 -30.45 14.18
C CYS E 137 -7.34 -29.30 14.79
N THR E 138 -7.01 -28.97 16.03
CA THR E 138 -7.77 -28.02 16.84
C THR E 138 -6.95 -26.76 17.05
N GLY E 139 -7.56 -25.61 16.76
CA GLY E 139 -6.88 -24.34 16.86
C GLY E 139 -6.45 -23.73 15.55
N LEU E 140 -7.11 -24.09 14.46
CA LEU E 140 -6.64 -23.74 13.12
C LEU E 140 -6.87 -22.26 12.83
N HIS E 141 -5.79 -21.52 12.60
CA HIS E 141 -5.87 -20.14 12.17
C HIS E 141 -4.96 -19.90 10.97
N PRO E 142 -5.42 -19.16 9.96
CA PRO E 142 -4.58 -18.87 8.80
C PRO E 142 -3.36 -18.01 9.09
N LEU E 143 -3.32 -17.31 10.23
CA LEU E 143 -2.32 -16.26 10.46
C LEU E 143 -0.90 -16.77 10.24
N ASN E 144 -0.54 -17.90 10.87
CA ASN E 144 0.83 -18.37 10.80
C ASN E 144 1.23 -18.77 9.38
N TYR E 145 0.30 -19.33 8.60
CA TYR E 145 0.64 -19.70 7.23
C TYR E 145 0.85 -18.47 6.35
N LEU E 146 0.05 -17.42 6.59
CA LEU E 146 0.26 -16.17 5.84
C LEU E 146 1.57 -15.53 6.23
N ARG E 147 1.94 -15.61 7.52
CA ARG E 147 3.26 -15.16 7.94
C ARG E 147 4.37 -15.95 7.24
N LEU E 148 4.18 -17.26 7.12
CA LEU E 148 5.15 -18.09 6.41
C LEU E 148 5.29 -17.65 4.96
N LEU E 149 4.16 -17.41 4.29
CA LEU E 149 4.20 -17.00 2.90
C LEU E 149 4.89 -15.65 2.74
N LYS E 150 4.61 -14.71 3.63
CA LYS E 150 5.22 -13.39 3.53
C LYS E 150 6.71 -13.45 3.81
N GLU E 151 7.12 -14.24 4.81
CA GLU E 151 8.54 -14.42 5.08
C GLU E 151 9.25 -15.08 3.91
N ASN E 152 8.58 -16.02 3.25
CA ASN E 152 9.20 -16.68 2.10
C ASN E 152 9.34 -15.71 0.93
N SER E 153 8.35 -14.85 0.72
CA SER E 153 8.39 -13.93 -0.40
C SER E 153 9.40 -12.81 -0.19
N GLU E 154 9.50 -12.29 1.04
CA GLU E 154 10.36 -11.15 1.30
C GLU E 154 11.78 -11.52 1.70
N THR E 155 11.96 -12.53 2.55
CA THR E 155 13.26 -12.82 3.15
C THR E 155 13.78 -14.18 2.69
N HIS E 156 13.55 -14.52 1.42
CA HIS E 156 14.11 -15.75 0.87
C HIS E 156 15.64 -15.68 0.78
N TYR E 157 16.19 -14.49 0.51
CA TYR E 157 17.64 -14.36 0.35
C TYR E 157 18.38 -14.73 1.63
N LYS E 158 17.93 -14.20 2.77
CA LYS E 158 18.65 -14.36 4.03
C LYS E 158 18.74 -15.81 4.48
N VAL E 159 17.91 -16.70 3.93
CA VAL E 159 17.88 -18.09 4.37
C VAL E 159 18.64 -19.00 3.41
N ARG E 160 19.35 -18.41 2.45
CA ARG E 160 20.18 -19.15 1.50
C ARG E 160 21.63 -19.10 1.94
N LYS E 161 22.40 -20.10 1.52
CA LYS E 161 23.79 -20.22 1.94
C LYS E 161 24.62 -19.03 1.44
N LEU E 162 25.58 -18.63 2.25
CA LEU E 162 26.38 -17.44 1.98
C LEU E 162 27.63 -17.74 1.15
N MET E 163 27.89 -19.00 0.83
CA MET E 163 29.01 -19.36 -0.04
C MET E 163 28.79 -20.71 -0.70
N VAL F 5 -36.44 9.80 19.82
CA VAL F 5 -35.79 10.20 21.06
C VAL F 5 -34.30 10.46 20.83
N ALA F 6 -33.88 10.31 19.57
CA ALA F 6 -32.48 10.52 19.23
C ALA F 6 -32.05 11.96 19.49
N VAL F 7 -32.94 12.92 19.23
CA VAL F 7 -32.62 14.33 19.42
C VAL F 7 -32.27 14.60 20.88
N PHE F 8 -33.12 14.13 21.80
CA PHE F 8 -32.88 14.37 23.22
C PHE F 8 -31.63 13.64 23.71
N GLN F 9 -31.40 12.42 23.22
CA GLN F 9 -30.30 11.60 23.73
C GLN F 9 -28.93 12.22 23.42
N ALA F 10 -28.76 12.75 22.22
CA ALA F 10 -27.47 13.34 21.84
C ALA F 10 -27.15 14.60 22.62
N ILE F 11 -28.16 15.34 23.09
CA ILE F 11 -27.93 16.66 23.67
C ILE F 11 -26.98 16.63 24.88
N PRO F 12 -27.14 15.75 25.87
CA PRO F 12 -26.26 15.81 27.05
C PRO F 12 -24.78 15.64 26.75
N GLU F 13 -24.42 14.84 25.75
CA GLU F 13 -23.01 14.49 25.54
C GLU F 13 -22.16 15.72 25.23
N ILE F 14 -22.67 16.65 24.41
CA ILE F 14 -21.83 17.72 23.90
C ILE F 14 -22.44 19.09 24.15
N LEU F 15 -23.10 19.26 25.30
CA LEU F 15 -23.60 20.58 25.67
C LEU F 15 -22.49 21.54 26.07
N ASN F 16 -21.28 21.04 26.31
CA ASN F 16 -20.19 21.88 26.78
C ASN F 16 -19.83 22.96 25.76
N GLU F 17 -19.80 22.60 24.48
CA GLU F 17 -19.35 23.53 23.44
C GLU F 17 -20.22 24.78 23.41
N ALA F 18 -19.54 25.93 23.30
CA ALA F 18 -20.23 27.22 23.39
C ALA F 18 -21.25 27.38 22.26
N ILE F 19 -20.84 27.07 21.02
CA ILE F 19 -21.72 27.19 19.86
C ILE F 19 -23.07 26.54 20.14
N ASN F 20 -23.04 25.34 20.72
CA ASN F 20 -24.29 24.62 20.98
C ASN F 20 -25.16 25.36 21.99
N ILE F 21 -24.54 25.92 23.03
CA ILE F 21 -25.30 26.69 24.01
C ILE F 21 -25.89 27.94 23.38
N VAL F 22 -25.11 28.62 22.54
CA VAL F 22 -25.60 29.84 21.87
C VAL F 22 -26.79 29.53 20.99
N ILE F 23 -26.72 28.42 20.25
CA ILE F 23 -27.82 28.04 19.36
C ILE F 23 -29.09 27.76 20.16
N ILE F 24 -28.95 27.01 21.27
CA ILE F 24 -30.12 26.62 22.05
C ILE F 24 -30.77 27.84 22.67
N VAL F 25 -29.97 28.81 23.14
CA VAL F 25 -30.53 30.02 23.73
C VAL F 25 -31.34 30.79 22.70
N ILE F 26 -30.87 30.82 21.45
CA ILE F 26 -31.61 31.52 20.40
C ILE F 26 -32.94 30.83 20.13
N ILE F 27 -32.95 29.50 20.11
CA ILE F 27 -34.19 28.76 19.88
C ILE F 27 -35.20 29.04 20.97
N MET F 28 -34.75 29.07 22.23
CA MET F 28 -35.66 29.30 23.35
C MET F 28 -36.30 30.68 23.27
N PHE F 29 -35.52 31.70 22.90
CA PHE F 29 -36.06 33.05 22.78
C PHE F 29 -37.10 33.15 21.66
N THR F 30 -36.93 32.35 20.59
CA THR F 30 -37.92 32.34 19.52
C THR F 30 -39.26 31.81 20.02
N LEU F 31 -39.24 30.74 20.82
CA LEU F 31 -40.48 30.24 21.42
C LEU F 31 -41.11 31.28 22.34
N ILE F 32 -40.30 32.08 23.02
CA ILE F 32 -40.84 33.09 23.93
C ILE F 32 -41.60 34.16 23.15
N LYS F 33 -41.07 34.56 21.99
CA LYS F 33 -41.80 35.51 21.15
C LYS F 33 -43.10 34.92 20.64
N GLY F 34 -43.11 33.62 20.33
CA GLY F 34 -44.35 32.96 19.97
C GLY F 34 -45.38 33.01 21.07
N VAL F 35 -44.95 32.79 22.32
CA VAL F 35 -45.86 32.89 23.45
C VAL F 35 -46.39 34.31 23.59
N PHE F 36 -45.55 35.31 23.29
CA PHE F 36 -45.97 36.70 23.42
C PHE F 36 -47.10 37.03 22.47
N ASN F 37 -47.05 36.51 21.24
CA ASN F 37 -48.13 36.71 20.30
C ASN F 37 -49.44 36.13 20.84
N LEU F 38 -49.39 34.89 21.34
CA LEU F 38 -50.57 34.23 21.89
C LEU F 38 -51.22 35.04 23.01
N VAL G 5 -8.66 37.89 16.10
CA VAL G 5 -8.35 38.64 14.90
C VAL G 5 -8.28 37.71 13.70
N ALA G 6 -8.55 36.42 13.93
CA ALA G 6 -8.50 35.44 12.85
C ALA G 6 -9.55 35.73 11.79
N VAL G 7 -10.73 36.20 12.22
CA VAL G 7 -11.81 36.47 11.28
C VAL G 7 -11.39 37.55 10.27
N PHE G 8 -10.83 38.65 10.77
CA PHE G 8 -10.41 39.73 9.89
C PHE G 8 -9.25 39.31 8.99
N GLN G 9 -8.31 38.53 9.52
CA GLN G 9 -7.10 38.18 8.77
C GLN G 9 -7.41 37.34 7.54
N ALA G 10 -8.32 36.37 7.68
CA ALA G 10 -8.65 35.50 6.55
C ALA G 10 -9.38 36.22 5.42
N ILE G 11 -10.09 37.31 5.74
CA ILE G 11 -10.97 37.94 4.74
C ILE G 11 -10.23 38.41 3.50
N PRO G 12 -9.09 39.12 3.59
CA PRO G 12 -8.45 39.63 2.36
C PRO G 12 -8.04 38.56 1.36
N GLU G 13 -7.62 37.39 1.83
CA GLU G 13 -7.05 36.38 0.93
C GLU G 13 -8.03 35.93 -0.14
N ILE G 14 -9.30 35.74 0.22
CA ILE G 14 -10.23 35.09 -0.70
C ILE G 14 -11.50 35.91 -0.90
N LEU G 15 -11.37 37.24 -0.91
CA LEU G 15 -12.52 38.09 -1.22
C LEU G 15 -12.91 38.04 -2.70
N ASN G 16 -12.06 37.47 -3.55
CA ASN G 16 -12.34 37.46 -4.99
C ASN G 16 -13.59 36.65 -5.31
N GLU G 17 -13.78 35.52 -4.65
CA GLU G 17 -14.89 34.62 -4.97
C GLU G 17 -16.23 35.32 -4.79
N ALA G 18 -17.12 35.12 -5.77
CA ALA G 18 -18.40 35.83 -5.80
C ALA G 18 -19.24 35.48 -4.58
N ILE G 19 -19.35 34.19 -4.27
CA ILE G 19 -20.15 33.73 -3.13
C ILE G 19 -19.81 34.53 -1.87
N ASN G 20 -18.52 34.75 -1.63
CA ASN G 20 -18.11 35.48 -0.43
C ASN G 20 -18.59 36.93 -0.47
N ILE G 21 -18.50 37.57 -1.63
CA ILE G 21 -18.99 38.94 -1.77
C ILE G 21 -20.49 38.99 -1.55
N VAL G 22 -21.23 38.04 -2.12
CA VAL G 22 -22.68 38.01 -1.97
C VAL G 22 -23.07 37.87 -0.50
N ILE G 23 -22.38 36.98 0.22
CA ILE G 23 -22.67 36.76 1.63
C ILE G 23 -22.43 38.04 2.43
N ILE G 24 -21.30 38.70 2.19
CA ILE G 24 -20.95 39.90 2.96
C ILE G 24 -21.95 41.01 2.71
N VAL G 25 -22.41 41.17 1.46
CA VAL G 25 -23.38 42.21 1.15
C VAL G 25 -24.69 41.96 1.90
N ILE G 26 -25.08 40.69 2.04
CA ILE G 26 -26.31 40.38 2.78
C ILE G 26 -26.16 40.72 4.25
N ILE G 27 -24.98 40.43 4.83
CA ILE G 27 -24.75 40.74 6.23
C ILE G 27 -24.82 42.24 6.47
N MET G 28 -24.24 43.03 5.57
CA MET G 28 -24.23 44.49 5.74
C MET G 28 -25.64 45.06 5.71
N PHE G 29 -26.49 44.56 4.80
CA PHE G 29 -27.86 45.03 4.72
C PHE G 29 -28.66 44.68 5.97
N THR G 30 -28.34 43.56 6.62
CA THR G 30 -29.01 43.20 7.87
C THR G 30 -28.70 44.22 8.96
N LEU G 31 -27.42 44.63 9.07
CA LEU G 31 -27.07 45.69 10.02
C LEU G 31 -27.78 46.99 9.72
N ILE G 32 -28.00 47.29 8.43
CA ILE G 32 -28.68 48.53 8.06
C ILE G 32 -30.11 48.53 8.55
N LYS G 33 -30.81 47.38 8.44
CA LYS G 33 -32.16 47.29 8.97
C LYS G 33 -32.18 47.45 10.48
N GLY G 34 -31.16 46.91 11.17
CA GLY G 34 -31.04 47.14 12.60
C GLY G 34 -30.91 48.61 12.95
N VAL G 35 -30.11 49.35 12.17
CA VAL G 35 -29.99 50.79 12.38
C VAL G 35 -31.32 51.48 12.15
N PHE G 36 -32.10 51.00 11.17
CA PHE G 36 -33.38 51.62 10.86
C PHE G 36 -34.35 51.52 12.04
N ASN G 37 -34.36 50.37 12.73
CA ASN G 37 -35.19 50.22 13.92
C ASN G 37 -34.80 51.24 14.98
N LEU G 38 -33.50 51.37 15.26
CA LEU G 38 -33.01 52.30 16.26
C LEU G 38 -33.45 53.74 15.97
N LYS H 1 -14.73 -2.08 -4.38
CA LYS H 1 -15.67 -2.75 -3.49
C LYS H 1 -14.94 -3.64 -2.48
N LEU H 2 -15.59 -3.90 -1.34
CA LEU H 2 -14.96 -4.71 -0.31
C LEU H 2 -14.81 -6.17 -0.74
N PHE H 3 -15.82 -6.70 -1.42
CA PHE H 3 -15.87 -8.13 -1.74
C PHE H 3 -15.53 -8.34 -3.20
N GLN H 4 -14.23 -8.20 -3.49
CA GLN H 4 -13.75 -8.34 -4.86
C GLN H 4 -13.86 -9.79 -5.36
N TRP H 5 -13.50 -10.75 -4.51
CA TRP H 5 -13.37 -12.13 -4.97
C TRP H 5 -14.72 -12.78 -5.23
N SER H 6 -15.67 -12.63 -4.32
CA SER H 6 -16.96 -13.30 -4.44
C SER H 6 -17.90 -12.44 -5.28
N LEU H 7 -18.29 -12.96 -6.44
CA LEU H 7 -19.12 -12.23 -7.39
C LEU H 7 -20.18 -13.16 -7.96
N SER H 8 -21.23 -12.56 -8.50
CA SER H 8 -22.31 -13.33 -9.12
C SER H 8 -22.08 -13.47 -10.62
N HIS H 19 -21.80 -13.35 4.35
CA HIS H 19 -21.30 -13.20 5.72
C HIS H 19 -22.38 -13.59 6.73
N CYS H 20 -23.54 -12.93 6.67
CA CYS H 20 -24.63 -13.26 7.58
C CYS H 20 -25.21 -14.63 7.28
N LEU H 21 -25.44 -14.95 6.01
CA LEU H 21 -26.01 -16.24 5.65
C LEU H 21 -25.06 -17.37 6.00
N GLU H 22 -23.76 -17.17 5.80
CA GLU H 22 -22.75 -18.20 6.06
C GLU H 22 -22.21 -18.16 7.48
N ARG H 23 -22.65 -17.21 8.30
CA ARG H 23 -22.28 -17.14 9.71
C ARG H 23 -20.76 -17.02 9.88
N TRP H 24 -20.17 -16.08 9.16
CA TRP H 24 -18.72 -15.87 9.24
C TRP H 24 -18.29 -15.45 10.63
N LEU H 25 -19.12 -14.65 11.32
CA LEU H 25 -18.76 -14.08 12.60
C LEU H 25 -19.50 -14.79 13.73
N ILE H 26 -18.79 -15.08 14.81
CA ILE H 26 -19.34 -15.72 16.00
C ILE H 26 -19.36 -14.70 17.12
N PHE H 27 -20.53 -14.52 17.74
CA PHE H 27 -20.71 -13.55 18.82
C PHE H 27 -21.15 -14.27 20.09
N ALA H 28 -20.57 -13.87 21.21
CA ALA H 28 -20.98 -14.38 22.51
C ALA H 28 -22.13 -13.59 23.11
N SER H 29 -22.56 -12.51 22.46
CA SER H 29 -23.57 -11.60 22.97
C SER H 29 -24.98 -11.93 22.50
N ASP H 30 -25.15 -12.99 21.72
CA ASP H 30 -26.39 -13.50 21.11
C ASP H 30 -26.75 -12.79 19.80
N ILE H 31 -26.00 -11.76 19.39
CA ILE H 31 -26.21 -11.18 18.07
C ILE H 31 -25.67 -12.15 17.02
N LYS H 32 -26.45 -12.35 15.95
CA LYS H 32 -26.07 -13.34 14.94
C LYS H 32 -25.46 -12.74 13.68
N CYS H 33 -25.65 -11.44 13.42
CA CYS H 33 -25.13 -10.85 12.20
C CYS H 33 -24.93 -9.35 12.37
N PHE H 34 -24.20 -8.76 11.44
CA PHE H 34 -24.04 -7.32 11.32
C PHE H 34 -24.80 -6.81 10.11
N ASP H 35 -25.31 -5.59 10.24
CA ASP H 35 -26.05 -4.99 9.14
C ASP H 35 -25.08 -4.68 8.00
N ASN H 36 -25.62 -4.62 6.78
CA ASN H 36 -24.78 -4.42 5.60
C ASN H 36 -23.89 -3.19 5.72
N ALA H 37 -24.36 -2.13 6.38
CA ALA H 37 -23.54 -0.94 6.57
C ALA H 37 -22.30 -1.23 7.42
N ALA H 38 -22.43 -2.10 8.43
CA ALA H 38 -21.28 -2.46 9.24
C ALA H 38 -20.18 -3.11 8.40
N ILE H 39 -20.57 -3.94 7.44
CA ILE H 39 -19.56 -4.57 6.59
C ILE H 39 -19.05 -3.57 5.56
N ALA H 40 -19.94 -2.69 5.07
CA ALA H 40 -19.54 -1.63 4.17
C ALA H 40 -18.47 -0.73 4.78
N LYS H 41 -18.49 -0.54 6.09
CA LYS H 41 -17.51 0.30 6.78
C LYS H 41 -16.05 -0.13 6.54
N CYS H 42 -15.85 -1.23 5.82
CA CYS H 42 -14.52 -1.73 5.50
C CYS H 42 -14.15 -1.55 4.02
N ASN H 43 -15.04 -0.97 3.21
CA ASN H 43 -14.80 -0.89 1.78
C ASN H 43 -13.46 -0.22 1.47
N LYS H 44 -13.15 0.87 2.17
CA LYS H 44 -11.91 1.60 1.98
C LYS H 44 -10.99 1.52 3.19
N GLU H 45 -11.21 0.55 4.07
CA GLU H 45 -10.43 0.39 5.30
C GLU H 45 -9.45 -0.77 5.11
N HIS H 46 -8.23 -0.45 4.70
CA HIS H 46 -7.16 -1.44 4.60
C HIS H 46 -6.22 -1.46 5.79
N ASP H 47 -6.46 -0.63 6.82
CA ASP H 47 -5.60 -0.56 7.99
C ASP H 47 -6.21 -1.21 9.22
N GLU H 48 -7.28 -1.98 9.07
CA GLU H 48 -7.88 -2.72 10.18
C GLU H 48 -7.95 -4.21 9.84
N GLU H 49 -7.55 -5.04 10.80
CA GLU H 49 -7.43 -6.47 10.55
C GLU H 49 -8.77 -7.20 10.48
N PHE H 50 -9.82 -6.65 11.08
CA PHE H 50 -11.16 -7.24 10.92
C PHE H 50 -11.59 -7.23 9.46
N CYS H 51 -11.36 -6.11 8.77
CA CYS H 51 -11.67 -6.04 7.35
C CYS H 51 -10.76 -6.96 6.54
N ASP H 52 -9.50 -7.11 6.96
CA ASP H 52 -8.59 -8.04 6.29
C ASP H 52 -9.12 -9.48 6.40
N MET H 53 -9.64 -9.83 7.57
CA MET H 53 -10.21 -11.16 7.72
C MET H 53 -11.47 -11.31 6.88
N LEU H 54 -12.23 -10.23 6.72
CA LEU H 54 -13.37 -10.26 5.82
C LEU H 54 -12.94 -10.52 4.37
N ARG H 55 -11.84 -9.88 3.94
CA ARG H 55 -11.31 -10.16 2.60
C ARG H 55 -10.86 -11.61 2.49
N LEU H 56 -10.26 -12.15 3.55
CA LEU H 56 -9.84 -13.55 3.54
C LEU H 56 -11.03 -14.49 3.42
N PHE H 57 -12.12 -14.20 4.13
CA PHE H 57 -13.31 -15.04 4.03
C PHE H 57 -13.96 -14.92 2.65
N ASP H 58 -13.95 -13.72 2.07
CA ASP H 58 -14.47 -13.55 0.72
C ASP H 58 -13.66 -14.36 -0.29
N TYR H 59 -12.32 -14.30 -0.17
CA TYR H 59 -11.47 -15.11 -1.05
C TYR H 59 -11.68 -16.59 -0.82
N ASN H 60 -11.95 -16.99 0.43
CA ASN H 60 -12.24 -18.39 0.71
C ASN H 60 -13.51 -18.84 0.01
N LYS H 61 -14.57 -18.01 0.06
CA LYS H 61 -15.79 -18.34 -0.66
C LYS H 61 -15.55 -18.43 -2.16
N ALA H 62 -14.77 -17.49 -2.71
CA ALA H 62 -14.50 -17.51 -4.14
C ALA H 62 -13.70 -18.74 -4.55
N SER H 63 -12.73 -19.15 -3.73
CA SER H 63 -11.92 -20.31 -4.05
C SER H 63 -12.65 -21.61 -3.81
N ILE H 64 -13.62 -21.63 -2.89
CA ILE H 64 -14.48 -22.79 -2.74
C ILE H 64 -15.38 -22.94 -3.95
N ALA H 65 -15.85 -21.82 -4.50
CA ALA H 65 -16.75 -21.89 -5.65
C ALA H 65 -16.00 -22.23 -6.94
N LYS H 66 -14.97 -21.44 -7.27
CA LYS H 66 -14.31 -21.53 -8.57
C LYS H 66 -13.16 -22.53 -8.62
N LEU H 67 -12.65 -22.99 -7.48
CA LEU H 67 -11.52 -23.92 -7.45
C LEU H 67 -11.86 -25.21 -6.71
N ARG H 68 -13.12 -25.65 -6.78
CA ARG H 68 -13.49 -26.90 -6.12
C ARG H 68 -12.87 -28.12 -6.77
N GLY H 69 -12.45 -28.02 -8.04
CA GLY H 69 -11.91 -29.15 -8.75
C GLY H 69 -10.59 -29.68 -8.22
N GLU H 70 -9.56 -28.84 -8.20
CA GLU H 70 -8.22 -29.23 -7.79
C GLU H 70 -7.89 -28.54 -6.48
N ALA H 71 -7.56 -29.33 -5.46
CA ALA H 71 -7.11 -28.79 -4.18
C ALA H 71 -5.67 -28.32 -4.22
N SER H 72 -4.86 -28.84 -5.15
CA SER H 72 -3.46 -28.41 -5.24
C SER H 72 -3.36 -26.94 -5.63
N SER H 73 -4.15 -26.52 -6.63
CA SER H 73 -4.12 -25.13 -7.07
C SER H 73 -4.61 -24.18 -5.98
N SER H 74 -5.56 -24.62 -5.16
CA SER H 74 -6.13 -23.74 -4.14
C SER H 74 -5.09 -23.25 -3.15
N ILE H 75 -3.97 -23.95 -3.00
CA ILE H 75 -2.88 -23.50 -2.14
C ILE H 75 -1.60 -23.23 -2.92
N ASN H 76 -1.52 -23.59 -4.21
CA ASN H 76 -0.38 -23.21 -5.03
C ASN H 76 -0.53 -21.80 -5.59
N LEU H 77 -1.66 -21.14 -5.34
CA LEU H 77 -1.93 -19.80 -5.81
C LEU H 77 -1.70 -18.74 -4.74
N LEU H 78 -1.61 -19.14 -3.48
CA LEU H 78 -1.43 -18.22 -2.36
C LEU H 78 0.03 -17.85 -2.12
N SER H 79 0.94 -18.26 -3.01
CA SER H 79 2.36 -18.01 -2.85
C SER H 79 2.69 -16.75 -3.64
N GLY H 80 3.09 -15.69 -2.94
CA GLY H 80 3.39 -14.43 -3.59
C GLY H 80 2.18 -13.65 -4.03
N ARG H 81 0.97 -14.04 -3.59
CA ARG H 81 -0.26 -13.35 -3.96
C ARG H 81 -1.11 -12.97 -2.76
N ILE H 82 -0.54 -12.96 -1.56
CA ILE H 82 -1.35 -12.60 -0.40
C ILE H 82 -1.61 -11.10 -0.33
N ASN H 83 -0.68 -10.28 -0.84
CA ASN H 83 -0.88 -8.84 -0.82
C ASN H 83 -2.09 -8.42 -1.65
N ALA H 84 -2.56 -9.29 -2.55
CA ALA H 84 -3.80 -9.02 -3.27
C ALA H 84 -5.02 -9.18 -2.38
N ILE H 85 -5.00 -10.17 -1.48
CA ILE H 85 -6.15 -10.45 -0.63
C ILE H 85 -6.12 -9.62 0.64
N ILE H 86 -4.97 -9.54 1.31
CA ILE H 86 -4.84 -8.86 2.59
C ILE H 86 -3.67 -7.89 2.53
N SER H 87 -3.66 -6.96 3.48
CA SER H 87 -2.58 -5.98 3.56
C SER H 87 -1.31 -6.63 4.08
N ASP H 88 -0.23 -6.53 3.30
CA ASP H 88 1.07 -7.03 3.75
C ASP H 88 1.58 -6.23 4.95
N THR H 89 1.33 -4.92 4.95
CA THR H 89 1.84 -4.06 6.03
C THR H 89 1.32 -4.52 7.38
N LEU H 90 0.03 -4.87 7.47
CA LEU H 90 -0.55 -5.22 8.75
C LEU H 90 0.01 -6.55 9.25
N LEU H 91 0.14 -7.53 8.35
CA LEU H 91 0.70 -8.82 8.73
C LEU H 91 2.15 -8.69 9.18
N MET H 92 2.94 -7.90 8.46
CA MET H 92 4.34 -7.73 8.84
C MET H 92 4.49 -6.91 10.12
N ARG H 93 3.60 -5.95 10.34
CA ARG H 93 3.60 -5.23 11.61
C ARG H 93 3.28 -6.16 12.77
N SER H 94 2.30 -7.05 12.57
CA SER H 94 1.97 -8.02 13.60
C SER H 94 3.16 -8.93 13.89
N SER H 95 3.82 -9.42 12.84
CA SER H 95 4.97 -10.31 13.03
C SER H 95 6.10 -9.59 13.74
N LEU H 96 6.39 -8.36 13.36
CA LEU H 96 7.48 -7.61 13.97
C LEU H 96 7.17 -7.30 15.44
N LYS H 97 5.96 -6.83 15.73
CA LYS H 97 5.58 -6.57 17.12
C LYS H 97 5.63 -7.84 17.95
N ARG H 98 5.23 -8.98 17.38
CA ARG H 98 5.32 -10.25 18.10
C ARG H 98 6.76 -10.60 18.41
N LEU H 99 7.66 -10.42 17.43
CA LEU H 99 9.06 -10.75 17.65
C LEU H 99 9.76 -9.77 18.59
N MET H 100 9.25 -8.55 18.72
CA MET H 100 9.84 -7.56 19.61
C MET H 100 9.26 -7.59 21.02
N GLY H 101 8.20 -8.35 21.25
CA GLY H 101 7.53 -8.37 22.53
C GLY H 101 6.45 -7.33 22.71
N ILE H 102 6.29 -6.43 21.76
CA ILE H 102 5.21 -5.43 21.81
C ILE H 102 3.87 -6.15 21.66
N PRO H 103 2.84 -5.78 22.41
CA PRO H 103 1.49 -6.29 22.14
C PRO H 103 1.12 -6.17 20.68
N TYR H 104 0.73 -7.29 20.08
CA TYR H 104 0.45 -7.38 18.66
C TYR H 104 -0.93 -7.97 18.43
N CYS H 105 -1.43 -7.80 17.21
CA CYS H 105 -2.71 -8.35 16.81
C CYS H 105 -2.48 -9.72 16.18
N ASN H 106 -3.03 -10.76 16.79
CA ASN H 106 -2.91 -12.12 16.26
C ASN H 106 -4.11 -12.53 15.41
N TYR H 107 -5.04 -11.60 15.16
CA TYR H 107 -6.18 -11.76 14.26
C TYR H 107 -7.30 -12.64 14.81
N THR H 108 -7.35 -12.88 16.12
CA THR H 108 -8.34 -13.81 16.66
C THR H 108 -9.53 -13.10 17.31
N LYS H 109 -9.28 -12.18 18.24
CA LYS H 109 -10.33 -11.54 19.01
C LYS H 109 -10.50 -10.10 18.57
N PHE H 110 -11.74 -9.67 18.36
CA PHE H 110 -12.04 -8.33 17.87
C PHE H 110 -13.08 -7.68 18.76
N TRP H 111 -12.73 -6.56 19.38
CA TRP H 111 -13.61 -5.81 20.27
C TRP H 111 -14.25 -4.63 19.53
N TYR H 112 -15.56 -4.45 19.72
CA TYR H 112 -16.27 -3.33 19.12
C TYR H 112 -17.24 -2.74 20.14
N LEU H 113 -17.29 -1.41 20.22
CA LEU H 113 -18.13 -0.70 21.18
C LEU H 113 -19.55 -0.61 20.63
N ASN H 114 -20.48 -1.30 21.28
CA ASN H 114 -21.91 -1.24 20.95
C ASN H 114 -22.62 -0.26 21.89
N HIS H 115 -23.06 0.87 21.35
CA HIS H 115 -23.84 1.82 22.13
C HIS H 115 -25.26 1.29 22.32
N THR H 116 -25.62 1.02 23.58
CA THR H 116 -26.91 0.40 23.89
C THR H 116 -28.08 1.30 23.47
N LYS H 117 -28.03 2.58 23.86
CA LYS H 117 -29.16 3.46 23.62
C LYS H 117 -29.24 3.92 22.17
N LEU H 118 -28.18 4.56 21.68
CA LEU H 118 -28.22 5.11 20.32
C LEU H 118 -28.25 4.00 19.28
N GLY H 119 -27.68 2.84 19.59
CA GLY H 119 -27.73 1.69 18.72
C GLY H 119 -26.57 1.57 17.76
N ILE H 120 -25.80 2.64 17.56
CA ILE H 120 -24.63 2.57 16.69
C ILE H 120 -23.55 1.73 17.34
N HIS H 121 -22.73 1.09 16.52
CA HIS H 121 -21.58 0.33 16.98
C HIS H 121 -20.36 0.77 16.17
N SER H 122 -19.18 0.42 16.68
CA SER H 122 -17.92 0.73 16.00
C SER H 122 -17.38 -0.47 15.26
N LEU H 123 -16.58 -0.19 14.24
CA LEU H 123 -15.92 -1.24 13.49
C LEU H 123 -15.00 -2.04 14.42
N PRO H 124 -15.14 -3.36 14.48
CA PRO H 124 -14.36 -4.16 15.44
C PRO H 124 -12.86 -3.98 15.23
N ARG H 125 -12.16 -3.68 16.32
CA ARG H 125 -10.71 -3.56 16.33
C ARG H 125 -10.09 -4.78 16.98
N CYS H 126 -8.81 -4.98 16.73
CA CYS H 126 -8.14 -6.19 17.19
C CYS H 126 -7.83 -6.12 18.67
N TRP H 127 -8.13 -7.22 19.38
CA TRP H 127 -7.78 -7.37 20.79
C TRP H 127 -6.32 -7.76 20.88
N LEU H 128 -5.45 -6.78 21.15
CA LEU H 128 -4.01 -7.04 21.15
C LEU H 128 -3.64 -8.09 22.19
N VAL H 129 -2.72 -8.99 21.81
CA VAL H 129 -2.25 -10.07 22.66
C VAL H 129 -0.78 -9.86 22.96
N SER H 130 -0.41 -9.98 24.23
CA SER H 130 0.98 -9.89 24.65
C SER H 130 1.32 -11.02 25.62
N ASN H 131 2.51 -11.60 25.45
CA ASN H 131 3.04 -12.64 26.33
C ASN H 131 2.14 -13.88 26.37
N GLY H 132 1.47 -14.18 25.26
CA GLY H 132 0.63 -15.35 25.20
C GLY H 132 -0.73 -15.21 25.85
N SER H 133 -1.07 -14.03 26.35
CA SER H 133 -2.36 -13.77 26.98
C SER H 133 -2.96 -12.51 26.38
N TYR H 134 -4.27 -12.52 26.22
CA TYR H 134 -4.97 -11.32 25.75
C TYR H 134 -4.77 -10.17 26.72
N LEU H 135 -4.54 -8.98 26.18
CA LEU H 135 -4.37 -7.79 26.99
C LEU H 135 -5.63 -7.53 27.82
N ASN H 136 -5.44 -7.06 29.05
CA ASN H 136 -6.57 -6.68 29.87
C ASN H 136 -7.20 -5.39 29.35
N GLU H 137 -8.52 -5.27 29.54
CA GLU H 137 -9.25 -4.06 29.15
C GLU H 137 -8.59 -2.79 29.68
N THR H 138 -7.96 -2.86 30.86
CA THR H 138 -7.33 -1.68 31.47
C THR H 138 -6.10 -1.21 30.72
N LYS H 139 -5.57 -1.99 29.78
CA LYS H 139 -4.34 -1.64 29.09
C LYS H 139 -4.57 -1.08 27.69
N PHE H 140 -5.82 -1.06 27.21
CA PHE H 140 -6.17 -0.36 25.98
C PHE H 140 -7.42 0.51 26.16
N THR H 141 -7.79 0.81 27.40
CA THR H 141 -8.98 1.64 27.64
C THR H 141 -8.83 3.03 27.05
N HIS H 142 -7.61 3.50 26.84
CA HIS H 142 -7.41 4.75 26.09
C HIS H 142 -7.90 4.60 24.66
N ASP H 143 -7.63 3.44 24.04
CA ASP H 143 -8.17 3.17 22.71
C ASP H 143 -9.68 3.09 22.73
N MET H 144 -10.27 2.54 23.80
CA MET H 144 -11.72 2.49 23.90
C MET H 144 -12.32 3.89 24.00
N GLU H 145 -11.72 4.76 24.80
CA GLU H 145 -12.21 6.14 24.89
C GLU H 145 -12.05 6.87 23.56
N ASP H 146 -10.92 6.66 22.89
CA ASP H 146 -10.71 7.25 21.57
C ASP H 146 -11.75 6.76 20.59
N GLU H 147 -12.12 5.48 20.67
CA GLU H 147 -13.10 4.92 19.75
C GLU H 147 -14.50 5.42 20.06
N ALA H 148 -14.80 5.71 21.32
CA ALA H 148 -16.11 6.30 21.65
C ALA H 148 -16.22 7.72 21.12
N ASP H 149 -15.17 8.53 21.35
CA ASP H 149 -15.16 9.88 20.79
C ASP H 149 -15.21 9.83 19.26
N LYS H 150 -14.49 8.88 18.67
CA LYS H 150 -14.54 8.69 17.23
C LYS H 150 -15.94 8.30 16.77
N LEU H 151 -16.63 7.49 17.55
CA LEU H 151 -17.98 7.09 17.18
C LEU H 151 -18.91 8.31 17.13
N LEU H 152 -18.85 9.16 18.15
CA LEU H 152 -19.70 10.35 18.14
C LEU H 152 -19.34 11.28 16.98
N THR H 153 -18.05 11.59 16.84
CA THR H 153 -17.62 12.53 15.80
C THR H 153 -17.92 11.99 14.41
N GLU H 154 -17.67 10.69 14.18
CA GLU H 154 -17.89 10.10 12.87
C GLU H 154 -19.37 9.89 12.60
N MET H 155 -20.19 9.71 13.64
CA MET H 155 -21.63 9.71 13.44
C MET H 155 -22.08 11.04 12.86
N LEU H 156 -21.64 12.14 13.48
CA LEU H 156 -22.09 13.45 13.00
C LEU H 156 -21.47 13.76 11.64
N LYS H 157 -20.21 13.38 11.43
CA LYS H 157 -19.56 13.56 10.14
C LYS H 157 -20.25 12.78 9.03
N LYS H 158 -20.61 11.53 9.30
CA LYS H 158 -21.31 10.72 8.30
C LYS H 158 -22.69 11.29 8.00
N GLU H 159 -23.39 11.79 9.01
CA GLU H 159 -24.67 12.44 8.75
C GLU H 159 -24.50 13.65 7.85
N TYR H 160 -23.45 14.44 8.09
CA TYR H 160 -23.19 15.59 7.24
C TYR H 160 -22.81 15.15 5.83
N VAL H 161 -22.01 14.09 5.71
CA VAL H 161 -21.59 13.58 4.41
C VAL H 161 -22.81 13.13 3.60
N ARG H 162 -23.73 12.43 4.23
CA ARG H 162 -24.91 11.95 3.52
C ARG H 162 -25.83 13.10 3.12
N ARG H 163 -26.00 14.09 4.02
CA ARG H 163 -26.80 15.25 3.65
C ARG H 163 -26.18 15.99 2.47
N GLN H 164 -24.86 16.17 2.47
CA GLN H 164 -24.21 16.81 1.34
C GLN H 164 -24.37 15.98 0.08
N GLU H 165 -24.29 14.66 0.20
CA GLU H 165 -24.43 13.77 -0.93
C GLU H 165 -25.81 13.90 -1.58
N LYS H 166 -26.85 14.08 -0.77
CA LYS H 166 -28.21 14.03 -1.31
C LYS H 166 -29.00 15.32 -1.10
N THR H 167 -28.33 16.45 -0.85
CA THR H 167 -29.01 17.75 -0.82
C THR H 167 -28.35 18.69 -1.82
N PRO H 168 -29.10 19.26 -2.77
CA PRO H 168 -28.51 20.22 -3.71
C PRO H 168 -27.89 21.43 -3.01
N ILE H 169 -26.57 21.57 -3.09
CA ILE H 169 -25.91 22.75 -2.54
C ILE H 169 -26.49 24.02 -3.14
N THR H 170 -26.88 23.98 -4.42
CA THR H 170 -27.54 25.12 -5.04
C THR H 170 -28.84 25.45 -4.32
N LEU H 171 -29.56 24.42 -3.86
CA LEU H 171 -30.75 24.65 -3.06
C LEU H 171 -30.42 25.37 -1.76
N MET H 172 -29.30 25.01 -1.12
CA MET H 172 -28.89 25.71 0.09
C MET H 172 -28.54 27.16 -0.19
N ASP H 173 -27.86 27.43 -1.31
CA ASP H 173 -27.57 28.81 -1.67
C ASP H 173 -28.85 29.58 -1.98
N ILE H 174 -29.82 28.91 -2.59
CA ILE H 174 -31.13 29.52 -2.82
C ILE H 174 -31.82 29.82 -1.50
N LEU H 175 -31.65 28.95 -0.50
CA LEU H 175 -32.15 29.24 0.84
C LEU H 175 -31.49 30.48 1.43
N MET H 176 -30.17 30.62 1.24
CA MET H 176 -29.47 31.79 1.75
C MET H 176 -29.99 33.06 1.08
N PHE H 177 -30.12 33.03 -0.25
CA PHE H 177 -30.66 34.18 -0.97
C PHE H 177 -32.12 34.43 -0.60
N SER H 178 -32.86 33.38 -0.25
CA SER H 178 -34.25 33.54 0.15
C SER H 178 -34.34 34.27 1.49
N VAL H 179 -33.52 33.86 2.46
CA VAL H 179 -33.42 34.59 3.71
C VAL H 179 -32.99 36.04 3.45
N SER H 180 -32.06 36.23 2.51
CA SER H 180 -31.59 37.57 2.18
C SER H 180 -32.72 38.47 1.69
N PHE H 181 -33.47 38.02 0.67
CA PHE H 181 -34.51 38.88 0.14
C PHE H 181 -35.75 38.90 1.02
N TYR H 182 -35.91 37.92 1.93
CA TYR H 182 -36.95 38.05 2.95
C TYR H 182 -36.61 39.15 3.94
N MET H 183 -35.34 39.24 4.33
CA MET H 183 -34.88 40.39 5.12
C MET H 183 -35.09 41.68 4.35
N PHE H 184 -34.79 41.69 3.05
CA PHE H 184 -35.04 42.87 2.22
C PHE H 184 -36.52 43.23 2.22
N SER H 185 -37.40 42.22 2.16
CA SER H 185 -38.84 42.48 2.13
C SER H 185 -39.33 43.08 3.44
N VAL H 186 -38.97 42.46 4.57
CA VAL H 186 -39.42 42.95 5.86
C VAL H 186 -38.70 44.25 6.23
N THR H 187 -37.60 44.58 5.54
CA THR H 187 -36.97 45.89 5.73
C THR H 187 -37.93 47.02 5.41
N LEU H 188 -38.83 46.83 4.44
CA LEU H 188 -39.81 47.83 4.08
C LEU H 188 -40.92 47.90 5.13
N LYS I 1 -3.12 4.65 14.56
CA LYS I 1 -2.34 5.72 15.17
C LYS I 1 -0.99 5.87 14.50
N LEU I 2 -0.41 7.08 14.60
CA LEU I 2 0.87 7.34 13.96
C LEU I 2 2.00 6.58 14.63
N PHE I 3 1.97 6.50 15.96
CA PHE I 3 3.09 5.94 16.73
C PHE I 3 2.73 4.54 17.20
N GLN I 4 2.76 3.60 16.25
CA GLN I 4 2.42 2.22 16.56
C GLN I 4 3.46 1.56 17.46
N TRP I 5 4.73 1.79 17.18
CA TRP I 5 5.80 1.03 17.84
C TRP I 5 5.97 1.43 19.30
N SER I 6 6.01 2.74 19.58
CA SER I 6 6.28 3.22 20.93
C SER I 6 4.98 3.31 21.71
N LEU I 7 4.86 2.50 22.76
CA LEU I 7 3.64 2.40 23.53
C LEU I 7 3.99 2.34 25.01
N SER I 8 3.01 2.65 25.86
CA SER I 8 3.20 2.61 27.30
C SER I 8 2.75 1.27 27.87
N HIS I 19 8.99 12.88 20.77
CA HIS I 19 9.54 13.71 19.70
C HIS I 19 10.08 15.03 20.24
N CYS I 20 9.22 15.80 20.92
CA CYS I 20 9.67 17.07 21.50
C CYS I 20 10.63 16.84 22.66
N LEU I 21 10.32 15.90 23.54
CA LEU I 21 11.19 15.63 24.69
C LEU I 21 12.55 15.10 24.23
N GLU I 22 12.55 14.25 23.21
CA GLU I 22 13.78 13.62 22.73
C GLU I 22 14.46 14.43 21.63
N ARG I 23 13.88 15.56 21.22
CA ARG I 23 14.49 16.47 20.25
C ARG I 23 14.78 15.76 18.92
N TRP I 24 13.77 15.07 18.40
CA TRP I 24 13.91 14.35 17.14
C TRP I 24 14.22 15.31 15.99
N LEU I 25 13.64 16.50 16.00
CA LEU I 25 13.75 17.45 14.90
C LEU I 25 14.69 18.59 15.27
N ILE I 26 15.56 18.95 14.32
CA ILE I 26 16.50 20.05 14.48
C ILE I 26 16.06 21.19 13.57
N PHE I 27 15.92 22.38 14.14
CA PHE I 27 15.49 23.56 13.40
C PHE I 27 16.55 24.64 13.46
N ALA I 28 16.80 25.29 12.33
CA ALA I 28 17.71 26.42 12.27
C ALA I 28 17.02 27.74 12.59
N SER I 29 15.70 27.73 12.78
CA SER I 29 14.89 28.92 12.97
C SER I 29 14.69 29.29 14.44
N ASP I 30 15.26 28.52 15.37
CA ASP I 30 15.19 28.63 16.83
C ASP I 30 13.94 27.99 17.42
N ILE I 31 13.02 27.47 16.60
CA ILE I 31 11.91 26.69 17.13
C ILE I 31 12.44 25.33 17.58
N LYS I 32 12.00 24.89 18.76
CA LYS I 32 12.52 23.65 19.32
C LYS I 32 11.60 22.45 19.17
N CYS I 33 10.30 22.65 18.91
CA CYS I 33 9.37 21.54 18.81
C CYS I 33 8.17 21.93 17.97
N PHE I 34 7.42 20.90 17.57
CA PHE I 34 6.13 21.06 16.90
C PHE I 34 5.00 20.67 17.86
N ASP I 35 3.87 21.35 17.71
CA ASP I 35 2.72 21.05 18.55
C ASP I 35 2.18 19.67 18.17
N ASN I 36 1.50 19.04 19.13
CA ASN I 36 1.00 17.68 18.93
C ASN I 36 0.17 17.55 17.66
N ALA I 37 -0.60 18.59 17.30
CA ALA I 37 -1.39 18.55 16.08
C ALA I 37 -0.51 18.44 14.83
N ALA I 38 0.65 19.10 14.83
CA ALA I 38 1.56 19.00 13.69
C ALA I 38 2.00 17.55 13.47
N ILE I 39 2.25 16.83 14.55
CA ILE I 39 2.67 15.43 14.39
C ILE I 39 1.46 14.57 14.06
N ALA I 40 0.30 14.89 14.62
CA ALA I 40 -0.95 14.22 14.29
C ALA I 40 -1.27 14.28 12.80
N LYS I 41 -0.88 15.38 12.14
CA LYS I 41 -1.12 15.54 10.70
C LYS I 41 -0.53 14.43 9.84
N CYS I 42 0.19 13.48 10.44
CA CYS I 42 0.78 12.34 9.75
C CYS I 42 0.07 11.02 10.05
N ASN I 43 -0.97 11.03 10.89
CA ASN I 43 -1.59 9.79 11.32
C ASN I 43 -2.02 8.95 10.13
N LYS I 44 -2.63 9.58 9.12
CA LYS I 44 -3.10 8.88 7.93
C LYS I 44 -2.31 9.29 6.68
N GLU I 45 -1.13 9.87 6.85
CA GLU I 45 -0.31 10.35 5.74
C GLU I 45 0.84 9.37 5.53
N HIS I 46 0.65 8.42 4.61
CA HIS I 46 1.70 7.49 4.22
C HIS I 46 2.42 7.88 2.93
N ASP I 47 2.07 9.02 2.32
CA ASP I 47 2.68 9.46 1.08
C ASP I 47 3.64 10.64 1.26
N GLU I 48 4.04 10.94 2.49
CA GLU I 48 5.02 11.99 2.76
C GLU I 48 6.17 11.42 3.58
N GLU I 49 7.41 11.74 3.17
CA GLU I 49 8.59 11.14 3.77
C GLU I 49 8.92 11.68 5.15
N PHE I 50 8.45 12.88 5.50
CA PHE I 50 8.62 13.38 6.87
C PHE I 50 7.90 12.48 7.87
N CYS I 51 6.69 12.08 7.55
CA CYS I 51 5.96 11.15 8.41
C CYS I 51 6.63 9.79 8.43
N ASP I 52 7.20 9.35 7.30
CA ASP I 52 7.93 8.08 7.28
C ASP I 52 9.12 8.14 8.22
N MET I 53 9.83 9.26 8.24
CA MET I 53 10.95 9.40 9.17
C MET I 53 10.46 9.44 10.61
N LEU I 54 9.26 10.00 10.84
CA LEU I 54 8.68 9.94 12.18
C LEU I 54 8.38 8.49 12.59
N ARG I 55 7.87 7.67 11.66
CA ARG I 55 7.67 6.25 11.96
C ARG I 55 9.00 5.56 12.25
N LEU I 56 10.05 5.93 11.51
CA LEU I 56 11.36 5.35 11.76
C LEU I 56 11.89 5.71 13.14
N PHE I 57 11.71 6.96 13.55
CA PHE I 57 12.16 7.37 14.88
C PHE I 57 11.33 6.69 15.98
N ASP I 58 10.03 6.51 15.75
CA ASP I 58 9.21 5.78 16.70
C ASP I 58 9.67 4.34 16.85
N TYR I 59 9.95 3.68 15.72
CA TYR I 59 10.47 2.32 15.77
C TYR I 59 11.83 2.27 16.44
N ASN I 60 12.65 3.31 16.25
CA ASN I 60 13.94 3.36 16.92
C ASN I 60 13.78 3.44 18.43
N LYS I 61 12.84 4.27 18.90
CA LYS I 61 12.56 4.33 20.33
C LYS I 61 12.07 3.00 20.86
N ALA I 62 11.18 2.35 20.11
CA ALA I 62 10.64 1.06 20.56
C ALA I 62 11.72 -0.02 20.60
N SER I 63 12.64 -0.02 19.63
CA SER I 63 13.70 -1.02 19.61
C SER I 63 14.79 -0.71 20.63
N ILE I 64 15.00 0.56 20.96
CA ILE I 64 15.90 0.90 22.05
C ILE I 64 15.33 0.42 23.38
N ALA I 65 14.00 0.53 23.54
CA ALA I 65 13.39 0.13 24.81
C ALA I 65 13.31 -1.40 24.93
N LYS I 66 12.70 -2.06 23.96
CA LYS I 66 12.37 -3.48 24.07
C LYS I 66 13.47 -4.41 23.58
N LEU I 67 14.48 -3.91 22.85
CA LEU I 67 15.53 -4.76 22.32
C LEU I 67 16.92 -4.30 22.77
N ARG I 68 17.01 -3.73 23.98
CA ARG I 68 18.30 -3.29 24.49
C ARG I 68 19.25 -4.44 24.79
N GLY I 69 18.72 -5.65 25.00
CA GLY I 69 19.53 -6.79 25.35
C GLY I 69 20.50 -7.25 24.28
N GLU I 70 19.97 -7.64 23.12
CA GLU I 70 20.79 -8.17 22.03
C GLU I 70 20.80 -7.17 20.88
N ALA I 71 22.00 -6.74 20.48
CA ALA I 71 22.15 -5.88 19.33
C ALA I 71 22.02 -6.62 18.01
N SER I 72 22.27 -7.93 18.00
CA SER I 72 22.15 -8.71 16.77
C SER I 72 20.70 -8.72 16.27
N SER I 73 19.75 -8.95 17.18
CA SER I 73 18.35 -8.99 16.78
C SER I 73 17.86 -7.64 16.29
N SER I 74 18.39 -6.55 16.84
CA SER I 74 17.92 -5.21 16.47
C SER I 74 18.12 -4.91 15.00
N ILE I 75 19.05 -5.61 14.32
CA ILE I 75 19.24 -5.45 12.89
C ILE I 75 18.94 -6.73 12.12
N ASN I 76 18.74 -7.86 12.79
CA ASN I 76 18.30 -9.07 12.12
C ASN I 76 16.79 -9.11 11.91
N LEU I 77 16.08 -8.10 12.42
CA LEU I 77 14.63 -8.01 12.29
C LEU I 77 14.19 -7.03 11.21
N LEU I 78 15.10 -6.20 10.72
CA LEU I 78 14.79 -5.21 9.69
C LEU I 78 14.88 -5.77 8.28
N SER I 79 15.07 -7.08 8.13
CA SER I 79 15.21 -7.71 6.83
C SER I 79 13.84 -8.23 6.42
N GLY I 80 13.29 -7.65 5.35
CA GLY I 80 11.97 -8.04 4.90
C GLY I 80 10.83 -7.50 5.74
N ARG I 81 11.10 -6.56 6.64
CA ARG I 81 10.08 -5.99 7.51
C ARG I 81 10.06 -4.47 7.48
N ILE I 82 10.68 -3.84 6.48
CA ILE I 82 10.68 -2.38 6.46
C ILE I 82 9.32 -1.83 6.01
N ASN I 83 8.59 -2.57 5.17
CA ASN I 83 7.28 -2.11 4.73
C ASN I 83 6.30 -1.96 5.89
N ALA I 84 6.60 -2.61 7.03
CA ALA I 84 5.79 -2.39 8.23
C ALA I 84 6.06 -1.03 8.85
N ILE I 85 7.31 -0.58 8.83
CA ILE I 85 7.67 0.69 9.47
C ILE I 85 7.47 1.86 8.52
N ILE I 86 7.92 1.74 7.28
CA ILE I 86 7.89 2.84 6.32
C ILE I 86 7.26 2.36 5.03
N SER I 87 6.84 3.31 4.20
CA SER I 87 6.24 2.99 2.92
C SER I 87 7.31 2.51 1.94
N ASP I 88 7.12 1.31 1.40
CA ASP I 88 8.02 0.79 0.36
C ASP I 88 7.93 1.63 -0.91
N THR I 89 6.73 2.08 -1.25
CA THR I 89 6.53 2.83 -2.48
C THR I 89 7.38 4.09 -2.50
N LEU I 90 7.45 4.82 -1.39
CA LEU I 90 8.19 6.07 -1.36
C LEU I 90 9.69 5.83 -1.49
N LEU I 91 10.20 4.82 -0.80
CA LEU I 91 11.61 4.49 -0.87
C LEU I 91 12.00 4.05 -2.29
N MET I 92 11.17 3.21 -2.90
CA MET I 92 11.48 2.75 -4.25
C MET I 92 11.32 3.86 -5.28
N ARG I 93 10.37 4.77 -5.09
CA ARG I 93 10.27 5.93 -5.96
C ARG I 93 11.51 6.81 -5.83
N SER I 94 12.02 7.01 -4.61
CA SER I 94 13.23 7.78 -4.43
C SER I 94 14.42 7.11 -5.13
N SER I 95 14.54 5.79 -4.97
CA SER I 95 15.64 5.07 -5.60
C SER I 95 15.56 5.15 -7.12
N LEU I 96 14.36 4.98 -7.68
CA LEU I 96 14.20 5.01 -9.13
C LEU I 96 14.48 6.40 -9.68
N LYS I 97 13.92 7.44 -9.04
CA LYS I 97 14.19 8.80 -9.48
C LYS I 97 15.68 9.14 -9.38
N ARG I 98 16.36 8.64 -8.34
CA ARG I 98 17.79 8.86 -8.22
C ARG I 98 18.55 8.19 -9.36
N LEU I 99 18.16 6.96 -9.69
CA LEU I 99 18.84 6.25 -10.78
C LEU I 99 18.52 6.82 -12.15
N MET I 100 17.39 7.50 -12.31
CA MET I 100 17.02 8.10 -13.58
C MET I 100 17.51 9.53 -13.76
N GLY I 101 18.06 10.13 -12.70
CA GLY I 101 18.48 11.52 -12.76
C GLY I 101 17.40 12.52 -12.40
N ILE I 102 16.17 12.08 -12.22
CA ILE I 102 15.08 12.97 -11.78
C ILE I 102 15.37 13.44 -10.36
N PRO I 103 15.14 14.72 -10.05
CA PRO I 103 15.19 15.16 -8.65
C PRO I 103 14.39 14.25 -7.73
N TYR I 104 15.05 13.74 -6.69
CA TYR I 104 14.46 12.76 -5.80
C TYR I 104 14.60 13.24 -4.35
N CYS I 105 13.83 12.61 -3.47
CA CYS I 105 13.88 12.90 -2.04
C CYS I 105 14.86 11.95 -1.39
N ASN I 106 15.93 12.50 -0.81
CA ASN I 106 16.92 11.69 -0.11
C ASN I 106 16.67 11.62 1.39
N TYR I 107 15.55 12.17 1.86
CA TYR I 107 15.07 12.08 3.25
C TYR I 107 15.84 12.94 4.24
N THR I 108 16.59 13.95 3.78
CA THR I 108 17.42 14.72 4.70
C THR I 108 16.82 16.08 5.05
N LYS I 109 16.46 16.88 4.06
CA LYS I 109 15.99 18.25 4.27
C LYS I 109 14.50 18.33 4.01
N PHE I 110 13.77 18.97 4.93
CA PHE I 110 12.32 19.08 4.84
C PHE I 110 11.90 20.53 5.00
N TRP I 111 11.24 21.07 3.98
CA TRP I 111 10.76 22.46 3.97
C TRP I 111 9.28 22.52 4.32
N TYR I 112 8.93 23.46 5.20
CA TYR I 112 7.54 23.67 5.58
C TYR I 112 7.24 25.16 5.64
N LEU I 113 6.09 25.56 5.10
CA LEU I 113 5.69 26.96 5.05
C LEU I 113 5.07 27.38 6.38
N ASN I 114 5.75 28.26 7.10
CA ASN I 114 5.26 28.82 8.35
C ASN I 114 4.64 30.20 8.09
N HIS I 115 3.32 30.29 8.22
CA HIS I 115 2.64 31.58 8.10
C HIS I 115 2.90 32.42 9.35
N THR I 116 3.58 33.55 9.17
CA THR I 116 3.98 34.38 10.30
C THR I 116 2.77 34.94 11.05
N LYS I 117 1.82 35.51 10.31
CA LYS I 117 0.69 36.20 10.96
C LYS I 117 -0.33 35.20 11.50
N LEU I 118 -0.89 34.36 10.62
CA LEU I 118 -1.95 33.45 11.04
C LEU I 118 -1.41 32.39 12.00
N GLY I 119 -0.14 32.03 11.88
CA GLY I 119 0.50 31.10 12.79
C GLY I 119 0.44 29.65 12.36
N ILE I 120 -0.41 29.31 11.40
CA ILE I 120 -0.48 27.95 10.90
C ILE I 120 0.78 27.64 10.09
N HIS I 121 1.17 26.37 10.07
CA HIS I 121 2.27 25.89 9.26
C HIS I 121 1.82 24.66 8.49
N SER I 122 2.59 24.30 7.47
CA SER I 122 2.29 23.14 6.66
C SER I 122 3.16 21.95 7.05
N LEU I 123 2.65 20.76 6.76
CA LEU I 123 3.40 19.54 7.01
C LEU I 123 4.68 19.55 6.19
N PRO I 124 5.85 19.37 6.82
CA PRO I 124 7.12 19.48 6.09
C PRO I 124 7.20 18.50 4.92
N ARG I 125 7.54 19.03 3.75
CA ARG I 125 7.74 18.24 2.54
C ARG I 125 9.23 18.11 2.26
N CYS I 126 9.58 17.12 1.43
CA CYS I 126 10.98 16.81 1.19
C CYS I 126 11.61 17.82 0.25
N TRP I 127 12.79 18.29 0.60
CA TRP I 127 13.60 19.16 -0.25
C TRP I 127 14.30 18.30 -1.29
N LEU I 128 13.73 18.24 -2.50
CA LEU I 128 14.26 17.36 -3.53
C LEU I 128 15.71 17.71 -3.88
N VAL I 129 16.53 16.68 -4.07
CA VAL I 129 17.94 16.82 -4.37
C VAL I 129 18.21 16.26 -5.77
N SER I 130 18.92 17.02 -6.59
CA SER I 130 19.32 16.57 -7.91
C SER I 130 20.78 16.87 -8.17
N ASN I 131 21.48 15.92 -8.80
CA ASN I 131 22.88 16.05 -9.19
C ASN I 131 23.80 16.32 -7.99
N GLY I 132 23.46 15.76 -6.83
CA GLY I 132 24.28 15.92 -5.66
C GLY I 132 24.15 17.24 -4.95
N SER I 133 23.24 18.11 -5.38
CA SER I 133 23.01 19.40 -4.75
C SER I 133 21.52 19.58 -4.53
N TYR I 134 21.17 20.20 -3.40
CA TYR I 134 19.78 20.50 -3.12
C TYR I 134 19.20 21.43 -4.20
N LEU I 135 17.97 21.14 -4.62
CA LEU I 135 17.31 21.98 -5.61
C LEU I 135 17.16 23.41 -5.09
N ASN I 136 17.30 24.37 -5.99
CA ASN I 136 17.07 25.76 -5.63
C ASN I 136 15.58 26.01 -5.42
N GLU I 137 15.28 26.95 -4.51
CA GLU I 137 13.89 27.34 -4.26
C GLU I 137 13.13 27.67 -5.53
N THR I 138 13.80 28.23 -6.53
CA THR I 138 13.16 28.62 -7.78
C THR I 138 12.70 27.44 -8.62
N LYS I 139 13.11 26.22 -8.29
CA LYS I 139 12.77 25.05 -9.09
C LYS I 139 11.64 24.21 -8.50
N PHE I 140 11.16 24.56 -7.30
CA PHE I 140 9.94 23.96 -6.75
C PHE I 140 8.99 25.02 -6.20
N THR I 141 9.16 26.29 -6.59
CA THR I 141 8.28 27.34 -6.09
C THR I 141 6.83 27.13 -6.51
N HIS I 142 6.59 26.36 -7.57
CA HIS I 142 5.22 25.97 -7.90
C HIS I 142 4.65 25.09 -6.79
N ASP I 143 5.47 24.17 -6.25
CA ASP I 143 5.04 23.37 -5.12
C ASP I 143 4.78 24.24 -3.89
N MET I 144 5.59 25.28 -3.70
CA MET I 144 5.38 26.18 -2.57
C MET I 144 4.06 26.93 -2.69
N GLU I 145 3.74 27.42 -3.90
CA GLU I 145 2.47 28.10 -4.12
C GLU I 145 1.29 27.14 -3.93
N ASP I 146 1.44 25.91 -4.45
CA ASP I 146 0.41 24.90 -4.25
C ASP I 146 0.22 24.60 -2.78
N GLU I 147 1.30 24.57 -2.01
CA GLU I 147 1.19 24.29 -0.58
C GLU I 147 0.59 25.46 0.18
N ALA I 148 0.80 26.69 -0.27
CA ALA I 148 0.15 27.83 0.37
C ALA I 148 -1.36 27.82 0.11
N ASP I 149 -1.76 27.59 -1.14
CA ASP I 149 -3.18 27.45 -1.44
C ASP I 149 -3.79 26.28 -0.69
N LYS I 150 -3.06 25.17 -0.60
CA LYS I 150 -3.49 24.02 0.17
C LYS I 150 -3.65 24.38 1.64
N LEU I 151 -2.74 25.19 2.18
CA LEU I 151 -2.84 25.59 3.57
C LEU I 151 -4.12 26.36 3.83
N LEU I 152 -4.44 27.33 2.97
CA LEU I 152 -5.68 28.09 3.16
C LEU I 152 -6.90 27.19 3.04
N THR I 153 -6.97 26.42 1.94
CA THR I 153 -8.14 25.57 1.70
C THR I 153 -8.30 24.52 2.79
N GLU I 154 -7.21 23.89 3.22
CA GLU I 154 -7.29 22.85 4.23
C GLU I 154 -7.54 23.44 5.62
N MET I 155 -7.10 24.68 5.87
CA MET I 155 -7.49 25.36 7.10
C MET I 155 -9.01 25.47 7.17
N LEU I 156 -9.62 25.97 6.10
CA LEU I 156 -11.08 26.15 6.14
C LEU I 156 -11.80 24.81 6.14
N LYS I 157 -11.27 23.82 5.40
CA LYS I 157 -11.84 22.49 5.38
C LYS I 157 -11.77 21.82 6.76
N LYS I 158 -10.63 21.95 7.44
CA LYS I 158 -10.48 21.38 8.78
C LYS I 158 -11.40 22.05 9.77
N GLU I 159 -11.56 23.38 9.66
CA GLU I 159 -12.51 24.06 10.54
C GLU I 159 -13.93 23.54 10.30
N TYR I 160 -14.30 23.32 9.05
CA TYR I 160 -15.62 22.76 8.76
C TYR I 160 -15.74 21.35 9.28
N VAL I 161 -14.69 20.54 9.13
CA VAL I 161 -14.70 19.16 9.60
C VAL I 161 -14.91 19.12 11.10
N ARG I 162 -14.20 19.98 11.84
CA ARG I 162 -14.33 19.98 13.30
C ARG I 162 -15.72 20.47 13.74
N ARG I 163 -16.24 21.49 13.06
CA ARG I 163 -17.59 21.94 13.38
C ARG I 163 -18.61 20.83 13.13
N GLN I 164 -18.49 20.12 12.01
CA GLN I 164 -19.39 19.01 11.75
C GLN I 164 -19.22 17.91 12.80
N GLU I 165 -17.99 17.66 13.21
CA GLU I 165 -17.71 16.64 14.21
C GLU I 165 -18.39 16.95 15.53
N LYS I 166 -18.43 18.23 15.92
CA LYS I 166 -18.90 18.57 17.26
C LYS I 166 -20.12 19.50 17.26
N THR I 167 -20.87 19.57 16.16
CA THR I 167 -22.14 20.29 16.16
C THR I 167 -23.26 19.35 15.70
N PRO I 168 -24.32 19.17 16.50
CA PRO I 168 -25.43 18.33 16.06
C PRO I 168 -26.07 18.80 14.77
N ILE I 169 -25.95 18.01 13.69
CA ILE I 169 -26.63 18.35 12.45
C ILE I 169 -28.12 18.50 12.66
N THR I 170 -28.70 17.71 13.58
CA THR I 170 -30.11 17.88 13.90
C THR I 170 -30.37 19.27 14.48
N LEU I 171 -29.43 19.79 15.26
CA LEU I 171 -29.55 21.16 15.74
C LEU I 171 -29.57 22.15 14.59
N MET I 172 -28.74 21.94 13.56
CA MET I 172 -28.76 22.81 12.40
C MET I 172 -30.10 22.74 11.66
N ASP I 173 -30.65 21.53 11.52
CA ASP I 173 -31.95 21.40 10.89
C ASP I 173 -33.04 22.07 11.73
N ILE I 174 -32.91 22.00 13.05
CA ILE I 174 -33.82 22.71 13.94
C ILE I 174 -33.68 24.22 13.77
N LEU I 175 -32.45 24.69 13.53
CA LEU I 175 -32.25 26.10 13.20
C LEU I 175 -32.96 26.47 11.90
N MET I 176 -32.87 25.61 10.90
CA MET I 176 -33.55 25.88 9.63
C MET I 176 -35.06 25.95 9.81
N PHE I 177 -35.62 24.97 10.53
CA PHE I 177 -37.06 24.99 10.83
C PHE I 177 -37.44 26.18 11.71
N SER I 178 -36.52 26.63 12.57
CA SER I 178 -36.79 27.78 13.42
C SER I 178 -36.88 29.05 12.58
N VAL I 179 -35.94 29.24 11.65
CA VAL I 179 -36.05 30.35 10.71
C VAL I 179 -37.33 30.24 9.90
N SER I 180 -37.70 29.01 9.52
CA SER I 180 -38.92 28.80 8.74
C SER I 180 -40.16 29.27 9.51
N PHE I 181 -40.34 28.79 10.74
CA PHE I 181 -41.56 29.18 11.45
C PHE I 181 -41.46 30.58 12.03
N TYR I 182 -40.26 31.15 12.14
CA TYR I 182 -40.16 32.58 12.45
C TYR I 182 -40.64 33.43 11.28
N MET I 183 -40.30 33.02 10.05
CA MET I 183 -40.87 33.64 8.87
C MET I 183 -42.38 33.47 8.85
N PHE I 184 -42.87 32.27 9.20
CA PHE I 184 -44.31 32.05 9.30
C PHE I 184 -44.95 32.99 10.32
N SER I 185 -44.27 33.21 11.45
CA SER I 185 -44.81 34.06 12.50
C SER I 185 -44.89 35.51 12.06
N VAL I 186 -43.80 36.04 11.51
CA VAL I 186 -43.79 37.43 11.07
C VAL I 186 -44.63 37.62 9.81
N THR I 187 -44.98 36.53 9.12
CA THR I 187 -45.91 36.62 8.01
C THR I 187 -47.25 37.20 8.44
N LEU I 188 -47.67 36.89 9.67
CA LEU I 188 -48.93 37.42 10.21
C LEU I 188 -48.78 38.90 10.58
C1 NAG J . 34.70 -23.47 10.27
C2 NAG J . 35.14 -24.81 9.67
C3 NAG J . 34.70 -25.97 10.56
C4 NAG J . 35.12 -25.74 12.00
C5 NAG J . 34.63 -24.37 12.47
C6 NAG J . 35.05 -24.00 13.88
C7 NAG J . 35.36 -25.14 7.23
C8 NAG J . 34.58 -25.29 5.95
N2 NAG J . 34.62 -24.97 8.33
O3 NAG J . 35.24 -27.15 10.03
O4 NAG J . 34.54 -26.77 12.76
O5 NAG J . 35.15 -23.39 11.60
O6 NAG J . 36.38 -23.54 13.85
O7 NAG J . 36.58 -25.19 7.24
C1 NAG J . 35.59 -27.56 13.33
C2 NAG J . 35.03 -28.26 14.58
C3 NAG J . 36.09 -29.18 15.18
C4 NAG J . 36.64 -30.12 14.11
C5 NAG J . 37.13 -29.30 12.91
C6 NAG J . 37.69 -30.12 11.78
C7 NAG J . 33.32 -26.85 15.66
C8 NAG J . 33.09 -25.82 16.73
N2 NAG J . 34.59 -27.28 15.54
O3 NAG J . 35.51 -29.87 16.24
O4 NAG J . 37.68 -30.85 14.70
O5 NAG J . 36.05 -28.53 12.41
O6 NAG J . 36.73 -31.04 11.33
O7 NAG J . 32.40 -27.25 14.96
C1 BMA J . 37.33 -32.25 14.70
C2 BMA J . 38.51 -33.02 15.28
C3 BMA J . 38.19 -34.54 15.29
C4 BMA J . 36.69 -34.88 15.35
C5 BMA J . 35.81 -33.77 15.92
C6 BMA J . 35.70 -33.79 17.44
O2 BMA J . 38.79 -32.51 16.56
O3 BMA J . 38.93 -35.06 16.36
O4 BMA J . 36.32 -35.21 14.03
O5 BMA J . 36.17 -32.46 15.50
O6 BMA J . 34.99 -32.64 17.84
C1 MAN J . 39.81 -36.10 15.87
C2 MAN J . 40.36 -36.85 17.09
C3 MAN J . 41.26 -35.93 17.90
C4 MAN J . 42.38 -35.38 17.03
C5 MAN J . 41.77 -34.69 15.80
C6 MAN J . 42.83 -34.27 14.81
O2 MAN J . 41.06 -37.97 16.60
O3 MAN J . 41.76 -36.67 18.98
O4 MAN J . 43.12 -34.48 17.81
O5 MAN J . 40.88 -35.56 15.13
O6 MAN J . 42.34 -33.21 14.02
C1 FUC J . 37.07 -24.03 15.02
C2 FUC J . 38.49 -24.41 14.59
C3 FUC J . 39.27 -23.16 14.16
C4 FUC J . 39.25 -22.12 15.29
C5 FUC J . 37.81 -21.83 15.68
C6 FUC J . 37.67 -20.90 16.86
O2 FUC J . 38.42 -25.37 13.58
O3 FUC J . 40.56 -23.56 13.80
O4 FUC J . 40.03 -22.62 16.35
O5 FUC J . 37.13 -23.05 16.02
C1 NAG K . 44.41 -10.36 15.24
C2 NAG K . 45.26 -11.49 15.83
C3 NAG K . 46.30 -10.87 16.76
C4 NAG K . 47.10 -9.79 16.03
C5 NAG K . 46.15 -8.79 15.35
C6 NAG K . 46.87 -7.75 14.50
C7 NAG K . 44.54 -13.77 16.40
C8 NAG K . 43.60 -14.58 17.27
N2 NAG K . 44.46 -12.45 16.56
O3 NAG K . 47.11 -11.90 17.24
O4 NAG K . 47.89 -9.14 16.98
O5 NAG K . 45.25 -9.50 14.52
O6 NAG K . 47.57 -8.39 13.46
O7 NAG K . 45.32 -14.32 15.62
C1 NAG K . 49.25 -9.60 16.82
C2 NAG K . 50.20 -8.51 17.35
C3 NAG K . 51.64 -9.02 17.30
C4 NAG K . 51.76 -10.38 17.98
C5 NAG K . 50.72 -11.35 17.39
C6 NAG K . 50.73 -12.73 18.01
C7 NAG K . 49.39 -6.20 16.97
C8 NAG K . 49.39 -5.07 15.97
N2 NAG K . 50.05 -7.31 16.57
O3 NAG K . 52.45 -8.05 17.90
O4 NAG K . 53.06 -10.83 17.77
O5 NAG K . 49.44 -10.79 17.56
O6 NAG K . 50.46 -12.63 19.38
O7 NAG K . 48.85 -6.11 18.06
C1 BMA K . 53.73 -10.98 19.04
C2 BMA K . 55.22 -10.98 18.74
C3 BMA K . 56.00 -11.23 20.04
C4 BMA K . 55.37 -10.57 21.30
C5 BMA K . 54.21 -9.61 21.04
C6 BMA K . 54.63 -8.14 20.94
O2 BMA K . 55.56 -9.77 18.11
O3 BMA K . 57.33 -10.88 19.79
O4 BMA K . 54.92 -11.67 22.09
O5 BMA K . 53.39 -9.93 19.92
O6 BMA K . 53.49 -7.41 20.52
C1 MAN K . 58.03 -12.10 19.45
C2 MAN K . 59.49 -11.98 19.92
C3 MAN K . 60.26 -10.97 19.07
C4 MAN K . 60.11 -11.28 17.58
C5 MAN K . 58.62 -11.36 17.24
C6 MAN K . 58.39 -11.78 15.80
O2 MAN K . 60.05 -13.27 19.84
O3 MAN K . 61.61 -11.01 19.47
O4 MAN K . 60.75 -10.25 16.87
O5 MAN K . 58.00 -12.33 18.07
O6 MAN K . 57.11 -12.34 15.68
C1 MAN K . 59.73 -13.99 21.05
C2 MAN K . 60.98 -14.79 21.45
C3 MAN K . 61.27 -15.86 20.41
C4 MAN K . 60.03 -16.74 20.18
C5 MAN K . 58.84 -15.85 19.84
C6 MAN K . 57.55 -16.65 19.76
O2 MAN K . 60.71 -15.34 22.72
O3 MAN K . 62.37 -16.61 20.88
O4 MAN K . 60.36 -17.62 19.13
O5 MAN K . 58.65 -14.88 20.85
O6 MAN K . 56.62 -15.95 18.98
C1 MAN K . 53.59 -6.05 21.00
C2 MAN K . 52.22 -5.39 20.87
C3 MAN K . 51.85 -5.10 19.42
C4 MAN K . 52.99 -4.39 18.69
C5 MAN K . 54.25 -5.23 18.86
C6 MAN K . 55.48 -4.62 18.20
O2 MAN K . 52.27 -4.20 21.63
O3 MAN K . 50.67 -4.34 19.41
O4 MAN K . 52.61 -4.28 17.33
O5 MAN K . 54.54 -5.35 20.24
O6 MAN K . 56.54 -5.53 18.39
C1 MAN K . 57.78 -4.81 18.61
C2 MAN K . 58.90 -5.84 18.61
C3 MAN K . 58.75 -6.76 19.83
C4 MAN K . 58.75 -5.94 21.10
C5 MAN K . 57.64 -4.88 21.02
C6 MAN K . 57.71 -3.91 22.18
O2 MAN K . 60.12 -5.13 18.65
O3 MAN K . 59.81 -7.68 19.80
O4 MAN K . 58.54 -6.84 22.18
O5 MAN K . 57.76 -4.12 19.83
O6 MAN K . 56.86 -2.82 21.92
C1 NAG L . -20.05 13.58 -23.43
C2 NAG L . -18.62 13.95 -23.85
C3 NAG L . -18.60 15.31 -24.53
C4 NAG L . -19.59 15.30 -25.70
C5 NAG L . -20.97 14.96 -25.13
C6 NAG L . -22.08 14.96 -26.16
C7 NAG L . -16.75 13.00 -22.56
C8 NAG L . -15.93 13.15 -21.32
N2 NAG L . -17.72 13.91 -22.72
O3 NAG L . -17.28 15.57 -24.92
O4 NAG L . -19.56 16.56 -26.32
O5 NAG L . -20.92 13.68 -24.53
O6 NAG L . -21.85 13.97 -27.12
O7 NAG L . -16.54 12.10 -23.36
C1 NAG L . -18.76 16.47 -27.52
C2 NAG L . -19.41 17.29 -28.63
C3 NAG L . -18.54 17.22 -29.88
C4 NAG L . -17.10 17.63 -29.56
C5 NAG L . -16.58 16.79 -28.38
C6 NAG L . -15.18 17.16 -27.94
C7 NAG L . -21.85 17.55 -28.75
C8 NAG L . -23.13 16.85 -29.12
N2 NAG L . -20.74 16.83 -28.93
O3 NAG L . -19.10 18.05 -30.87
O4 NAG L . -16.32 17.41 -30.72
O5 NAG L . -17.46 16.97 -27.28
O6 NAG L . -15.11 18.53 -27.65
O7 NAG L . -21.85 18.70 -28.32
C1 NAG M . 32.54 -17.25 -22.59
C2 NAG M . 33.57 -18.29 -22.12
C3 NAG M . 34.86 -17.60 -21.69
C4 NAG M . 35.35 -16.65 -22.77
C5 NAG M . 34.23 -15.68 -23.16
C6 NAG M . 34.59 -14.73 -24.28
C7 NAG M . 32.89 -20.41 -21.04
C8 NAG M . 32.31 -21.00 -19.78
N2 NAG M . 33.03 -19.07 -21.03
O3 NAG M . 35.80 -18.59 -21.40
O4 NAG M . 36.46 -15.96 -22.23
O5 NAG M . 33.12 -16.43 -23.58
O6 NAG M . 34.46 -15.41 -25.51
O7 NAG M . 33.20 -21.11 -21.99
C1 NAG M . 37.62 -16.30 -23.01
C2 NAG M . 38.63 -15.15 -22.84
C3 NAG M . 39.93 -15.50 -23.58
C4 NAG M . 40.43 -16.88 -23.15
C5 NAG M . 39.31 -17.90 -23.32
C6 NAG M . 39.69 -19.31 -22.92
C7 NAG M . 37.47 -13.01 -22.56
C8 NAG M . 36.96 -11.78 -23.29
N2 NAG M . 38.08 -13.92 -23.33
O3 NAG M . 40.86 -14.49 -23.32
O4 NAG M . 41.55 -17.18 -23.94
O5 NAG M . 38.20 -17.50 -22.56
O6 NAG M . 40.11 -19.33 -21.57
O7 NAG M . 37.33 -13.13 -21.35
C1 BMA M . 42.71 -17.28 -23.08
C2 BMA M . 43.88 -17.68 -23.97
C3 BMA M . 45.15 -17.85 -23.10
C4 BMA M . 45.16 -17.03 -21.80
C5 BMA M . 44.22 -15.81 -21.81
C6 BMA M . 44.86 -14.56 -22.41
O2 BMA M . 44.02 -16.72 -24.97
O3 BMA M . 46.23 -17.55 -23.96
O4 BMA M . 44.82 -17.92 -20.77
O5 BMA M . 42.97 -16.05 -22.45
O6 BMA M . 43.85 -13.57 -22.50
C1 MAN M . 47.13 -18.68 -24.01
C2 MAN M . 48.42 -18.21 -24.69
C3 MAN M . 48.15 -17.88 -26.15
C4 MAN M . 47.53 -19.08 -26.86
C5 MAN M . 46.27 -19.53 -26.10
C6 MAN M . 45.73 -20.82 -26.66
O2 MAN M . 49.36 -19.26 -24.56
O3 MAN M . 49.37 -17.48 -26.73
O4 MAN M . 47.23 -18.68 -28.18
O5 MAN M . 46.57 -19.75 -24.72
O6 MAN M . 44.36 -20.91 -26.35
C1 FUC M . 35.52 -15.00 -26.39
C2 FUC M . 35.98 -16.23 -27.17
C3 FUC M . 34.88 -16.72 -28.09
C4 FUC M . 34.43 -15.60 -29.01
C5 FUC M . 34.03 -14.39 -28.16
C6 FUC M . 33.66 -13.18 -28.98
O2 FUC M . 36.40 -17.21 -26.25
O3 FUC M . 35.36 -17.85 -28.79
O4 FUC M . 35.48 -15.30 -29.91
O5 FUC M . 35.09 -14.01 -27.29
C1 NAG N . 25.15 -15.86 -37.88
C2 NAG N . 26.57 -16.14 -38.37
C3 NAG N . 26.63 -15.86 -39.86
C4 NAG N . 25.55 -16.64 -40.60
C5 NAG N . 24.18 -16.41 -39.96
C6 NAG N . 23.07 -17.24 -40.56
C7 NAG N . 28.68 -15.81 -37.12
C8 NAG N . 29.55 -14.78 -36.45
N2 NAG N . 27.54 -15.33 -37.68
O3 NAG N . 27.92 -16.18 -40.30
O4 NAG N . 25.54 -16.20 -41.94
O5 NAG N . 24.26 -16.70 -38.58
O6 NAG N . 23.35 -18.61 -40.39
O7 NAG N . 28.99 -16.99 -37.16
C1 NAG N . 26.19 -17.20 -42.75
C2 NAG N . 25.64 -17.08 -44.18
C3 NAG N . 26.38 -18.06 -45.09
C4 NAG N . 27.90 -17.90 -44.94
C5 NAG N . 28.28 -18.00 -43.46
C6 NAG N . 29.76 -17.83 -43.18
C7 NAG N . 23.29 -16.39 -44.32
C8 NAG N . 21.86 -16.90 -44.32
N2 NAG N . 24.23 -17.33 -44.20
O3 NAG N . 25.96 -17.82 -46.40
O4 NAG N . 28.49 -18.92 -45.69
O5 NAG N . 27.58 -17.01 -42.75
O6 NAG N . 30.19 -16.57 -43.63
O7 NAG N . 23.53 -15.19 -44.41
C1 BMA N . 29.30 -18.34 -46.74
C2 BMA N . 29.49 -19.42 -47.78
C3 BMA N . 30.43 -18.90 -48.88
C4 BMA N . 30.24 -17.40 -49.22
C5 BMA N . 29.02 -16.72 -48.59
C6 BMA N . 27.78 -16.70 -49.47
O2 BMA N . 28.24 -19.83 -48.26
O3 BMA N . 30.30 -19.78 -49.97
O4 BMA N . 31.43 -16.77 -48.78
O5 BMA N . 28.67 -17.20 -47.30
O6 BMA N . 26.72 -16.20 -48.68
C1 MAN N . 31.39 -20.73 -49.87
C2 MAN N . 31.79 -21.16 -51.29
C3 MAN N . 30.71 -22.04 -51.92
C4 MAN N . 30.33 -23.20 -51.00
C5 MAN N . 29.94 -22.64 -49.63
C6 MAN N . 29.66 -23.73 -48.62
O2 MAN N . 33.02 -21.84 -51.16
O3 MAN N . 31.21 -22.50 -53.15
O4 MAN N . 29.27 -23.88 -51.61
O5 MAN N . 31.00 -21.86 -49.12
O6 MAN N . 29.84 -23.22 -47.32
C1 MAN N . 34.10 -20.88 -51.17
C2 MAN N . 35.24 -21.46 -52.01
C3 MAN N . 35.82 -22.69 -51.33
C4 MAN N . 36.22 -22.37 -49.89
C5 MAN N . 35.04 -21.75 -49.15
C6 MAN N . 35.43 -21.26 -47.77
O2 MAN N . 36.20 -20.43 -52.15
O3 MAN N . 36.92 -23.12 -52.10
O4 MAN N . 36.64 -23.59 -49.30
O5 MAN N . 34.56 -20.62 -49.87
O6 MAN N . 34.28 -21.19 -46.96
C1 MAN N . 25.74 -15.58 -49.54
C2 MAN N . 24.79 -14.73 -48.67
C3 MAN N . 23.85 -15.61 -47.83
C4 MAN N . 23.17 -16.66 -48.68
C5 MAN N . 24.26 -17.46 -49.42
C6 MAN N . 23.72 -18.53 -50.33
O2 MAN N . 24.07 -13.90 -49.54
O3 MAN N . 22.92 -14.76 -47.20
O4 MAN N . 22.42 -17.48 -47.82
O5 MAN N . 25.01 -16.55 -50.23
O6 MAN N . 24.82 -19.19 -50.90
C1 MAN N . 24.55 -19.56 -52.26
C2 MAN N . 25.71 -20.44 -52.74
C3 MAN N . 26.99 -19.61 -52.79
C4 MAN N . 26.79 -18.41 -53.72
C5 MAN N . 25.59 -17.60 -53.23
C6 MAN N . 25.23 -16.50 -54.21
O2 MAN N . 25.36 -20.94 -54.00
O3 MAN N . 28.03 -20.45 -53.24
O4 MAN N . 27.99 -17.66 -53.66
O5 MAN N . 24.44 -18.42 -53.09
O6 MAN N . 23.97 -15.97 -53.86
C1 NAG O . 12.80 -40.29 -8.56
C2 NAG O . 14.15 -40.73 -9.16
C3 NAG O . 14.00 -40.98 -10.66
C4 NAG O . 12.81 -41.89 -10.96
C5 NAG O . 11.55 -41.33 -10.29
C6 NAG O . 10.32 -42.21 -10.44
C7 NAG O . 16.30 -39.99 -8.24
C8 NAG O . 17.23 -38.80 -8.11
N2 NAG O . 15.17 -39.75 -8.91
O3 NAG O . 15.20 -41.51 -11.13
O4 NAG O . 12.67 -41.94 -12.34
O5 NAG O . 11.79 -41.21 -8.91
O6 NAG O . 10.37 -43.26 -9.50
O7 NAG O . 16.60 -41.08 -7.77
C1 NAG O . 12.90 -43.29 -12.78
C2 NAG O . 12.18 -43.47 -14.12
C3 NAG O . 12.46 -44.87 -14.67
C4 NAG O . 13.97 -45.13 -14.71
C5 NAG O . 14.56 -44.87 -13.32
C6 NAG O . 16.05 -45.09 -13.23
C7 NAG O . 10.14 -42.09 -14.22
C8 NAG O . 8.65 -42.09 -13.98
N2 NAG O . 10.77 -43.26 -13.98
O3 NAG O . 11.89 -44.96 -15.95
O4 NAG O . 14.15 -46.47 -15.12
O5 NAG O . 14.28 -43.55 -12.94
O6 NAG O . 16.71 -44.27 -14.16
O7 NAG O . 10.73 -41.08 -14.60
C1 BMA O . 14.86 -46.48 -16.37
C2 BMA O . 15.09 -47.94 -16.74
C3 BMA O . 15.88 -48.02 -18.07
C4 BMA O . 15.69 -46.81 -19.00
C5 BMA O . 14.42 -46.00 -18.74
C6 BMA O . 13.20 -46.54 -19.50
O2 BMA O . 13.87 -48.60 -16.79
O3 BMA O . 15.50 -49.25 -18.66
O4 BMA O . 16.85 -46.01 -18.82
O5 BMA O . 14.09 -45.84 -17.38
O6 BMA O . 12.08 -45.82 -19.06
C1 MAN O . 16.68 -50.05 -18.88
C2 MAN O . 16.26 -51.22 -19.79
C3 MAN O . 15.29 -52.12 -19.05
C4 MAN O . 15.92 -52.62 -17.75
C5 MAN O . 16.36 -51.42 -16.91
C6 MAN O . 17.15 -51.83 -15.70
O2 MAN O . 17.44 -51.89 -20.15
O3 MAN O . 14.97 -53.20 -19.91
O4 MAN O . 14.95 -53.40 -17.08
O5 MAN O . 17.19 -50.54 -17.67
O6 MAN O . 17.06 -50.83 -14.71
C1 FUC O . 9.88 -44.47 -10.13
C2 FUC O . 10.74 -45.63 -9.64
C3 FUC O . 10.56 -45.83 -8.13
C4 FUC O . 9.07 -46.05 -7.83
C5 FUC O . 8.28 -44.87 -8.38
C6 FUC O . 6.78 -45.02 -8.23
O2 FUC O . 12.08 -45.36 -9.97
O3 FUC O . 11.37 -46.91 -7.74
O4 FUC O . 8.68 -47.28 -8.37
O5 FUC O . 8.54 -44.70 -9.78
C1 NAG P . 3.58 -47.81 3.65
C2 NAG P . 3.94 -49.07 2.85
C3 NAG P . 3.08 -50.21 3.36
C4 NAG P . 3.23 -50.36 4.87
C5 NAG P . 2.99 -49.02 5.58
C6 NAG P . 3.23 -49.05 7.06
C7 NAG P . 4.62 -49.21 0.48
C8 NAG P . 4.19 -48.93 -0.93
N2 NAG P . 3.73 -48.88 1.43
O3 NAG P . 3.47 -51.37 2.67
O4 NAG P . 2.28 -51.31 5.30
O5 NAG P . 3.84 -48.05 5.01
O6 NAG P . 4.57 -49.39 7.33
O7 NAG P . 5.73 -49.68 0.73
C1 NAG P . 2.96 -52.55 5.57
C2 NAG P . 2.14 -53.34 6.60
C3 NAG P . 2.79 -54.70 6.82
C4 NAG P . 3.05 -55.40 5.50
C5 NAG P . 3.83 -54.49 4.57
C6 NAG P . 4.13 -55.07 3.21
C7 NAG P . 0.96 -51.94 8.26
C8 NAG P . 1.09 -51.25 9.58
N2 NAG P . 2.04 -52.61 7.84
O3 NAG P . 1.95 -55.45 7.66
O4 NAG P . 3.77 -56.58 5.79
O5 NAG P . 3.10 -53.29 4.40
O6 NAG P . 2.93 -55.38 2.54
O7 NAG P . -0.09 -51.88 7.61
C1 BMA P . 3.00 -57.72 5.38
C2 BMA P . 3.56 -58.91 6.14
C3 BMA P . 2.84 -60.19 5.69
C4 BMA P . 1.34 -60.01 5.38
C5 BMA P . 0.74 -58.66 5.77
C6 BMA P . 0.08 -58.64 7.15
O2 BMA P . 3.44 -58.66 7.52
O3 BMA P . 3.14 -61.18 6.64
O4 BMA P . 1.22 -60.19 3.98
O5 BMA P . 1.62 -57.55 5.67
O6 BMA P . -0.26 -57.29 7.43
C1 MAN P . 4.26 -61.94 6.13
C2 MAN P . 4.14 -63.39 6.62
C3 MAN P . 4.41 -63.48 8.13
C4 MAN P . 5.73 -62.80 8.49
C5 MAN P . 5.72 -61.37 7.95
C6 MAN P . 7.05 -60.67 8.17
O2 MAN P . 5.06 -64.15 5.88
O3 MAN P . 4.41 -64.84 8.48
O4 MAN P . 5.85 -62.83 9.88
O5 MAN P . 5.48 -61.39 6.55
O6 MAN P . 7.17 -59.62 7.23
C1 MAN P . 4.44 -64.54 4.64
C2 MAN P . 4.85 -65.99 4.35
C3 MAN P . 6.35 -66.07 4.08
C4 MAN P . 6.76 -65.10 2.98
C5 MAN P . 6.26 -63.69 3.33
C6 MAN P . 6.50 -62.71 2.19
O2 MAN P . 4.11 -66.41 3.23
O3 MAN P . 6.65 -67.40 3.74
O4 MAN P . 8.17 -65.14 2.89
O5 MAN P . 4.86 -63.72 3.57
O6 MAN P . 6.51 -61.40 2.71
C1 MAN P . -1.39 -57.26 8.33
C2 MAN P . -1.98 -55.84 8.34
C3 MAN P . -1.06 -54.85 9.06
C4 MAN P . -0.63 -55.38 10.43
C5 MAN P . -0.01 -56.77 10.22
C6 MAN P . 0.44 -57.42 11.51
O2 MAN P . -3.24 -55.93 8.96
O3 MAN P . -1.76 -53.64 9.17
O4 MAN P . 0.29 -54.47 10.97
O5 MAN P . -0.97 -57.62 9.62
O6 MAN P . 1.03 -58.65 11.16
C1 MAN P . 0.73 -59.66 12.14
C2 MAN P . 1.56 -60.89 11.80
C3 MAN P . 1.09 -61.48 10.48
C4 MAN P . -0.39 -61.82 10.55
C5 MAN P . -1.18 -60.56 10.96
C6 MAN P . -2.64 -60.87 11.23
O2 MAN P . 1.40 -61.81 12.86
O3 MAN P . 1.87 -62.62 10.19
O4 MAN P . -0.78 -62.28 9.27
O5 MAN P . -0.64 -59.98 12.14
O6 MAN P . -3.23 -59.76 11.85
C1 NAG Q . -26.11 -3.80 20.72
C2 NAG Q . -26.30 -4.87 19.63
C3 NAG Q . -27.79 -5.08 19.36
C4 NAG Q . -28.49 -5.43 20.66
C5 NAG Q . -28.25 -4.28 21.64
C6 NAG Q . -28.93 -4.44 22.98
C7 NAG Q . -24.52 -5.15 17.96
C8 NAG Q . -23.94 -4.61 16.69
N2 NAG Q . -25.61 -4.51 18.43
O3 NAG Q . -27.89 -6.08 18.38
O4 NAG Q . -29.85 -5.64 20.41
O5 NAG Q . -26.86 -4.14 21.86
O6 NAG Q . -28.42 -5.57 23.64
O7 NAG Q . -24.02 -6.10 18.54
C1 NAG Q . -30.10 -7.06 20.36
C2 NAG Q . -31.45 -7.38 21.03
C3 NAG Q . -31.72 -8.87 20.93
C4 NAG Q . -31.62 -9.35 19.48
C5 NAG Q . -30.28 -8.91 18.89
C6 NAG Q . -30.10 -9.29 17.44
C7 NAG Q . -32.26 -5.99 22.90
C8 NAG Q . -32.08 -5.71 24.38
N2 NAG Q . -31.45 -6.95 22.40
O3 NAG Q . -32.99 -9.13 21.48
O4 NAG Q . -31.76 -10.75 19.49
O5 NAG Q . -30.16 -7.50 19.01
O6 NAG Q . -31.18 -8.77 16.67
O7 NAG Q . -33.08 -5.39 22.23
C1 NAG R . 6.53 30.45 12.83
C2 NAG R . 6.97 29.46 13.91
C3 NAG R . 6.73 30.04 15.30
C4 NAG R . 7.44 31.39 15.40
C5 NAG R . 6.88 32.29 14.29
C6 NAG R . 7.45 33.70 14.29
C7 NAG R . 6.90 27.06 13.37
C8 NAG R . 6.01 25.86 13.28
N2 NAG R . 6.29 28.20 13.76
O3 NAG R . 7.19 29.10 16.23
O4 NAG R . 7.22 31.91 16.69
O5 NAG R . 7.15 31.69 13.05
O6 NAG R . 8.83 33.64 14.05
O7 NAG R . 8.09 27.00 13.11
C1 NAG R . 8.41 31.69 17.49
C2 NAG R . 8.68 32.91 18.37
C3 NAG R . 9.91 32.64 19.24
C4 NAG R . 9.74 31.34 20.02
C5 NAG R . 9.39 30.20 19.04
C6 NAG R . 9.14 28.87 19.73
C7 NAG R . 8.08 35.17 17.59
C8 NAG R . 8.49 36.28 16.67
N2 NAG R . 8.89 34.09 17.58
O3 NAG R . 10.08 33.74 20.09
O4 NAG R . 10.95 31.08 20.69
O5 NAG R . 8.22 30.56 18.32
O6 NAG R . 8.15 29.00 20.71
O7 NAG R . 7.09 35.25 18.31
C1 NAG S . 19.68 15.00 19.40
C2 NAG S . 20.09 16.45 19.66
C3 NAG S . 20.92 16.56 20.95
C4 NAG S . 20.22 15.87 22.11
C5 NAG S . 19.95 14.42 21.70
C6 NAG S . 19.28 13.60 22.78
C7 NAG S . 20.67 18.21 18.05
C8 NAG S . 21.60 18.57 16.92
N2 NAG S . 20.85 16.99 18.57
O3 NAG S . 21.14 17.92 21.20
O4 NAG S . 21.09 15.94 23.22
O5 NAG S . 19.12 14.43 20.57
O6 NAG S . 18.04 14.18 23.12
O7 NAG S . 19.84 19.00 18.46
C1 NAG T . 51.48 -2.14 -1.07
C2 NAG T . 51.70 -0.78 -0.39
C3 NAG T . 52.97 -0.13 -0.93
C4 NAG T . 54.15 -1.07 -0.82
C5 NAG T . 53.79 -2.41 -1.50
C6 NAG T . 54.89 -3.44 -1.43
C7 NAG T . 49.75 0.51 0.39
C8 NAG T . 48.62 1.40 -0.07
N2 NAG T . 50.56 0.08 -0.59
O3 NAG T . 53.17 1.06 -0.21
O4 NAG T . 55.25 -0.45 -1.45
O5 NAG T . 52.63 -2.94 -0.89
O6 NAG T . 55.24 -3.68 -0.09
O7 NAG T . 49.89 0.22 1.57
C1 NAG U . 32.52 8.34 19.84
C2 NAG U . 33.52 9.25 20.58
C3 NAG U . 33.74 8.69 21.99
C4 NAG U . 32.39 8.55 22.70
C5 NAG U . 31.41 7.75 21.83
C6 NAG U . 30.03 7.65 22.42
C7 NAG U . 35.62 8.44 19.48
C8 NAG U . 36.83 8.95 18.73
N2 NAG U . 34.76 9.41 19.86
O3 NAG U . 34.61 9.56 22.67
O4 NAG U . 32.64 7.91 23.93
O5 NAG U . 31.31 8.33 20.55
O6 NAG U . 29.13 7.13 21.47
O7 NAG U . 35.47 7.25 19.70
C1 NAG V . 23.94 0.01 22.05
C2 NAG V . 22.72 -0.81 22.48
C3 NAG V . 22.42 -0.55 23.96
C4 NAG V . 23.67 -0.78 24.81
C5 NAG V . 24.81 0.07 24.24
C6 NAG V . 26.11 -0.08 24.99
C7 NAG V . 21.04 -1.36 20.77
C8 NAG V . 19.83 -0.82 20.02
N2 NAG V . 21.58 -0.51 21.67
O3 NAG V . 21.36 -1.40 24.35
O4 NAG V . 23.35 -0.41 26.13
O5 NAG V . 25.03 -0.28 22.89
O6 NAG V . 27.14 0.61 24.32
O7 NAG V . 21.46 -2.48 20.56
NA NA W . 8.09 -8.19 -2.16
C1 NAG X . -15.46 -20.15 -22.65
C2 NAG X . -16.69 -20.95 -22.24
C3 NAG X . -16.73 -22.28 -23.00
C4 NAG X . -16.60 -22.03 -24.50
C5 NAG X . -15.35 -21.18 -24.77
C6 NAG X . -15.15 -20.85 -26.23
C7 NAG X . -17.70 -20.75 -20.00
C8 NAG X . -17.51 -21.11 -18.54
N2 NAG X . -16.73 -21.18 -20.82
O3 NAG X . -17.91 -22.94 -22.67
O4 NAG X . -16.52 -23.28 -25.13
O5 NAG X . -15.45 -19.97 -24.04
O6 NAG X . -16.31 -20.23 -26.75
O7 NAG X . -18.67 -20.12 -20.38
C1 NAG Y . -7.98 -7.86 -22.87
C2 NAG Y . -6.82 -8.09 -23.82
C3 NAG Y . -7.24 -7.76 -25.24
C4 NAG Y . -8.37 -8.73 -25.60
C5 NAG Y . -9.50 -8.64 -24.56
C6 NAG Y . -10.57 -9.69 -24.75
C7 NAG Y . -4.65 -7.95 -22.71
C8 NAG Y . -3.51 -7.06 -22.30
N2 NAG Y . -5.65 -7.36 -23.39
O3 NAG Y . -6.14 -7.90 -26.09
O4 NAG Y . -8.82 -8.40 -26.89
O5 NAG Y . -8.99 -8.77 -23.23
O6 NAG Y . -10.99 -9.69 -26.09
O7 NAG Y . -4.65 -9.14 -22.42
C1 NAG Z . -24.21 -8.31 -25.18
C2 NAG Z . -23.42 -8.01 -26.46
C3 NAG Z . -24.38 -7.39 -27.49
C4 NAG Z . -25.59 -8.29 -27.69
C5 NAG Z . -26.24 -8.61 -26.34
C6 NAG Z . -27.42 -9.53 -26.42
C7 NAG Z . -21.03 -7.42 -26.49
C8 NAG Z . -20.03 -6.36 -26.12
N2 NAG Z . -22.32 -7.14 -26.20
O3 NAG Z . -23.66 -7.19 -28.68
O4 NAG Z . -26.48 -7.61 -28.55
O5 NAG Z . -25.27 -9.18 -25.48
O6 NAG Z . -27.87 -9.85 -25.11
O7 NAG Z . -20.68 -8.47 -27.02
C1 NAG AA . -0.87 7.42 -30.58
C2 NAG AA . -1.95 7.73 -31.62
C3 NAG AA . -1.33 8.29 -32.90
C4 NAG AA . -0.39 9.44 -32.60
C5 NAG AA . 0.66 8.95 -31.60
C6 NAG AA . 1.68 10.00 -31.23
C7 NAG AA . -4.06 6.54 -32.08
C8 NAG AA . -4.65 5.19 -32.43
N2 NAG AA . -2.72 6.56 -31.94
O3 NAG AA . -2.38 8.68 -33.74
O4 NAG AA . 0.19 9.84 -33.82
O5 NAG AA . -0.01 8.53 -30.43
O6 NAG AA . 1.05 11.10 -30.65
O7 NAG AA . -4.77 7.51 -31.92
C1 NAG BA . 12.63 -30.84 -39.44
C2 NAG BA . 11.75 -30.11 -40.47
C3 NAG BA . 11.22 -31.10 -41.49
C4 NAG BA . 12.37 -31.92 -42.09
C5 NAG BA . 13.18 -32.56 -40.96
C6 NAG BA . 14.36 -33.38 -41.44
C7 NAG BA . 10.52 -28.08 -39.81
C8 NAG BA . 9.29 -27.59 -39.07
N2 NAG BA . 10.67 -29.42 -39.82
O3 NAG BA . 10.52 -30.38 -42.48
O4 NAG BA . 11.80 -32.89 -42.93
O5 NAG BA . 13.65 -31.54 -40.10
O6 NAG BA . 15.21 -32.57 -42.22
O7 NAG BA . 11.30 -27.31 -40.34
C1 NAG CA . 7.97 -1.11 -38.22
C2 NAG CA . 7.70 -0.89 -39.71
C3 NAG CA . 8.82 -0.04 -40.30
C4 NAG CA . 8.95 1.26 -39.51
C5 NAG CA . 9.09 0.95 -38.00
C6 NAG CA . 9.12 2.19 -37.14
C7 NAG CA . 8.40 -3.15 -40.55
C8 NAG CA . 7.90 -4.31 -41.38
N2 NAG CA . 7.52 -2.13 -40.44
O3 NAG CA . 8.53 0.20 -41.65
O4 NAG CA . 10.09 1.93 -39.99
O5 NAG CA . 8.01 0.13 -37.59
O6 NAG CA . 8.99 1.83 -35.78
O7 NAG CA . 9.52 -3.16 -40.05
C1 NAG DA . 14.38 3.60 -29.02
C2 NAG DA . 15.04 4.46 -27.92
C3 NAG DA . 15.35 5.85 -28.46
C4 NAG DA . 16.17 5.75 -29.74
C5 NAG DA . 15.43 4.85 -30.74
C6 NAG DA . 16.17 4.66 -32.05
C7 NAG DA . 14.43 3.94 -25.59
C8 NAG DA . 13.39 4.16 -24.51
N2 NAG DA . 14.17 4.54 -26.77
O3 NAG DA . 16.02 6.57 -27.47
O4 NAG DA . 16.33 7.06 -30.24
O5 NAG DA . 15.23 3.59 -30.15
O6 NAG DA . 15.50 3.70 -32.84
O7 NAG DA . 15.43 3.27 -25.37
C1 NAG EA . -19.61 -21.85 11.38
C2 NAG EA . -20.56 -21.98 12.59
C3 NAG EA . -21.46 -23.22 12.45
C4 NAG EA . -22.14 -23.25 11.10
C5 NAG EA . -21.06 -23.18 10.02
C6 NAG EA . -21.59 -23.22 8.60
C7 NAG EA . -20.16 -21.41 14.95
C8 NAG EA . -19.25 -21.67 16.13
N2 NAG EA . -19.83 -22.07 13.83
O3 NAG EA . -22.38 -23.19 13.50
O4 NAG EA . -22.87 -24.45 11.02
O5 NAG EA . -20.35 -21.97 10.18
O6 NAG EA . -22.48 -22.14 8.39
O7 NAG EA . -21.12 -20.66 15.04
C1 NAG FA . 13.41 -45.35 20.41
C2 NAG FA . 12.15 -45.50 21.26
C3 NAG FA . 12.48 -46.24 22.56
C4 NAG FA . 13.20 -47.54 22.26
C5 NAG FA . 14.41 -47.26 21.37
C6 NAG FA . 15.19 -48.49 20.98
C7 NAG FA . 10.36 -43.80 21.11
C8 NAG FA . 9.96 -42.41 21.55
N2 NAG FA . 11.56 -44.21 21.55
O3 NAG FA . 11.28 -46.44 23.25
O4 NAG FA . 13.58 -48.10 23.50
O5 NAG FA . 13.98 -46.62 20.18
O6 NAG FA . 14.35 -49.41 20.33
O7 NAG FA . 9.62 -44.49 20.42
C1 NAG GA . -13.33 -34.89 11.35
C2 NAG GA . -14.22 -35.85 12.14
C3 NAG GA . -14.96 -36.75 11.17
C4 NAG GA . -15.74 -35.91 10.17
C5 NAG GA . -14.81 -34.87 9.52
C6 NAG GA . -15.54 -33.92 8.59
C7 NAG GA . -12.41 -37.43 12.89
C8 NAG GA . -11.85 -38.07 14.14
N2 NAG GA . -13.45 -36.61 13.11
O3 NAG GA . -15.80 -37.60 11.91
O4 NAG GA . -16.30 -36.79 9.23
O5 NAG GA . -14.17 -34.11 10.51
O6 NAG GA . -14.69 -32.87 8.23
O7 NAG GA . -11.94 -37.68 11.80
C1 NAG HA . -12.26 -30.19 0.16
C2 NAG HA . -12.42 -29.50 -1.19
C3 NAG HA . -13.79 -29.79 -1.76
C4 NAG HA . -14.06 -31.29 -1.80
C5 NAG HA . -13.85 -31.86 -0.39
C6 NAG HA . -14.06 -33.35 -0.30
C7 NAG HA . -11.12 -27.44 -1.56
C8 NAG HA . -11.10 -25.95 -1.31
N2 NAG HA . -12.19 -28.08 -1.06
O3 NAG HA . -13.86 -29.22 -3.05
O4 NAG HA . -15.38 -31.48 -2.24
O5 NAG HA . -12.52 -31.57 0.02
O6 NAG HA . -13.69 -33.82 0.98
O7 NAG HA . -10.22 -28.00 -2.17
C1 NAG IA . 4.86 -13.75 30.75
C2 NAG IA . 5.47 -12.90 31.89
C3 NAG IA . 6.30 -13.80 32.80
C4 NAG IA . 5.47 -14.99 33.28
C5 NAG IA . 4.88 -15.72 32.07
C6 NAG IA . 4.02 -16.91 32.43
C7 NAG IA . 6.02 -10.53 31.57
C8 NAG IA . 7.00 -9.58 30.91
N2 NAG IA . 6.26 -11.84 31.35
O3 NAG IA . 6.76 -13.01 33.87
O4 NAG IA . 6.33 -15.82 34.03
O5 NAG IA . 4.12 -14.81 31.31
O6 NAG IA . 3.01 -16.49 33.32
O7 NAG IA . 5.10 -10.12 32.25
C1 NAG JA . -4.39 -15.32 19.86
C2 NAG JA . -4.34 -16.80 19.46
C3 NAG JA . -5.33 -17.59 20.31
C4 NAG JA . -4.87 -17.45 21.76
C5 NAG JA . -4.75 -15.96 22.14
C6 NAG JA . -4.15 -15.74 23.50
C7 NAG JA . -3.51 -17.13 17.19
C8 NAG JA . -3.88 -17.27 15.74
N2 NAG JA . -4.54 -16.95 18.04
O3 NAG JA . -5.32 -18.92 19.88
O4 NAG JA . -5.81 -18.13 22.56
O5 NAG JA . -3.97 -15.24 21.20
O6 NAG JA . -4.81 -16.55 24.46
O7 NAG JA . -2.35 -17.19 17.56
C1 NAG KA . -8.53 -7.93 33.89
C2 NAG KA . -9.18 -9.32 33.72
C3 NAG KA . -10.36 -9.43 34.68
C4 NAG KA . -9.92 -9.10 36.11
C5 NAG KA . -9.22 -7.74 36.13
C6 NAG KA . -8.70 -7.34 37.49
C7 NAG KA . -9.18 -10.57 31.61
C8 NAG KA . -9.74 -10.61 30.20
N2 NAG KA . -9.58 -9.54 32.37
O3 NAG KA . -10.88 -10.72 34.58
O4 NAG KA . -11.08 -9.10 36.91
O5 NAG KA . -8.13 -7.76 35.23
O6 NAG KA . -7.96 -6.14 37.38
O7 NAG KA . -8.40 -11.43 32.01
C1 NAG LA . 26.11 18.23 -12.19
C2 NAG LA . 25.97 18.97 -13.53
C3 NAG LA . 27.32 18.99 -14.24
C4 NAG LA . 28.39 19.56 -13.33
C5 NAG LA . 28.40 18.78 -12.01
C6 NAG LA . 29.42 19.28 -11.01
C7 NAG LA . 23.86 18.96 -14.80
C8 NAG LA . 22.95 18.12 -15.66
N2 NAG LA . 24.97 18.34 -14.36
O3 NAG LA . 27.17 19.76 -15.42
O4 NAG LA . 29.62 19.47 -14.01
O5 NAG LA . 27.12 18.85 -11.43
O6 NAG LA . 29.21 20.66 -10.78
O7 NAG LA . 23.59 20.13 -14.54
C1 NAG MA . 20.95 14.61 0.73
C2 NAG MA . 22.09 13.92 1.48
C3 NAG MA . 22.94 14.97 2.19
C4 NAG MA . 23.52 15.88 1.11
C5 NAG MA . 22.39 16.46 0.25
C6 NAG MA . 22.90 17.23 -0.95
C7 NAG MA . 21.62 11.59 1.98
C8 NAG MA . 21.04 10.63 2.99
N2 NAG MA . 21.59 12.89 2.33
O3 NAG MA . 23.94 14.31 2.92
O4 NAG MA . 24.25 16.88 1.77
O5 NAG MA . 21.53 15.45 -0.24
O6 NAG MA . 23.87 18.16 -0.53
O7 NAG MA . 22.06 11.19 0.93
C1 NAG NA . 19.44 29.73 -5.39
C2 NAG NA . 20.46 29.66 -4.25
C3 NAG NA . 20.70 31.06 -3.70
C4 NAG NA . 21.11 32.00 -4.83
C5 NAG NA . 20.07 31.93 -5.96
C6 NAG NA . 20.40 32.79 -7.15
C7 NAG NA . 20.68 27.69 -2.77
C8 NAG NA . 20.00 26.91 -1.68
N2 NAG NA . 20.00 28.77 -3.21
O3 NAG NA . 21.69 30.97 -2.71
O4 NAG NA . 21.21 33.29 -4.28
O5 NAG NA . 19.95 30.59 -6.39
O6 NAG NA . 19.45 32.57 -8.17
O7 NAG NA . 21.77 27.37 -3.22
#